data_6PBU
#
_entry.id   6PBU
#
_cell.length_a   169.617
_cell.length_b   169.617
_cell.length_c   114.219
_cell.angle_alpha   90.000
_cell.angle_beta   90.000
_cell.angle_gamma   90.000
#
_symmetry.space_group_name_H-M   'P 42 21 2'
#
loop_
_entity.id
_entity.type
_entity.pdbx_description
1 polymer 'ATP-dependent Clp protease proteolytic subunit'
2 non-polymer 'MALONATE ION'
3 water water
#
_entity_poly.entity_id   1
_entity_poly.type   'polypeptide(L)'
_entity_poly.pdbx_seq_one_letter_code
;MTDMRGTGQGLNLVDSVYERLLAERIIFLGSQVDDDIANRLCAQILLLSAEDPTKDIHLYINSPGGSISAGMAIYDTMVL
APCDIATYAMGMAASMGEFLLAAGTKGKRYALPHARILMHQPLGGVTGSAADIAIQAEQFAVIKKEMFRLNAEFTGQPIE
RIEADSDRDRWFTAQEALEYGFVDHIITSASVNGEGPGAGLDKAAAHHHHHHHHHH
;
_entity_poly.pdbx_strand_id   A,B,C,D,E,F,G
#
# COMPACT_ATOMS: atom_id res chain seq x y z
N LEU A 11 -7.27 0.21 -4.43
CA LEU A 11 -7.39 1.66 -4.42
C LEU A 11 -7.85 2.17 -3.06
N ASN A 12 -7.24 3.25 -2.57
CA ASN A 12 -7.80 3.92 -1.40
C ASN A 12 -9.13 4.57 -1.77
N LEU A 13 -9.77 5.19 -0.78
CA LEU A 13 -11.12 5.72 -0.98
C LEU A 13 -11.14 6.77 -2.08
N VAL A 14 -10.26 7.76 -1.99
CA VAL A 14 -10.29 8.88 -2.93
C VAL A 14 -10.09 8.40 -4.37
N ASP A 15 -9.14 7.49 -4.56
CA ASP A 15 -8.88 6.98 -5.91
C ASP A 15 -10.04 6.11 -6.41
N SER A 16 -10.65 5.33 -5.52
CA SER A 16 -11.80 4.52 -5.92
C SER A 16 -12.95 5.38 -6.40
N VAL A 17 -13.19 6.51 -5.73
CA VAL A 17 -14.28 7.38 -6.14
C VAL A 17 -13.98 8.00 -7.50
N TYR A 18 -12.74 8.46 -7.73
CA TYR A 18 -12.39 8.98 -9.05
C TYR A 18 -12.49 7.90 -10.12
N GLU A 19 -12.05 6.67 -9.81
CA GLU A 19 -12.18 5.59 -10.80
C GLU A 19 -13.64 5.33 -11.13
N ARG A 20 -14.50 5.29 -10.11
CA ARG A 20 -15.92 5.08 -10.36
C ARG A 20 -16.51 6.23 -11.16
N LEU A 21 -16.04 7.46 -10.92
CA LEU A 21 -16.51 8.60 -11.71
C LEU A 21 -16.07 8.49 -13.16
N LEU A 22 -14.87 7.94 -13.39
CA LEU A 22 -14.42 7.62 -14.76
C LEU A 22 -15.43 6.76 -15.50
N ALA A 23 -16.09 5.84 -14.79
CA ALA A 23 -17.13 5.02 -15.38
C ALA A 23 -18.33 5.86 -15.82
N GLU A 24 -18.53 7.02 -15.22
CA GLU A 24 -19.56 7.96 -15.67
C GLU A 24 -19.00 8.97 -16.67
N ARG A 25 -17.75 8.77 -17.10
CA ARG A 25 -17.06 9.68 -18.02
C ARG A 25 -16.87 11.07 -17.39
N ILE A 26 -16.67 11.10 -16.08
CA ILE A 26 -16.42 12.32 -15.35
C ILE A 26 -14.97 12.32 -14.89
N ILE A 27 -14.23 13.39 -15.24
CA ILE A 27 -12.86 13.56 -14.80
C ILE A 27 -12.68 14.93 -14.17
N PHE A 28 -11.68 15.01 -13.28
CA PHE A 28 -11.47 16.14 -12.39
C PHE A 28 -10.12 16.76 -12.67
N LEU A 29 -10.10 18.08 -12.81
CA LEU A 29 -8.87 18.85 -12.71
C LEU A 29 -9.00 19.62 -11.40
N GLY A 30 -8.49 19.02 -10.32
CA GLY A 30 -8.63 19.60 -9.00
C GLY A 30 -7.41 20.26 -8.41
N SER A 31 -6.35 20.49 -9.19
CA SER A 31 -5.14 21.06 -8.62
C SER A 31 -4.36 21.82 -9.68
N GLN A 32 -3.16 22.27 -9.30
CA GLN A 32 -2.31 23.03 -10.19
C GLN A 32 -1.87 22.16 -11.37
N VAL A 33 -1.87 22.75 -12.56
CA VAL A 33 -1.51 22.02 -13.77
C VAL A 33 0.01 21.98 -13.85
N ASP A 34 0.60 20.81 -13.59
CA ASP A 34 2.01 20.58 -13.88
C ASP A 34 2.12 19.38 -14.83
N ASP A 35 3.35 18.93 -15.06
CA ASP A 35 3.56 17.83 -16.01
C ASP A 35 2.91 16.53 -15.53
N ASP A 36 2.95 16.27 -14.23
CA ASP A 36 2.32 15.06 -13.70
C ASP A 36 0.82 15.10 -13.90
N ILE A 37 0.19 16.24 -13.60
CA ILE A 37 -1.25 16.37 -13.77
C ILE A 37 -1.62 16.26 -15.25
N ALA A 38 -0.83 16.88 -16.13
CA ALA A 38 -1.09 16.81 -17.56
C ALA A 38 -1.05 15.36 -18.04
N ASN A 39 -0.02 14.62 -17.63
CA ASN A 39 0.04 13.20 -17.97
C ASN A 39 -1.19 12.44 -17.48
N ARG A 40 -1.64 12.68 -16.24
CA ARG A 40 -2.80 11.95 -15.74
C ARG A 40 -4.08 12.33 -16.49
N LEU A 41 -4.28 13.62 -16.73
CA LEU A 41 -5.48 14.04 -17.47
C LEU A 41 -5.43 13.59 -18.92
N CYS A 42 -4.27 13.75 -19.57
CA CYS A 42 -4.15 13.27 -20.95
C CYS A 42 -4.47 11.78 -21.02
N ALA A 43 -3.95 11.00 -20.09
CA ALA A 43 -4.22 9.57 -20.07
C ALA A 43 -5.71 9.29 -19.93
N GLN A 44 -6.38 10.03 -19.05
CA GLN A 44 -7.81 9.80 -18.83
C GLN A 44 -8.63 10.17 -20.06
N ILE A 45 -8.22 11.23 -20.77
CA ILE A 45 -8.95 11.63 -21.96
C ILE A 45 -8.77 10.60 -23.07
N LEU A 46 -7.53 10.12 -23.27
CA LEU A 46 -7.29 9.05 -24.24
C LEU A 46 -8.09 7.79 -23.89
N LEU A 47 -8.12 7.43 -22.60
CA LEU A 47 -8.80 6.21 -22.19
C LEU A 47 -10.30 6.31 -22.47
N LEU A 48 -10.93 7.41 -22.04
CA LEU A 48 -12.35 7.60 -22.30
C LEU A 48 -12.64 7.62 -23.80
N SER A 49 -11.77 8.29 -24.58
CA SER A 49 -11.96 8.32 -26.03
C SER A 49 -11.90 6.93 -26.62
N ALA A 50 -10.91 6.14 -26.22
CA ALA A 50 -10.79 4.78 -26.74
C ALA A 50 -12.00 3.94 -26.31
N GLU A 51 -12.47 4.10 -25.07
CA GLU A 51 -13.59 3.29 -24.59
C GLU A 51 -14.85 3.57 -25.39
N ASP A 52 -15.11 4.83 -25.67
CA ASP A 52 -16.28 5.18 -26.45
C ASP A 52 -16.10 6.56 -27.07
N PRO A 53 -15.67 6.61 -28.33
CA PRO A 53 -15.44 7.89 -28.98
C PRO A 53 -16.70 8.66 -29.33
N THR A 54 -17.89 8.16 -28.99
CA THR A 54 -19.13 8.85 -29.34
C THR A 54 -19.84 9.51 -28.15
N LYS A 55 -19.35 9.32 -26.92
CA LYS A 55 -20.01 9.89 -25.76
C LYS A 55 -19.19 11.03 -25.16
N ASP A 56 -19.90 12.05 -24.67
CA ASP A 56 -19.25 13.21 -24.08
C ASP A 56 -18.35 12.82 -22.91
N ILE A 57 -17.29 13.62 -22.73
CA ILE A 57 -16.47 13.60 -21.51
C ILE A 57 -16.84 14.84 -20.71
N HIS A 58 -16.90 14.68 -19.38
CA HIS A 58 -17.28 15.79 -18.50
C HIS A 58 -16.09 16.15 -17.61
N LEU A 59 -15.51 17.33 -17.87
CA LEU A 59 -14.28 17.74 -17.19
C LEU A 59 -14.62 18.82 -16.16
N TYR A 60 -14.61 18.44 -14.88
CA TYR A 60 -14.84 19.38 -13.78
C TYR A 60 -13.51 20.01 -13.37
N ILE A 61 -13.50 21.33 -13.22
CA ILE A 61 -12.27 22.09 -13.03
C ILE A 61 -12.38 22.90 -11.73
N ASN A 62 -11.39 22.72 -10.86
CA ASN A 62 -11.20 23.51 -9.64
C ASN A 62 -9.69 23.61 -9.47
N SER A 63 -9.08 24.53 -10.21
CA SER A 63 -7.63 24.56 -10.40
C SER A 63 -7.13 25.99 -10.23
N PRO A 64 -6.05 26.20 -9.49
CA PRO A 64 -5.54 27.56 -9.28
C PRO A 64 -4.59 28.05 -10.36
N GLY A 65 -4.26 27.23 -11.34
CA GLY A 65 -3.37 27.65 -12.40
C GLY A 65 -2.46 26.53 -12.79
N GLY A 66 -1.43 26.88 -13.54
CA GLY A 66 -0.44 25.91 -13.97
C GLY A 66 0.36 26.42 -15.14
N SER A 67 1.29 25.57 -15.58
CA SER A 67 2.23 25.98 -16.60
C SER A 67 1.59 25.93 -17.99
N ILE A 68 2.03 26.84 -18.87
CA ILE A 68 1.51 26.89 -20.24
C ILE A 68 1.80 25.58 -20.96
N SER A 69 3.03 25.07 -20.80
CA SER A 69 3.42 23.88 -21.55
C SER A 69 2.56 22.68 -21.16
N ALA A 70 2.38 22.48 -19.84
CA ALA A 70 1.55 21.37 -19.38
C ALA A 70 0.10 21.59 -19.80
N GLY A 71 -0.39 22.83 -19.72
CA GLY A 71 -1.76 23.09 -20.12
C GLY A 71 -1.98 22.87 -21.60
N MET A 72 -1.00 23.20 -22.43
CA MET A 72 -1.17 23.04 -23.87
C MET A 72 -1.16 21.58 -24.28
N ALA A 73 -0.43 20.73 -23.54
CA ALA A 73 -0.48 19.31 -23.83
C ALA A 73 -1.87 18.75 -23.54
N ILE A 74 -2.50 19.20 -22.45
CA ILE A 74 -3.87 18.79 -22.16
C ILE A 74 -4.80 19.31 -23.25
N TYR A 75 -4.65 20.59 -23.60
CA TYR A 75 -5.50 21.18 -24.64
C TYR A 75 -5.44 20.36 -25.93
N ASP A 76 -4.23 20.05 -26.39
CA ASP A 76 -4.08 19.28 -27.63
C ASP A 76 -4.76 17.92 -27.52
N THR A 77 -4.74 17.30 -26.34
CA THR A 77 -5.42 16.03 -26.15
C THR A 77 -6.93 16.19 -26.14
N MET A 78 -7.44 17.32 -25.62
CA MET A 78 -8.86 17.60 -25.71
C MET A 78 -9.30 17.73 -27.17
N VAL A 79 -8.48 18.37 -27.99
CA VAL A 79 -8.79 18.50 -29.42
C VAL A 79 -8.67 17.14 -30.10
N LEU A 80 -7.64 16.37 -29.76
CA LEU A 80 -7.44 15.05 -30.33
C LEU A 80 -8.67 14.17 -30.12
N ALA A 81 -9.30 14.28 -28.94
CA ALA A 81 -10.40 13.40 -28.58
C ALA A 81 -11.54 13.59 -29.58
N PRO A 82 -12.05 12.51 -30.17
CA PRO A 82 -13.16 12.67 -31.14
C PRO A 82 -14.46 13.09 -30.49
N CYS A 83 -14.66 12.75 -29.23
CA CYS A 83 -15.87 13.13 -28.54
C CYS A 83 -15.81 14.55 -27.98
N ASP A 84 -17.00 15.15 -27.79
CA ASP A 84 -17.13 16.44 -27.13
C ASP A 84 -16.57 16.35 -25.70
N ILE A 85 -16.03 17.47 -25.23
CA ILE A 85 -15.57 17.64 -23.85
C ILE A 85 -16.38 18.78 -23.27
N ALA A 86 -17.34 18.45 -22.40
CA ALA A 86 -18.01 19.49 -21.63
C ALA A 86 -17.12 19.86 -20.45
N THR A 87 -17.11 21.15 -20.11
CA THR A 87 -16.27 21.66 -19.02
C THR A 87 -17.14 22.40 -18.01
N TYR A 88 -16.73 22.31 -16.74
CA TYR A 88 -17.49 22.86 -15.63
C TYR A 88 -16.53 23.56 -14.67
N ALA A 89 -16.70 24.87 -14.50
CA ALA A 89 -15.95 25.60 -13.50
C ALA A 89 -16.60 25.28 -12.14
N MET A 90 -15.98 24.37 -11.39
CA MET A 90 -16.60 23.89 -10.14
C MET A 90 -16.27 24.83 -8.99
N GLY A 91 -15.07 25.32 -8.93
CA GLY A 91 -14.73 26.31 -7.92
C GLY A 91 -13.95 27.47 -8.49
N MET A 92 -12.64 27.28 -8.65
CA MET A 92 -11.77 28.26 -9.28
C MET A 92 -11.30 27.72 -10.63
N ALA A 93 -11.24 28.59 -11.65
CA ALA A 93 -10.60 28.24 -12.93
C ALA A 93 -9.66 29.40 -13.25
N ALA A 94 -8.41 29.27 -12.84
CA ALA A 94 -7.43 30.35 -12.98
C ALA A 94 -6.32 29.93 -13.93
N SER A 95 -5.83 30.91 -14.68
CA SER A 95 -4.63 30.75 -15.52
C SER A 95 -4.91 29.61 -16.49
N MET A 96 -4.05 28.59 -16.59
CA MET A 96 -4.34 27.53 -17.55
C MET A 96 -5.61 26.78 -17.20
N GLY A 97 -6.07 26.86 -15.95
CA GLY A 97 -7.38 26.32 -15.61
C GLY A 97 -8.51 27.06 -16.29
N GLU A 98 -8.41 28.39 -16.38
CA GLU A 98 -9.36 29.16 -17.20
C GLU A 98 -9.26 28.75 -18.66
N PHE A 99 -8.03 28.67 -19.19
CA PHE A 99 -7.82 28.31 -20.59
C PHE A 99 -8.51 26.99 -20.94
N LEU A 100 -8.35 25.98 -20.07
CA LEU A 100 -8.92 24.67 -20.36
C LEU A 100 -10.45 24.68 -20.23
N LEU A 101 -10.97 25.44 -19.26
CA LEU A 101 -12.42 25.63 -19.21
C LEU A 101 -12.94 26.24 -20.51
N ALA A 102 -12.28 27.31 -20.95
CA ALA A 102 -12.75 28.01 -22.15
C ALA A 102 -12.53 27.19 -23.41
N ALA A 103 -11.69 26.16 -23.34
CA ALA A 103 -11.40 25.26 -24.45
C ALA A 103 -12.43 24.15 -24.61
N GLY A 104 -13.38 24.01 -23.68
CA GLY A 104 -14.40 23.00 -23.82
C GLY A 104 -15.19 23.16 -25.11
N THR A 105 -15.82 22.06 -25.54
CA THR A 105 -16.69 22.11 -26.73
C THR A 105 -17.66 23.28 -26.62
N LYS A 106 -17.70 24.14 -27.64
CA LYS A 106 -18.58 25.31 -27.58
C LYS A 106 -20.02 24.87 -27.45
N GLY A 107 -20.76 25.54 -26.55
CA GLY A 107 -22.10 25.12 -26.18
C GLY A 107 -22.16 24.25 -24.94
N LYS A 108 -21.03 23.64 -24.55
CA LYS A 108 -21.00 22.74 -23.41
C LYS A 108 -20.00 23.21 -22.36
N ARG A 109 -19.79 24.52 -22.29
CA ARG A 109 -18.93 25.13 -21.29
C ARG A 109 -19.81 25.76 -20.22
N TYR A 110 -19.63 25.36 -18.96
CA TYR A 110 -20.49 25.77 -17.86
C TYR A 110 -19.69 26.32 -16.69
N ALA A 111 -20.30 27.27 -15.96
CA ALA A 111 -19.83 27.66 -14.63
C ALA A 111 -20.92 27.38 -13.60
N LEU A 112 -20.52 26.86 -12.44
CA LEU A 112 -21.40 26.82 -11.28
C LEU A 112 -21.55 28.24 -10.73
N PRO A 113 -22.65 28.53 -10.00
CA PRO A 113 -22.99 29.93 -9.72
C PRO A 113 -21.93 30.70 -8.96
N HIS A 114 -21.16 30.07 -8.09
CA HIS A 114 -20.14 30.78 -7.32
C HIS A 114 -18.72 30.48 -7.82
N ALA A 115 -18.58 29.96 -9.05
CA ALA A 115 -17.26 29.77 -9.62
C ALA A 115 -16.60 31.12 -9.88
N ARG A 116 -15.27 31.12 -9.87
CA ARG A 116 -14.49 32.31 -10.19
C ARG A 116 -13.48 31.94 -11.27
N ILE A 117 -13.34 32.81 -12.27
CA ILE A 117 -12.44 32.61 -13.40
C ILE A 117 -11.40 33.73 -13.35
N LEU A 118 -10.13 33.36 -13.38
CA LEU A 118 -9.03 34.31 -13.28
C LEU A 118 -8.12 34.17 -14.51
N MET A 119 -7.85 35.30 -15.18
CA MET A 119 -6.87 35.34 -16.27
C MET A 119 -5.50 35.71 -15.73
N HIS A 120 -4.46 35.17 -16.37
CA HIS A 120 -3.12 35.31 -15.82
C HIS A 120 -2.08 34.96 -16.89
N GLN A 121 -0.93 35.64 -16.80
CA GLN A 121 0.21 35.35 -17.65
C GLN A 121 1.24 34.55 -16.86
N PRO A 122 1.40 33.26 -17.10
CA PRO A 122 2.51 32.53 -16.47
C PRO A 122 3.84 33.09 -16.94
N LEU A 123 4.83 33.04 -16.06
CA LEU A 123 6.13 33.66 -16.33
C LEU A 123 7.19 32.65 -16.76
N GLY A 124 6.83 31.37 -16.88
CA GLY A 124 7.74 30.36 -17.42
C GLY A 124 8.96 30.07 -16.58
N GLY A 128 13.67 22.97 -17.22
CA GLY A 128 12.99 21.78 -17.75
C GLY A 128 13.74 21.00 -18.83
N SER A 129 14.07 21.68 -19.92
CA SER A 129 14.78 21.12 -21.06
C SER A 129 16.26 20.91 -20.71
N ALA A 130 16.99 20.22 -21.58
CA ALA A 130 18.45 20.23 -21.50
C ALA A 130 19.05 21.42 -22.24
N ALA A 131 18.26 22.14 -23.03
CA ALA A 131 18.74 23.30 -23.77
C ALA A 131 18.86 24.51 -22.85
N ASP A 132 19.65 25.49 -23.29
CA ASP A 132 19.90 26.66 -22.46
C ASP A 132 18.64 27.56 -22.39
N ILE A 133 18.73 28.59 -21.54
CA ILE A 133 17.57 29.42 -21.26
C ILE A 133 17.12 30.17 -22.51
N ALA A 134 18.05 30.43 -23.43
CA ALA A 134 17.68 31.11 -24.67
C ALA A 134 16.71 30.26 -25.48
N ILE A 135 16.96 28.95 -25.59
CA ILE A 135 16.06 28.08 -26.33
C ILE A 135 14.76 27.88 -25.58
N GLN A 136 14.83 27.79 -24.25
CA GLN A 136 13.60 27.73 -23.45
C GLN A 136 12.75 28.97 -23.62
N ALA A 137 13.37 30.16 -23.72
CA ALA A 137 12.58 31.38 -23.86
C ALA A 137 11.96 31.49 -25.25
N GLU A 138 12.66 31.00 -26.28
CA GLU A 138 12.08 30.92 -27.61
C GLU A 138 10.82 30.07 -27.60
N GLN A 139 10.88 28.88 -27.00
CA GLN A 139 9.70 28.03 -26.93
C GLN A 139 8.60 28.72 -26.15
N PHE A 140 8.95 29.32 -25.01
CA PHE A 140 7.95 30.00 -24.18
C PHE A 140 7.26 31.13 -24.94
N ALA A 141 8.03 31.93 -25.70
CA ALA A 141 7.43 33.03 -26.45
C ALA A 141 6.42 32.51 -27.45
N VAL A 142 6.74 31.39 -28.11
CA VAL A 142 5.83 30.81 -29.09
C VAL A 142 4.56 30.33 -28.42
N ILE A 143 4.67 29.58 -27.31
CA ILE A 143 3.45 29.01 -26.73
C ILE A 143 2.63 30.09 -26.01
N LYS A 144 3.28 31.11 -25.46
CA LYS A 144 2.54 32.20 -24.84
C LYS A 144 1.68 32.94 -25.86
N LYS A 145 2.25 33.22 -27.03
CA LYS A 145 1.49 33.92 -28.07
C LYS A 145 0.32 33.08 -28.55
N GLU A 146 0.55 31.77 -28.72
CA GLU A 146 -0.52 30.87 -29.15
C GLU A 146 -1.60 30.75 -28.08
N MET A 147 -1.22 30.81 -26.80
CA MET A 147 -2.22 30.75 -25.75
C MET A 147 -3.12 32.00 -25.76
N PHE A 148 -2.53 33.17 -25.98
CA PHE A 148 -3.33 34.39 -26.15
C PHE A 148 -4.25 34.26 -27.37
N ARG A 149 -3.70 33.81 -28.50
CA ARG A 149 -4.51 33.66 -29.72
C ARG A 149 -5.68 32.73 -29.48
N LEU A 150 -5.44 31.59 -28.83
CA LEU A 150 -6.52 30.62 -28.63
C LEU A 150 -7.56 31.14 -27.62
N ASN A 151 -7.10 31.79 -26.54
CA ASN A 151 -8.02 32.40 -25.58
C ASN A 151 -8.92 33.42 -26.29
N ALA A 152 -8.36 34.18 -27.24
CA ALA A 152 -9.19 35.08 -28.06
C ALA A 152 -10.25 34.29 -28.83
N GLU A 153 -9.86 33.18 -29.47
CA GLU A 153 -10.83 32.42 -30.25
C GLU A 153 -11.87 31.77 -29.35
N PHE A 154 -11.47 31.24 -28.18
CA PHE A 154 -12.45 30.65 -27.27
C PHE A 154 -13.50 31.68 -26.84
N THR A 155 -13.07 32.88 -26.49
CA THR A 155 -13.96 33.87 -25.88
C THR A 155 -14.62 34.79 -26.89
N GLY A 156 -14.07 34.90 -28.10
CA GLY A 156 -14.51 35.91 -29.04
C GLY A 156 -14.00 37.31 -28.77
N GLN A 157 -13.09 37.48 -27.80
CA GLN A 157 -12.49 38.77 -27.52
C GLN A 157 -11.28 39.01 -28.43
N PRO A 158 -10.95 40.28 -28.70
CA PRO A 158 -9.72 40.56 -29.46
C PRO A 158 -8.47 40.16 -28.69
N ILE A 159 -7.43 39.76 -29.43
CA ILE A 159 -6.19 39.29 -28.84
C ILE A 159 -5.61 40.35 -27.90
N GLU A 160 -5.71 41.63 -28.28
CA GLU A 160 -5.14 42.67 -27.43
C GLU A 160 -5.90 42.81 -26.10
N ARG A 161 -7.19 42.53 -26.09
CA ARG A 161 -7.92 42.54 -24.83
C ARG A 161 -7.51 41.38 -23.95
N ILE A 162 -7.41 40.17 -24.54
CA ILE A 162 -6.89 39.01 -23.81
C ILE A 162 -5.55 39.34 -23.17
N GLU A 163 -4.64 39.92 -23.95
CA GLU A 163 -3.30 40.19 -23.45
CA GLU A 163 -3.30 40.18 -23.45
C GLU A 163 -3.33 41.19 -22.31
N ALA A 164 -4.10 42.27 -22.46
CA ALA A 164 -4.15 43.30 -21.42
C ALA A 164 -4.86 42.79 -20.17
N ASP A 165 -5.96 42.05 -20.34
CA ASP A 165 -6.66 41.54 -19.16
C ASP A 165 -5.82 40.50 -18.43
N SER A 166 -5.08 39.67 -19.17
CA SER A 166 -4.21 38.68 -18.52
C SER A 166 -3.10 39.38 -17.75
N ASP A 167 -2.57 40.47 -18.31
CA ASP A 167 -1.46 41.18 -17.68
C ASP A 167 -1.82 41.72 -16.31
N ARG A 168 -3.07 42.12 -16.10
CA ARG A 168 -3.49 42.68 -14.82
C ARG A 168 -4.27 41.68 -13.96
N ASP A 169 -4.27 40.39 -14.33
CA ASP A 169 -4.92 39.36 -13.54
C ASP A 169 -6.41 39.64 -13.36
N ARG A 170 -7.07 40.04 -14.43
CA ARG A 170 -8.52 40.26 -14.40
C ARG A 170 -9.26 39.00 -13.99
N TRP A 171 -10.21 39.11 -13.06
CA TRP A 171 -10.99 37.96 -12.62
C TRP A 171 -12.48 38.24 -12.79
N PHE A 172 -13.26 37.16 -12.77
CA PHE A 172 -14.65 37.18 -13.16
C PHE A 172 -15.47 36.31 -12.22
N THR A 173 -16.64 36.83 -11.81
CA THR A 173 -17.71 35.97 -11.31
C THR A 173 -18.25 35.10 -12.45
N ALA A 174 -19.08 34.11 -12.08
CA ALA A 174 -19.71 33.24 -13.07
C ALA A 174 -20.45 34.06 -14.13
N GLN A 175 -21.29 35.00 -13.67
CA GLN A 175 -22.04 35.83 -14.61
C GLN A 175 -21.10 36.67 -15.47
N GLU A 176 -20.07 37.26 -14.87
CA GLU A 176 -19.12 38.03 -15.66
C GLU A 176 -18.39 37.16 -16.67
N ALA A 177 -18.03 35.94 -16.27
CA ALA A 177 -17.35 35.02 -17.19
C ALA A 177 -18.25 34.66 -18.36
N LEU A 178 -19.52 34.39 -18.09
CA LEU A 178 -20.49 34.13 -19.14
C LEU A 178 -20.49 35.27 -20.17
N GLU A 179 -20.52 36.51 -19.69
CA GLU A 179 -20.61 37.66 -20.59
C GLU A 179 -19.30 37.88 -21.36
N TYR A 180 -18.16 37.63 -20.73
CA TYR A 180 -16.88 37.78 -21.42
C TYR A 180 -16.67 36.70 -22.49
N GLY A 181 -17.25 35.51 -22.30
CA GLY A 181 -17.14 34.46 -23.30
C GLY A 181 -16.42 33.18 -22.88
N PHE A 182 -16.06 33.04 -21.60
CA PHE A 182 -15.36 31.83 -21.15
C PHE A 182 -16.27 30.61 -21.14
N VAL A 183 -17.54 30.81 -20.82
CA VAL A 183 -18.49 29.70 -20.73
C VAL A 183 -19.73 30.09 -21.53
N ASP A 184 -20.54 29.08 -21.82
CA ASP A 184 -21.78 29.27 -22.53
C ASP A 184 -22.99 29.40 -21.62
N HIS A 185 -22.97 28.75 -20.45
CA HIS A 185 -24.11 28.76 -19.54
C HIS A 185 -23.63 28.72 -18.10
N ILE A 186 -24.50 29.19 -17.21
CA ILE A 186 -24.40 28.96 -15.78
C ILE A 186 -25.31 27.80 -15.45
N ILE A 187 -24.78 26.78 -14.78
CA ILE A 187 -25.60 25.65 -14.37
C ILE A 187 -25.82 25.76 -12.87
N THR A 188 -27.07 25.70 -12.43
CA THR A 188 -27.37 25.71 -11.00
C THR A 188 -27.67 24.30 -10.49
N SER A 189 -28.68 23.64 -11.05
CA SER A 189 -28.96 22.25 -10.71
C SER A 189 -28.98 21.42 -11.99
N ALA A 190 -28.42 20.22 -11.92
CA ALA A 190 -28.42 19.33 -13.07
C ALA A 190 -29.83 18.85 -13.38
N SER A 191 -30.12 18.70 -14.66
CA SER A 191 -31.44 18.26 -15.11
C SER A 191 -31.44 16.76 -15.31
N VAL A 192 -32.47 16.10 -14.77
CA VAL A 192 -32.61 14.65 -14.86
C VAL A 192 -33.61 14.32 -15.96
N ASN A 193 -34.59 15.19 -16.11
CA ASN A 193 -35.72 15.06 -17.01
C ASN A 193 -35.41 15.51 -18.44
N GLY A 194 -34.13 15.63 -18.80
CA GLY A 194 -33.76 16.11 -20.11
C GLY A 194 -34.03 17.58 -20.37
N GLU A 195 -34.58 18.30 -19.38
CA GLU A 195 -34.85 19.74 -19.52
C GLU A 195 -33.63 20.48 -20.05
N GLY A 196 -32.57 20.51 -19.25
CA GLY A 196 -31.36 21.22 -19.61
C GLY A 196 -30.15 20.32 -19.46
N PRO A 197 -29.01 20.92 -19.13
CA PRO A 197 -27.77 20.14 -19.05
C PRO A 197 -27.81 19.15 -17.90
N GLY A 198 -27.36 17.93 -18.19
CA GLY A 198 -27.32 16.86 -17.22
C GLY A 198 -26.05 16.77 -16.40
N ALA A 199 -25.02 17.53 -16.75
CA ALA A 199 -23.74 17.60 -16.03
C ALA A 199 -23.07 16.24 -15.88
N GLY A 200 -23.39 15.30 -16.78
CA GLY A 200 -22.87 13.95 -16.68
C GLY A 200 -23.53 13.10 -15.62
N LEU A 201 -24.62 13.56 -15.03
CA LEU A 201 -25.22 12.90 -13.89
C LEU A 201 -26.50 12.16 -14.23
N ASP A 202 -26.86 12.08 -15.52
CA ASP A 202 -28.13 11.51 -15.94
C ASP A 202 -27.97 10.26 -16.78
N LYS A 203 -26.93 9.47 -16.54
CA LYS A 203 -26.77 8.22 -17.27
C LYS A 203 -27.52 7.07 -16.59
N LEU B 11 -4.37 -1.04 -7.80
CA LEU B 11 -3.55 0.04 -8.34
C LEU B 11 -4.10 1.40 -7.91
N ASN B 12 -3.25 2.39 -7.69
CA ASN B 12 -3.77 3.74 -7.48
C ASN B 12 -4.39 4.25 -8.79
N LEU B 13 -4.97 5.46 -8.73
CA LEU B 13 -5.74 5.96 -9.87
C LEU B 13 -4.88 6.04 -11.13
N VAL B 14 -3.73 6.71 -11.04
CA VAL B 14 -2.86 6.93 -12.19
C VAL B 14 -2.45 5.59 -12.80
N ASP B 15 -2.00 4.66 -11.96
CA ASP B 15 -1.56 3.35 -12.46
C ASP B 15 -2.71 2.57 -13.05
N SER B 16 -3.89 2.70 -12.44
CA SER B 16 -5.08 2.02 -12.97
C SER B 16 -5.42 2.54 -14.37
N VAL B 17 -5.28 3.84 -14.59
CA VAL B 17 -5.59 4.39 -15.91
C VAL B 17 -4.55 3.93 -16.94
N TYR B 18 -3.27 3.91 -16.54
CA TYR B 18 -2.24 3.42 -17.45
C TYR B 18 -2.45 1.95 -17.82
N GLU B 19 -2.84 1.12 -16.84
CA GLU B 19 -3.06 -0.29 -17.15
C GLU B 19 -4.25 -0.46 -18.08
N ARG B 20 -5.32 0.32 -17.87
CA ARG B 20 -6.47 0.23 -18.76
C ARG B 20 -6.14 0.75 -20.16
N LEU B 21 -5.27 1.75 -20.28
CA LEU B 21 -4.77 2.15 -21.59
C LEU B 21 -3.96 1.04 -22.25
N LEU B 22 -3.21 0.28 -21.45
CA LEU B 22 -2.49 -0.86 -21.97
C LEU B 22 -3.42 -1.83 -22.68
N ALA B 23 -4.63 -2.02 -22.12
CA ALA B 23 -5.63 -2.86 -22.77
C ALA B 23 -6.10 -2.29 -24.09
N GLU B 24 -5.94 -0.99 -24.32
CA GLU B 24 -6.20 -0.40 -25.62
C GLU B 24 -4.94 -0.31 -26.47
N ARG B 25 -3.86 -0.98 -26.05
CA ARG B 25 -2.58 -1.00 -26.75
C ARG B 25 -1.96 0.40 -26.83
N ILE B 26 -2.20 1.23 -25.81
CA ILE B 26 -1.65 2.57 -25.75
C ILE B 26 -0.65 2.61 -24.60
N ILE B 27 0.58 3.02 -24.90
CA ILE B 27 1.60 3.18 -23.89
C ILE B 27 2.09 4.61 -23.90
N PHE B 28 2.53 5.06 -22.74
CA PHE B 28 2.70 6.47 -22.43
C PHE B 28 4.12 6.71 -21.94
N LEU B 29 4.90 7.45 -22.71
CA LEU B 29 6.22 7.88 -22.27
C LEU B 29 6.06 9.33 -21.84
N GLY B 30 5.81 9.55 -20.54
CA GLY B 30 5.57 10.87 -20.01
C GLY B 30 6.68 11.45 -19.17
N SER B 31 7.88 10.86 -19.17
CA SER B 31 8.94 11.40 -18.34
C SER B 31 10.30 11.18 -19.00
N GLN B 32 11.34 11.61 -18.30
CA GLN B 32 12.72 11.45 -18.74
C GLN B 32 13.06 9.97 -18.93
N VAL B 33 13.77 9.66 -19.99
CA VAL B 33 14.13 8.26 -20.29
C VAL B 33 15.38 7.91 -19.49
N ASP B 34 15.21 7.05 -18.49
CA ASP B 34 16.38 6.50 -17.81
C ASP B 34 16.24 4.99 -17.76
N ASP B 35 17.09 4.31 -16.97
CA ASP B 35 17.10 2.85 -17.02
C ASP B 35 15.79 2.27 -16.52
N ASP B 36 15.19 2.90 -15.51
CA ASP B 36 13.91 2.45 -14.98
C ASP B 36 12.81 2.58 -16.01
N ILE B 37 12.76 3.74 -16.67
CA ILE B 37 11.73 3.96 -17.69
C ILE B 37 11.94 3.00 -18.86
N ALA B 38 13.19 2.75 -19.25
CA ALA B 38 13.46 1.82 -20.33
C ALA B 38 12.93 0.44 -19.97
N ASN B 39 13.15 0.00 -18.73
CA ASN B 39 12.66 -1.30 -18.31
C ASN B 39 11.15 -1.36 -18.37
N ARG B 40 10.49 -0.30 -17.88
CA ARG B 40 9.03 -0.25 -17.89
C ARG B 40 8.48 -0.29 -19.31
N LEU B 41 9.05 0.52 -20.20
CA LEU B 41 8.55 0.59 -21.58
C LEU B 41 8.87 -0.68 -22.34
N CYS B 42 10.10 -1.19 -22.23
CA CYS B 42 10.44 -2.45 -22.87
C CYS B 42 9.49 -3.55 -22.44
N ALA B 43 9.18 -3.62 -21.14
CA ALA B 43 8.27 -4.64 -20.63
C ALA B 43 6.87 -4.50 -21.22
N GLN B 44 6.37 -3.27 -21.33
CA GLN B 44 5.04 -3.08 -21.92
C GLN B 44 5.02 -3.45 -23.39
N ILE B 45 6.10 -3.14 -24.13
CA ILE B 45 6.14 -3.50 -25.54
C ILE B 45 6.14 -5.01 -25.72
N LEU B 46 6.98 -5.72 -24.96
CA LEU B 46 6.97 -7.18 -24.98
C LEU B 46 5.59 -7.73 -24.65
N LEU B 47 4.94 -7.17 -23.62
CA LEU B 47 3.66 -7.69 -23.19
C LEU B 47 2.61 -7.54 -24.27
N LEU B 48 2.48 -6.34 -24.84
CA LEU B 48 1.52 -6.11 -25.91
C LEU B 48 1.82 -6.98 -27.13
N SER B 49 3.11 -7.18 -27.44
CA SER B 49 3.49 -8.05 -28.55
C SER B 49 3.03 -9.48 -28.29
N ALA B 50 3.26 -9.98 -27.07
CA ALA B 50 2.83 -11.33 -26.71
C ALA B 50 1.32 -11.46 -26.75
N GLU B 51 0.60 -10.43 -26.31
CA GLU B 51 -0.85 -10.50 -26.29
C GLU B 51 -1.44 -10.56 -27.69
N ASP B 52 -0.90 -9.78 -28.62
CA ASP B 52 -1.37 -9.79 -30.00
C ASP B 52 -0.31 -9.20 -30.90
N PRO B 53 0.46 -10.04 -31.60
CA PRO B 53 1.53 -9.52 -32.45
C PRO B 53 1.06 -8.96 -33.78
N THR B 54 -0.25 -8.94 -34.04
CA THR B 54 -0.75 -8.40 -35.29
C THR B 54 -1.33 -7.00 -35.16
N LYS B 55 -1.48 -6.46 -33.95
CA LYS B 55 -2.11 -5.17 -33.74
C LYS B 55 -1.09 -4.09 -33.39
N ASP B 56 -1.28 -2.89 -33.94
CA ASP B 56 -0.36 -1.80 -33.67
C ASP B 56 -0.29 -1.49 -32.17
N ILE B 57 0.88 -0.99 -31.76
CA ILE B 57 1.07 -0.34 -30.47
C ILE B 57 1.14 1.16 -30.72
N HIS B 58 0.53 1.94 -29.83
CA HIS B 58 0.47 3.39 -29.97
C HIS B 58 1.27 4.02 -28.82
N LEU B 59 2.41 4.61 -29.16
CA LEU B 59 3.35 5.14 -28.17
C LEU B 59 3.19 6.65 -28.11
N TYR B 60 2.59 7.15 -27.03
CA TYR B 60 2.42 8.59 -26.83
C TYR B 60 3.61 9.12 -26.04
N ILE B 61 4.19 10.22 -26.52
CA ILE B 61 5.47 10.73 -26.03
C ILE B 61 5.30 12.17 -25.55
N ASN B 62 5.62 12.40 -24.29
CA ASN B 62 5.73 13.76 -23.72
C ASN B 62 6.94 13.68 -22.78
N SER B 63 8.13 13.78 -23.39
CA SER B 63 9.37 13.46 -22.70
C SER B 63 10.39 14.58 -22.91
N PRO B 64 11.06 15.00 -21.85
CA PRO B 64 12.09 16.06 -21.97
C PRO B 64 13.49 15.55 -22.29
N GLY B 65 13.71 14.26 -22.41
CA GLY B 65 15.00 13.77 -22.81
C GLY B 65 15.30 12.42 -22.20
N GLY B 66 16.55 11.99 -22.31
CA GLY B 66 16.96 10.74 -21.71
C GLY B 66 18.30 10.29 -22.22
N SER B 67 18.79 9.22 -21.60
CA SER B 67 20.11 8.70 -21.93
C SER B 67 20.07 7.90 -23.22
N ILE B 68 21.17 7.93 -23.96
CA ILE B 68 21.24 7.17 -25.21
C ILE B 68 21.07 5.69 -24.92
N SER B 69 21.73 5.19 -23.88
CA SER B 69 21.69 3.75 -23.60
C SER B 69 20.27 3.30 -23.31
N ALA B 70 19.56 4.04 -22.46
CA ALA B 70 18.18 3.69 -22.15
C ALA B 70 17.30 3.80 -23.39
N GLY B 71 17.47 4.90 -24.15
CA GLY B 71 16.68 5.07 -25.37
C GLY B 71 16.90 3.95 -26.37
N MET B 72 18.16 3.51 -26.55
CA MET B 72 18.46 2.49 -27.54
C MET B 72 17.89 1.14 -27.15
N ALA B 73 17.82 0.84 -25.85
CA ALA B 73 17.17 -0.39 -25.41
C ALA B 73 15.69 -0.39 -25.79
N ILE B 74 15.03 0.76 -25.60
CA ILE B 74 13.63 0.86 -26.01
C ILE B 74 13.52 0.68 -27.51
N TYR B 75 14.43 1.32 -28.27
CA TYR B 75 14.39 1.25 -29.73
C TYR B 75 14.53 -0.18 -30.22
N ASP B 76 15.52 -0.91 -29.69
CA ASP B 76 15.70 -2.30 -30.09
C ASP B 76 14.47 -3.14 -29.78
N THR B 77 13.77 -2.84 -28.68
CA THR B 77 12.54 -3.56 -28.37
C THR B 77 11.41 -3.14 -29.31
N MET B 78 11.38 -1.86 -29.73
CA MET B 78 10.43 -1.46 -30.75
C MET B 78 10.62 -2.26 -32.02
N VAL B 79 11.87 -2.45 -32.45
CA VAL B 79 12.14 -3.22 -33.66
C VAL B 79 11.87 -4.71 -33.44
N LEU B 80 12.19 -5.22 -32.24
CA LEU B 80 11.95 -6.63 -31.93
C LEU B 80 10.48 -6.98 -32.04
N ALA B 81 9.61 -6.07 -31.61
CA ALA B 81 8.17 -6.31 -31.64
C ALA B 81 7.71 -6.61 -33.06
N PRO B 82 6.93 -7.67 -33.29
CA PRO B 82 6.38 -7.87 -34.64
C PRO B 82 5.35 -6.82 -35.03
N CYS B 83 4.67 -6.18 -34.07
CA CYS B 83 3.64 -5.15 -34.34
C CYS B 83 4.28 -3.90 -34.90
N ASP B 84 3.54 -3.15 -35.72
CA ASP B 84 3.89 -1.75 -35.96
C ASP B 84 3.77 -0.96 -34.65
N ILE B 85 4.60 0.06 -34.52
CA ILE B 85 4.54 0.98 -33.38
C ILE B 85 4.30 2.38 -33.93
N ALA B 86 3.09 2.88 -33.73
CA ALA B 86 2.79 4.26 -34.09
C ALA B 86 3.24 5.18 -32.95
N THR B 87 3.83 6.33 -33.30
CA THR B 87 4.32 7.26 -32.29
C THR B 87 3.61 8.61 -32.41
N TYR B 88 3.44 9.28 -31.27
CA TYR B 88 2.68 10.54 -31.17
C TYR B 88 3.43 11.51 -30.28
N ALA B 89 3.84 12.64 -30.85
CA ALA B 89 4.40 13.74 -30.06
C ALA B 89 3.23 14.50 -29.43
N MET B 90 3.05 14.29 -28.14
CA MET B 90 1.91 14.84 -27.40
C MET B 90 2.22 16.18 -26.77
N GLY B 91 3.41 16.35 -26.20
CA GLY B 91 3.75 17.68 -25.72
C GLY B 91 5.14 18.08 -26.11
N MET B 92 6.11 17.41 -25.53
CA MET B 92 7.52 17.60 -25.83
C MET B 92 8.10 16.27 -26.26
N ALA B 93 8.98 16.30 -27.26
CA ALA B 93 9.74 15.12 -27.66
C ALA B 93 11.17 15.60 -27.85
N ALA B 94 11.98 15.48 -26.80
CA ALA B 94 13.31 16.05 -26.77
C ALA B 94 14.34 14.95 -26.57
N SER B 95 15.51 15.12 -27.19
CA SER B 95 16.65 14.22 -27.02
C SER B 95 16.19 12.82 -27.42
N MET B 96 16.35 11.81 -26.56
CA MET B 96 15.94 10.47 -26.96
C MET B 96 14.42 10.34 -27.07
N GLY B 97 13.66 11.28 -26.53
CA GLY B 97 12.24 11.33 -26.83
C GLY B 97 11.96 11.69 -28.29
N GLU B 98 12.74 12.62 -28.85
CA GLU B 98 12.69 12.87 -30.30
C GLU B 98 13.07 11.61 -31.07
N PHE B 99 14.15 10.94 -30.63
CA PHE B 99 14.64 9.76 -31.31
C PHE B 99 13.57 8.67 -31.38
N LEU B 100 12.94 8.36 -30.24
CA LEU B 100 11.90 7.34 -30.22
C LEU B 100 10.68 7.75 -31.06
N LEU B 101 10.32 9.04 -31.05
CA LEU B 101 9.26 9.50 -31.95
C LEU B 101 9.61 9.20 -33.40
N ALA B 102 10.80 9.61 -33.83
CA ALA B 102 11.23 9.43 -35.21
C ALA B 102 11.42 7.95 -35.58
N ALA B 103 11.61 7.09 -34.58
CA ALA B 103 11.79 5.65 -34.79
C ALA B 103 10.49 4.90 -34.99
N GLY B 104 9.32 5.56 -34.86
CA GLY B 104 8.06 4.90 -35.12
C GLY B 104 8.00 4.32 -36.53
N THR B 105 7.06 3.40 -36.73
CA THR B 105 6.89 2.82 -38.06
C THR B 105 6.61 3.92 -39.06
N LYS B 106 7.39 3.92 -40.16
CA LYS B 106 7.29 5.01 -41.11
C LYS B 106 5.89 5.05 -41.70
N GLY B 107 5.34 6.25 -41.81
CA GLY B 107 3.94 6.44 -42.13
C GLY B 107 3.05 6.55 -40.91
N LYS B 108 3.49 6.09 -39.74
CA LYS B 108 2.67 6.12 -38.54
C LYS B 108 3.32 6.94 -37.43
N ARG B 109 4.06 7.98 -37.79
CA ARG B 109 4.64 8.93 -36.85
C ARG B 109 3.88 10.25 -36.93
N TYR B 110 3.45 10.75 -35.77
CA TYR B 110 2.49 11.85 -35.69
C TYR B 110 2.92 12.87 -34.63
N ALA B 111 2.59 14.14 -34.89
CA ALA B 111 2.71 15.21 -33.90
C ALA B 111 1.35 15.87 -33.71
N LEU B 112 1.03 16.20 -32.47
CA LEU B 112 -0.09 17.08 -32.20
C LEU B 112 0.30 18.53 -32.49
N PRO B 113 -0.68 19.42 -32.77
CA PRO B 113 -0.33 20.70 -33.39
C PRO B 113 0.58 21.59 -32.55
N HIS B 114 0.55 21.48 -31.23
CA HIS B 114 1.40 22.31 -30.39
C HIS B 114 2.56 21.53 -29.80
N ALA B 115 2.85 20.34 -30.31
CA ALA B 115 4.02 19.62 -29.84
C ALA B 115 5.29 20.35 -30.27
N ARG B 116 6.34 20.17 -29.48
CA ARG B 116 7.66 20.70 -29.78
C ARG B 116 8.65 19.55 -29.80
N ILE B 117 9.52 19.53 -30.82
CA ILE B 117 10.55 18.52 -30.98
C ILE B 117 11.90 19.21 -30.85
N LEU B 118 12.75 18.68 -29.98
CA LEU B 118 14.07 19.27 -29.74
C LEU B 118 15.15 18.21 -29.95
N MET B 119 16.18 18.56 -30.71
CA MET B 119 17.33 17.71 -30.90
C MET B 119 18.40 18.08 -29.90
N HIS B 120 19.16 17.08 -29.47
CA HIS B 120 20.10 17.30 -28.39
C HIS B 120 21.10 16.16 -28.36
N GLN B 121 22.37 16.48 -28.16
CA GLN B 121 23.37 15.44 -27.86
C GLN B 121 23.33 15.17 -26.36
N PRO B 122 22.81 14.02 -25.92
CA PRO B 122 22.84 13.73 -24.47
C PRO B 122 24.27 13.43 -24.04
N LEU B 123 24.80 14.23 -23.12
CA LEU B 123 26.21 14.17 -22.75
C LEU B 123 26.40 13.17 -21.61
N GLY B 124 27.32 12.23 -21.79
CA GLY B 124 27.80 11.42 -20.68
C GLY B 124 27.08 10.11 -20.43
N THR B 127 26.87 4.87 -17.23
CA THR B 127 27.97 5.03 -16.27
C THR B 127 27.74 4.19 -15.01
N GLY B 128 26.69 3.36 -15.02
CA GLY B 128 26.51 2.39 -13.95
C GLY B 128 27.52 1.26 -14.06
N SER B 129 28.44 1.44 -15.01
CA SER B 129 29.46 0.47 -15.33
C SER B 129 30.40 0.18 -14.16
N ALA B 130 30.89 -1.05 -14.13
CA ALA B 130 32.02 -1.44 -13.29
C ALA B 130 33.35 -1.19 -13.99
N ALA B 131 33.33 -0.86 -15.28
CA ALA B 131 34.53 -0.59 -16.05
C ALA B 131 34.93 0.87 -15.89
N ASP B 132 36.20 1.16 -16.18
CA ASP B 132 36.68 2.52 -15.97
C ASP B 132 36.10 3.47 -17.04
N ILE B 133 36.32 4.76 -16.82
CA ILE B 133 35.71 5.80 -17.65
C ILE B 133 36.17 5.67 -19.10
N ALA B 134 37.34 5.07 -19.34
CA ALA B 134 37.81 4.88 -20.71
C ALA B 134 36.92 3.89 -21.46
N ILE B 135 36.55 2.80 -20.80
CA ILE B 135 35.68 1.80 -21.43
C ILE B 135 34.29 2.36 -21.60
N GLN B 136 33.81 3.11 -20.61
CA GLN B 136 32.51 3.77 -20.73
C GLN B 136 32.49 4.76 -21.89
N ALA B 137 33.59 5.50 -22.06
CA ALA B 137 33.67 6.47 -23.15
C ALA B 137 33.70 5.78 -24.51
N GLU B 138 34.42 4.65 -24.62
CA GLU B 138 34.39 3.88 -25.85
C GLU B 138 32.95 3.49 -26.22
N GLN B 139 32.20 3.00 -25.24
CA GLN B 139 30.83 2.59 -25.50
C GLN B 139 29.98 3.76 -25.93
N PHE B 140 30.10 4.88 -25.20
CA PHE B 140 29.33 6.07 -25.52
C PHE B 140 29.61 6.57 -26.94
N ALA B 141 30.88 6.56 -27.35
CA ALA B 141 31.20 7.03 -28.69
C ALA B 141 30.51 6.16 -29.75
N VAL B 142 30.50 4.85 -29.53
CA VAL B 142 29.87 3.92 -30.49
C VAL B 142 28.37 4.16 -30.55
N ILE B 143 27.69 4.25 -29.40
CA ILE B 143 26.24 4.39 -29.45
C ILE B 143 25.84 5.80 -29.88
N LYS B 144 26.63 6.82 -29.57
CA LYS B 144 26.32 8.17 -30.04
C LYS B 144 26.35 8.25 -31.56
N LYS B 145 27.39 7.71 -32.17
CA LYS B 145 27.47 7.70 -33.63
C LYS B 145 26.31 6.92 -34.24
N GLU B 146 25.98 5.76 -33.66
CA GLU B 146 24.86 4.98 -34.17
C GLU B 146 23.54 5.71 -33.98
N MET B 147 23.42 6.47 -32.90
CA MET B 147 22.22 7.29 -32.72
C MET B 147 22.10 8.35 -33.82
N PHE B 148 23.21 9.03 -34.13
CA PHE B 148 23.21 9.99 -35.23
C PHE B 148 22.85 9.32 -36.56
N ARG B 149 23.41 8.13 -36.81
CA ARG B 149 23.15 7.43 -38.06
C ARG B 149 21.66 7.11 -38.20
N LEU B 150 21.05 6.60 -37.13
CA LEU B 150 19.65 6.17 -37.20
C LEU B 150 18.71 7.36 -37.35
N ASN B 151 19.01 8.45 -36.65
CA ASN B 151 18.22 9.65 -36.72
C ASN B 151 18.29 10.26 -38.12
N ALA B 152 19.48 10.18 -38.77
CA ALA B 152 19.62 10.51 -40.18
C ALA B 152 18.74 9.61 -41.04
N GLU B 153 18.70 8.32 -40.73
CA GLU B 153 17.87 7.36 -41.45
C GLU B 153 16.37 7.61 -41.25
N PHE B 154 15.97 7.93 -40.01
CA PHE B 154 14.55 8.18 -39.72
C PHE B 154 14.03 9.40 -40.45
N THR B 155 14.85 10.45 -40.55
CA THR B 155 14.42 11.74 -41.06
C THR B 155 14.70 11.94 -42.54
N GLY B 156 15.63 11.17 -43.11
CA GLY B 156 16.13 11.46 -44.44
C GLY B 156 17.17 12.56 -44.49
N GLN B 157 17.59 13.06 -43.35
CA GLN B 157 18.58 14.14 -43.35
C GLN B 157 19.97 13.52 -43.36
N PRO B 158 20.95 14.22 -43.94
CA PRO B 158 22.33 13.71 -43.88
C PRO B 158 22.84 13.69 -42.44
N ILE B 159 23.76 12.78 -42.17
CA ILE B 159 24.27 12.63 -40.80
C ILE B 159 24.92 13.92 -40.33
N GLU B 160 25.59 14.66 -41.22
CA GLU B 160 26.26 15.89 -40.80
C GLU B 160 25.23 16.94 -40.37
N ARG B 161 24.07 16.97 -41.03
CA ARG B 161 23.00 17.88 -40.59
CA ARG B 161 22.99 17.87 -40.59
C ARG B 161 22.45 17.45 -39.23
N ILE B 162 22.22 16.15 -39.04
CA ILE B 162 21.77 15.66 -37.74
C ILE B 162 22.75 16.08 -36.65
N GLU B 163 24.05 15.88 -36.89
CA GLU B 163 25.06 16.19 -35.89
C GLU B 163 25.07 17.68 -35.54
N ALA B 164 25.12 18.53 -36.58
CA ALA B 164 25.20 19.96 -36.34
C ALA B 164 23.95 20.50 -35.66
N ASP B 165 22.77 20.03 -36.08
CA ASP B 165 21.54 20.46 -35.44
C ASP B 165 21.44 19.97 -33.98
N SER B 166 21.88 18.74 -33.71
CA SER B 166 21.90 18.27 -32.33
C SER B 166 22.84 19.11 -31.47
N ASP B 167 24.01 19.45 -32.02
CA ASP B 167 24.99 20.21 -31.28
C ASP B 167 24.46 21.56 -30.81
N ARG B 168 23.59 22.19 -31.60
CA ARG B 168 23.07 23.50 -31.26
C ARG B 168 21.66 23.45 -30.68
N ASP B 169 21.18 22.26 -30.32
CA ASP B 169 19.90 22.08 -29.66
C ASP B 169 18.76 22.67 -30.49
N ARG B 170 18.81 22.45 -31.79
CA ARG B 170 17.74 22.92 -32.68
C ARG B 170 16.40 22.34 -32.25
N TRP B 171 15.37 23.18 -32.25
CA TRP B 171 14.03 22.74 -31.90
C TRP B 171 13.07 23.11 -33.02
N PHE B 172 11.91 22.43 -33.00
CA PHE B 172 10.96 22.43 -34.10
C PHE B 172 9.54 22.55 -33.54
N THR B 173 8.72 23.39 -34.19
CA THR B 173 7.27 23.24 -34.05
C THR B 173 6.83 21.97 -34.77
N ALA B 174 5.54 21.64 -34.61
CA ALA B 174 5.02 20.44 -35.28
C ALA B 174 5.18 20.54 -36.80
N GLN B 175 4.90 21.72 -37.36
CA GLN B 175 5.03 21.90 -38.79
C GLN B 175 6.48 21.80 -39.24
N GLU B 176 7.39 22.44 -38.51
CA GLU B 176 8.80 22.31 -38.84
C GLU B 176 9.28 20.88 -38.66
N ALA B 177 8.77 20.18 -37.63
CA ALA B 177 9.17 18.78 -37.42
C ALA B 177 8.71 17.90 -38.58
N LEU B 178 7.50 18.15 -39.09
CA LEU B 178 7.00 17.42 -40.26
C LEU B 178 7.91 17.65 -41.47
N GLU B 179 8.26 18.91 -41.73
CA GLU B 179 9.11 19.23 -42.87
C GLU B 179 10.51 18.63 -42.74
N TYR B 180 11.06 18.59 -41.53
CA TYR B 180 12.38 18.02 -41.31
C TYR B 180 12.39 16.50 -41.47
N GLY B 181 11.27 15.83 -41.17
CA GLY B 181 11.23 14.39 -41.33
C GLY B 181 11.08 13.55 -40.07
N PHE B 182 10.84 14.19 -38.91
CA PHE B 182 10.65 13.43 -37.68
C PHE B 182 9.32 12.70 -37.66
N VAL B 183 8.28 13.28 -38.28
CA VAL B 183 6.94 12.73 -38.25
C VAL B 183 6.38 12.74 -39.67
N ASP B 184 5.33 11.93 -39.86
CA ASP B 184 4.71 11.83 -41.17
C ASP B 184 3.48 12.71 -41.34
N HIS B 185 2.83 13.07 -40.24
CA HIS B 185 1.58 13.81 -40.29
C HIS B 185 1.38 14.56 -38.98
N ILE B 186 0.67 15.68 -39.05
CA ILE B 186 0.12 16.33 -37.88
C ILE B 186 -1.32 15.87 -37.73
N ILE B 187 -1.70 15.41 -36.54
CA ILE B 187 -3.08 15.07 -36.22
C ILE B 187 -3.66 16.22 -35.40
N THR B 188 -4.83 16.70 -35.81
CA THR B 188 -5.60 17.63 -34.98
C THR B 188 -6.59 16.87 -34.12
N SER B 189 -7.64 16.32 -34.72
CA SER B 189 -8.54 15.41 -34.01
C SER B 189 -8.47 14.02 -34.60
N ALA B 190 -8.54 13.02 -33.74
CA ALA B 190 -8.58 11.64 -34.18
C ALA B 190 -9.82 11.39 -35.03
N SER B 191 -9.64 10.64 -36.13
CA SER B 191 -10.74 10.20 -36.98
C SER B 191 -11.20 8.82 -36.55
N VAL B 192 -12.49 8.68 -36.25
CA VAL B 192 -13.01 7.36 -35.92
C VAL B 192 -13.66 6.68 -37.11
N ASN B 193 -13.90 7.40 -38.21
CA ASN B 193 -14.62 6.86 -39.36
C ASN B 193 -13.72 6.59 -40.57
N GLY B 194 -12.40 6.65 -40.41
CA GLY B 194 -11.49 6.20 -41.44
C GLY B 194 -11.03 7.27 -42.41
N GLU B 195 -11.47 8.53 -42.24
CA GLU B 195 -11.09 9.63 -43.11
C GLU B 195 -9.70 10.17 -42.77
N GLY B 196 -9.05 9.63 -41.74
CA GLY B 196 -7.70 10.00 -41.38
C GLY B 196 -7.21 9.15 -40.23
N PRO B 197 -6.03 9.48 -39.71
CA PRO B 197 -5.47 8.69 -38.59
C PRO B 197 -6.41 8.61 -37.41
N GLY B 198 -6.55 7.41 -36.84
CA GLY B 198 -7.39 7.21 -35.67
C GLY B 198 -6.69 7.35 -34.34
N ALA B 199 -5.34 7.42 -34.33
CA ALA B 199 -4.54 7.67 -33.13
C ALA B 199 -4.76 6.62 -32.05
N GLY B 200 -5.14 5.41 -32.45
CA GLY B 200 -5.46 4.35 -31.53
C GLY B 200 -6.75 4.55 -30.76
N LEU B 201 -7.53 5.57 -31.08
CA LEU B 201 -8.77 5.86 -30.36
C LEU B 201 -10.01 5.38 -31.09
N ASP B 202 -9.87 4.77 -32.26
CA ASP B 202 -11.03 4.39 -33.07
C ASP B 202 -11.44 2.93 -32.92
N LYS B 203 -10.67 2.11 -32.20
CA LYS B 203 -10.88 0.66 -32.00
C LYS B 203 -12.12 0.00 -32.63
N ASN C 12 1.55 -2.04 -8.07
CA ASN C 12 1.65 -0.90 -8.96
C ASN C 12 1.64 -1.35 -10.43
N LEU C 13 1.75 -0.38 -11.35
CA LEU C 13 1.69 -0.70 -12.78
C LEU C 13 2.88 -1.56 -13.20
N VAL C 14 4.09 -1.13 -12.82
CA VAL C 14 5.31 -1.85 -13.16
C VAL C 14 5.21 -3.32 -12.74
N ASP C 15 4.84 -3.57 -11.48
CA ASP C 15 4.75 -4.94 -10.99
C ASP C 15 3.65 -5.69 -11.73
N SER C 16 2.57 -4.99 -12.09
CA SER C 16 1.48 -5.63 -12.81
C SER C 16 1.90 -6.05 -14.22
N VAL C 17 2.74 -5.25 -14.87
CA VAL C 17 3.23 -5.64 -16.19
C VAL C 17 4.17 -6.83 -16.07
N TYR C 18 5.03 -6.83 -15.05
CA TYR C 18 5.94 -7.96 -14.85
C TYR C 18 5.16 -9.24 -14.54
N GLU C 19 4.11 -9.13 -13.73
CA GLU C 19 3.31 -10.29 -13.40
C GLU C 19 2.64 -10.86 -14.64
N ARG C 20 2.10 -9.97 -15.49
CA ARG C 20 1.48 -10.44 -16.73
C ARG C 20 2.52 -11.06 -17.66
N LEU C 21 3.75 -10.52 -17.68
CA LEU C 21 4.79 -11.15 -18.50
C LEU C 21 5.15 -12.53 -17.97
N LEU C 22 5.09 -12.71 -16.65
CA LEU C 22 5.28 -14.04 -16.05
C LEU C 22 4.30 -15.05 -16.61
N ALA C 23 3.04 -14.63 -16.84
CA ALA C 23 2.08 -15.52 -17.49
C ALA C 23 2.49 -15.87 -18.91
N GLU C 24 3.38 -15.09 -19.53
CA GLU C 24 3.93 -15.44 -20.83
C GLU C 24 5.26 -16.15 -20.71
N ARG C 25 5.64 -16.56 -19.50
CA ARG C 25 6.93 -17.21 -19.22
C ARG C 25 8.11 -16.32 -19.59
N ILE C 26 7.94 -15.01 -19.45
CA ILE C 26 8.99 -14.02 -19.68
C ILE C 26 9.39 -13.41 -18.33
N ILE C 27 10.68 -13.48 -18.03
CA ILE C 27 11.22 -12.86 -16.83
C ILE C 27 12.30 -11.85 -17.22
N PHE C 28 12.45 -10.84 -16.39
CA PHE C 28 13.20 -9.64 -16.72
C PHE C 28 14.27 -9.42 -15.67
N LEU C 29 15.53 -9.45 -16.07
CA LEU C 29 16.63 -9.03 -15.20
C LEU C 29 17.07 -7.65 -15.68
N GLY C 30 16.53 -6.61 -15.06
CA GLY C 30 16.75 -5.24 -15.48
C GLY C 30 17.60 -4.42 -14.54
N SER C 31 18.31 -5.01 -13.58
CA SER C 31 19.08 -4.20 -12.65
C SER C 31 20.32 -4.96 -12.22
N GLN C 32 21.06 -4.36 -11.29
CA GLN C 32 22.25 -4.99 -10.74
C GLN C 32 21.89 -6.28 -9.99
N VAL C 33 22.75 -7.30 -10.12
CA VAL C 33 22.50 -8.58 -9.47
C VAL C 33 23.03 -8.52 -8.04
N ASP C 34 22.12 -8.47 -7.08
CA ASP C 34 22.50 -8.61 -5.68
C ASP C 34 21.67 -9.74 -5.06
N ASP C 35 21.78 -9.91 -3.73
CA ASP C 35 21.08 -11.01 -3.07
C ASP C 35 19.57 -10.92 -3.25
N ASP C 36 19.01 -9.70 -3.13
CA ASP C 36 17.57 -9.54 -3.29
C ASP C 36 17.13 -9.90 -4.71
N ILE C 37 17.88 -9.45 -5.71
CA ILE C 37 17.55 -9.80 -7.09
C ILE C 37 17.70 -11.30 -7.31
N ALA C 38 18.74 -11.91 -6.75
CA ALA C 38 18.90 -13.35 -6.88
C ALA C 38 17.68 -14.08 -6.34
N ASN C 39 17.24 -13.69 -5.14
CA ASN C 39 16.08 -14.35 -4.54
C ASN C 39 14.84 -14.17 -5.42
N ARG C 40 14.61 -12.95 -5.90
CA ARG C 40 13.46 -12.66 -6.76
C ARG C 40 13.50 -13.50 -8.05
N LEU C 41 14.65 -13.56 -8.72
CA LEU C 41 14.73 -14.29 -9.98
C LEU C 41 14.68 -15.80 -9.77
N CYS C 42 15.44 -16.29 -8.79
CA CYS C 42 15.36 -17.70 -8.42
C CYS C 42 13.91 -18.11 -8.17
N ALA C 43 13.19 -17.31 -7.38
CA ALA C 43 11.80 -17.64 -7.09
C ALA C 43 10.97 -17.72 -8.37
N GLN C 44 11.19 -16.79 -9.31
CA GLN C 44 10.41 -16.79 -10.54
C GLN C 44 10.74 -18.00 -11.42
N ILE C 45 12.00 -18.41 -11.46
CA ILE C 45 12.35 -19.58 -12.28
C ILE C 45 11.73 -20.85 -11.69
N LEU C 46 11.78 -20.98 -10.37
CA LEU C 46 11.14 -22.13 -9.71
C LEU C 46 9.64 -22.13 -9.98
N LEU C 47 9.01 -20.96 -9.85
CA LEU C 47 7.56 -20.89 -10.07
C LEU C 47 7.21 -21.31 -11.49
N LEU C 48 7.92 -20.77 -12.48
CA LEU C 48 7.64 -21.14 -13.87
C LEU C 48 7.93 -22.62 -14.14
N SER C 49 8.95 -23.17 -13.48
CA SER C 49 9.26 -24.59 -13.65
C SER C 49 8.13 -25.45 -13.09
N ALA C 50 7.62 -25.09 -11.90
CA ALA C 50 6.55 -25.85 -11.29
C ALA C 50 5.26 -25.74 -12.11
N GLU C 51 5.00 -24.56 -12.69
CA GLU C 51 3.77 -24.38 -13.45
C GLU C 51 3.79 -25.24 -14.71
N ASP C 52 4.92 -25.28 -15.40
CA ASP C 52 5.03 -26.13 -16.57
C ASP C 52 6.49 -26.44 -16.87
N PRO C 53 6.97 -27.62 -16.47
CA PRO C 53 8.39 -27.95 -16.65
C PRO C 53 8.79 -28.27 -18.08
N THR C 54 7.86 -28.26 -19.03
CA THR C 54 8.18 -28.57 -20.42
C THR C 54 8.28 -27.34 -21.32
N LYS C 55 7.87 -26.16 -20.87
CA LYS C 55 7.87 -24.96 -21.70
C LYS C 55 9.08 -24.07 -21.41
N ASP C 56 9.61 -23.46 -22.46
CA ASP C 56 10.78 -22.62 -22.31
C ASP C 56 10.48 -21.45 -21.37
N ILE C 57 11.53 -20.98 -20.71
CA ILE C 57 11.49 -19.70 -20.02
C ILE C 57 12.30 -18.72 -20.85
N HIS C 58 11.83 -17.46 -20.93
CA HIS C 58 12.50 -16.41 -21.69
C HIS C 58 13.02 -15.37 -20.72
N LEU C 59 14.34 -15.25 -20.63
CA LEU C 59 15.01 -14.38 -19.66
C LEU C 59 15.62 -13.21 -20.41
N TYR C 60 15.00 -12.04 -20.28
CA TYR C 60 15.50 -10.80 -20.88
C TYR C 60 16.45 -10.10 -19.92
N ILE C 61 17.61 -9.67 -20.43
CA ILE C 61 18.68 -9.17 -19.59
C ILE C 61 19.05 -7.76 -20.01
N ASN C 62 18.93 -6.79 -19.07
CA ASN C 62 19.50 -5.45 -19.25
C ASN C 62 20.11 -5.09 -17.90
N SER C 63 21.33 -5.57 -17.65
CA SER C 63 21.90 -5.53 -16.32
C SER C 63 23.34 -5.03 -16.36
N PRO C 64 23.72 -4.11 -15.48
CA PRO C 64 25.09 -3.57 -15.47
C PRO C 64 26.10 -4.40 -14.70
N GLY C 65 25.67 -5.43 -13.99
CA GLY C 65 26.60 -6.32 -13.33
C GLY C 65 26.00 -6.85 -12.04
N GLY C 66 26.86 -7.31 -11.15
CA GLY C 66 26.42 -7.80 -9.86
C GLY C 66 27.43 -8.72 -9.23
N SER C 67 27.10 -9.18 -8.03
CA SER C 67 28.02 -10.02 -7.28
C SER C 67 28.05 -11.45 -7.85
N ILE C 68 29.23 -12.09 -7.72
CA ILE C 68 29.39 -13.46 -8.22
C ILE C 68 28.47 -14.41 -7.47
N SER C 69 28.41 -14.28 -6.13
CA SER C 69 27.61 -15.21 -5.33
C SER C 69 26.16 -15.15 -5.76
N ALA C 70 25.62 -13.94 -5.90
CA ALA C 70 24.22 -13.80 -6.28
C ALA C 70 23.98 -14.32 -7.68
N GLY C 71 24.89 -14.02 -8.62
CA GLY C 71 24.73 -14.52 -9.97
C GLY C 71 24.84 -16.03 -10.05
N MET C 72 25.69 -16.64 -9.20
CA MET C 72 25.84 -18.10 -9.23
C MET C 72 24.61 -18.80 -8.68
N ALA C 73 23.92 -18.19 -7.71
CA ALA C 73 22.68 -18.78 -7.24
C ALA C 73 21.63 -18.81 -8.34
N ILE C 74 21.52 -17.72 -9.11
CA ILE C 74 20.62 -17.71 -10.26
C ILE C 74 21.02 -18.79 -11.26
N TYR C 75 22.32 -18.88 -11.58
CA TYR C 75 22.80 -19.87 -12.54
C TYR C 75 22.42 -21.29 -12.11
N ASP C 76 22.65 -21.62 -10.84
CA ASP C 76 22.27 -22.95 -10.35
C ASP C 76 20.77 -23.18 -10.47
N THR C 77 19.96 -22.14 -10.26
CA THR C 77 18.51 -22.28 -10.42
C THR C 77 18.13 -22.45 -11.90
N MET C 78 18.83 -21.76 -12.81
CA MET C 78 18.62 -21.98 -14.23
C MET C 78 18.92 -23.42 -14.62
N VAL C 79 19.99 -23.99 -14.07
CA VAL C 79 20.35 -25.37 -14.38
C VAL C 79 19.40 -26.33 -13.69
N LEU C 80 18.97 -26.00 -12.47
CA LEU C 80 17.99 -26.83 -11.77
C LEU C 80 16.69 -26.94 -12.57
N ALA C 81 16.26 -25.84 -13.21
CA ALA C 81 14.99 -25.85 -13.90
C ALA C 81 15.00 -26.90 -15.00
N PRO C 82 13.97 -27.74 -15.10
CA PRO C 82 13.93 -28.69 -16.21
C PRO C 82 13.69 -28.03 -17.56
N CYS C 83 13.08 -26.84 -17.59
CA CYS C 83 12.84 -26.15 -18.86
C CYS C 83 14.12 -25.62 -19.44
N ASP C 84 14.18 -25.52 -20.76
CA ASP C 84 15.17 -24.66 -21.40
C ASP C 84 14.96 -23.21 -20.98
N ILE C 85 16.05 -22.44 -20.94
CA ILE C 85 15.96 -21.01 -20.65
C ILE C 85 16.62 -20.25 -21.81
N ALA C 86 15.82 -19.58 -22.60
CA ALA C 86 16.36 -18.69 -23.63
C ALA C 86 16.75 -17.37 -22.97
N THR C 87 17.87 -16.79 -23.42
CA THR C 87 18.36 -15.53 -22.87
C THR C 87 18.51 -14.49 -23.98
N TYR C 88 18.23 -13.24 -23.64
CA TYR C 88 18.18 -12.16 -24.61
C TYR C 88 18.91 -10.96 -24.04
N ALA C 89 20.01 -10.55 -24.68
CA ALA C 89 20.71 -9.33 -24.25
C ALA C 89 19.93 -8.15 -24.82
N MET C 90 19.20 -7.44 -23.94
CA MET C 90 18.26 -6.43 -24.36
C MET C 90 18.88 -5.04 -24.40
N GLY C 91 19.79 -4.72 -23.50
CA GLY C 91 20.52 -3.48 -23.65
C GLY C 91 21.98 -3.60 -23.29
N MET C 92 22.25 -3.86 -22.02
CA MET C 92 23.57 -4.15 -21.52
C MET C 92 23.54 -5.51 -20.85
N ALA C 93 24.59 -6.30 -21.04
CA ALA C 93 24.78 -7.53 -20.25
C ALA C 93 26.24 -7.49 -19.79
N ALA C 94 26.48 -6.98 -18.58
CA ALA C 94 27.83 -6.77 -18.06
C ALA C 94 28.09 -7.63 -16.83
N SER C 95 29.33 -8.12 -16.72
CA SER C 95 29.83 -8.89 -15.58
C SER C 95 28.89 -10.09 -15.36
N MET C 96 28.22 -10.23 -14.21
CA MET C 96 27.36 -11.40 -14.02
C MET C 96 26.16 -11.39 -14.94
N GLY C 97 25.79 -10.22 -15.50
CA GLY C 97 24.75 -10.20 -16.51
C GLY C 97 25.19 -10.87 -17.80
N GLU C 98 26.44 -10.64 -18.22
CA GLU C 98 27.05 -11.40 -19.31
C GLU C 98 27.06 -12.89 -18.99
N PHE C 99 27.43 -13.24 -17.75
CA PHE C 99 27.54 -14.65 -17.36
C PHE C 99 26.19 -15.35 -17.51
N LEU C 100 25.11 -14.71 -17.05
CA LEU C 100 23.80 -15.34 -17.12
C LEU C 100 23.29 -15.41 -18.56
N LEU C 101 23.57 -14.37 -19.36
CA LEU C 101 23.27 -14.43 -20.78
C LEU C 101 23.92 -15.64 -21.45
N ALA C 102 25.23 -15.81 -21.23
CA ALA C 102 25.96 -16.89 -21.88
C ALA C 102 25.59 -18.25 -21.32
N ALA C 103 25.00 -18.27 -20.13
CA ALA C 103 24.52 -19.49 -19.48
C ALA C 103 23.18 -19.97 -20.00
N GLY C 104 22.52 -19.25 -20.90
CA GLY C 104 21.25 -19.74 -21.43
C GLY C 104 21.44 -21.04 -22.21
N THR C 105 20.32 -21.75 -22.42
CA THR C 105 20.34 -22.98 -23.22
C THR C 105 21.04 -22.74 -24.56
N LYS C 106 22.06 -23.54 -24.85
CA LYS C 106 22.82 -23.32 -26.08
C LYS C 106 21.93 -23.52 -27.31
N GLY C 107 22.08 -22.60 -28.27
CA GLY C 107 21.15 -22.50 -29.38
C GLY C 107 20.01 -21.53 -29.15
N LYS C 108 19.81 -21.08 -27.90
CA LYS C 108 18.72 -20.18 -27.57
C LYS C 108 19.23 -18.93 -26.84
N ARG C 109 20.49 -18.57 -27.08
CA ARG C 109 21.05 -17.34 -26.54
C ARG C 109 21.08 -16.29 -27.63
N TYR C 110 20.48 -15.13 -27.35
CA TYR C 110 20.24 -14.10 -28.35
C TYR C 110 20.75 -12.75 -27.87
N ALA C 111 21.20 -11.93 -28.82
CA ALA C 111 21.48 -10.53 -28.57
C ALA C 111 20.64 -9.67 -29.51
N LEU C 112 20.12 -8.55 -28.98
CA LEU C 112 19.48 -7.57 -29.83
C LEU C 112 20.56 -6.72 -30.50
N PRO C 113 20.25 -6.09 -31.64
CA PRO C 113 21.32 -5.59 -32.51
C PRO C 113 22.22 -4.53 -31.87
N HIS C 114 21.71 -3.73 -30.93
CA HIS C 114 22.52 -2.71 -30.27
C HIS C 114 22.87 -3.08 -28.84
N ALA C 115 22.73 -4.36 -28.48
CA ALA C 115 23.14 -4.78 -27.14
C ALA C 115 24.66 -4.73 -27.01
N ARG C 116 25.12 -4.44 -25.80
CA ARG C 116 26.55 -4.47 -25.49
C ARG C 116 26.79 -5.52 -24.40
N ILE C 117 27.83 -6.32 -24.58
CA ILE C 117 28.20 -7.36 -23.62
C ILE C 117 29.56 -6.98 -23.07
N LEU C 118 29.69 -6.99 -21.74
CA LEU C 118 30.92 -6.53 -21.09
C LEU C 118 31.42 -7.63 -20.16
N MET C 119 32.71 -7.97 -20.26
CA MET C 119 33.33 -8.90 -19.33
C MET C 119 33.99 -8.12 -18.20
N HIS C 120 34.05 -8.73 -17.03
CA HIS C 120 34.51 -8.01 -15.86
C HIS C 120 34.75 -9.01 -14.73
N GLN C 121 35.73 -8.68 -13.88
CA GLN C 121 35.94 -9.44 -12.65
C GLN C 121 35.33 -8.66 -11.50
N PRO C 122 34.22 -9.09 -10.91
CA PRO C 122 33.70 -8.38 -9.73
C PRO C 122 34.69 -8.47 -8.58
N LEU C 123 34.66 -7.46 -7.71
CA LEU C 123 35.46 -7.55 -6.50
C LEU C 123 34.63 -8.23 -5.40
N GLY C 124 35.31 -8.67 -4.35
CA GLY C 124 34.68 -9.47 -3.32
C GLY C 124 33.46 -8.89 -2.62
N THR C 127 30.05 -11.14 1.61
CA THR C 127 30.52 -10.77 2.94
C THR C 127 29.36 -10.64 3.95
N GLY C 128 28.39 -11.56 3.86
CA GLY C 128 27.28 -11.61 4.78
C GLY C 128 27.47 -12.58 5.93
N SER C 129 28.55 -13.35 5.93
CA SER C 129 28.81 -14.33 6.98
C SER C 129 29.43 -13.66 8.19
N ALA C 130 29.28 -14.32 9.35
CA ALA C 130 29.92 -13.90 10.57
C ALA C 130 31.34 -14.45 10.71
N ALA C 131 31.87 -15.10 9.69
CA ALA C 131 33.24 -15.58 9.71
C ALA C 131 34.20 -14.47 9.28
N ASP C 132 35.48 -14.67 9.61
CA ASP C 132 36.47 -13.64 9.34
C ASP C 132 36.63 -13.42 7.83
N ILE C 133 37.29 -12.30 7.51
CA ILE C 133 37.55 -11.94 6.13
C ILE C 133 38.34 -13.02 5.41
N ALA C 134 39.10 -13.82 6.14
CA ALA C 134 39.89 -14.88 5.52
C ALA C 134 38.98 -15.94 4.90
N ILE C 135 37.94 -16.35 5.66
CA ILE C 135 37.02 -17.35 5.14
C ILE C 135 36.21 -16.79 3.97
N GLN C 136 35.86 -15.51 4.05
CA GLN C 136 35.13 -14.88 2.94
C GLN C 136 35.99 -14.81 1.68
N ALA C 137 37.29 -14.58 1.82
CA ALA C 137 38.16 -14.52 0.65
C ALA C 137 38.37 -15.92 0.06
N GLU C 138 38.46 -16.94 0.90
CA GLU C 138 38.56 -18.30 0.39
C GLU C 138 37.36 -18.63 -0.49
N GLN C 139 36.15 -18.29 -0.03
CA GLN C 139 34.96 -18.53 -0.83
C GLN C 139 35.01 -17.77 -2.14
N PHE C 140 35.41 -16.50 -2.08
CA PHE C 140 35.46 -15.68 -3.30
C PHE C 140 36.42 -16.27 -4.31
N ALA C 141 37.59 -16.72 -3.85
CA ALA C 141 38.56 -17.34 -4.76
C ALA C 141 37.95 -18.54 -5.47
N VAL C 142 37.24 -19.41 -4.75
CA VAL C 142 36.67 -20.61 -5.34
C VAL C 142 35.58 -20.27 -6.35
N ILE C 143 34.70 -19.33 -6.01
CA ILE C 143 33.59 -19.02 -6.92
C ILE C 143 34.09 -18.24 -8.12
N LYS C 144 35.09 -17.38 -7.91
CA LYS C 144 35.63 -16.66 -9.04
CA LYS C 144 35.69 -16.66 -9.02
C LYS C 144 36.30 -17.62 -10.03
N LYS C 145 37.02 -18.64 -9.56
CA LYS C 145 37.60 -19.59 -10.50
C LYS C 145 36.53 -20.40 -11.23
N GLU C 146 35.45 -20.81 -10.54
CA GLU C 146 34.34 -21.48 -11.21
C GLU C 146 33.68 -20.59 -12.25
N MET C 147 33.49 -19.31 -11.92
CA MET C 147 32.92 -18.39 -12.89
C MET C 147 33.74 -18.35 -14.18
N PHE C 148 35.07 -18.22 -14.06
CA PHE C 148 35.93 -18.24 -15.25
C PHE C 148 35.78 -19.55 -16.03
N ARG C 149 35.84 -20.68 -15.32
CA ARG C 149 35.72 -21.97 -15.97
C ARG C 149 34.39 -22.10 -16.71
N LEU C 150 33.30 -21.64 -16.10
CA LEU C 150 32.00 -21.79 -16.77
C LEU C 150 31.85 -20.81 -17.93
N ASN C 151 32.39 -19.59 -17.80
CA ASN C 151 32.42 -18.68 -18.94
C ASN C 151 33.18 -19.30 -20.12
N ALA C 152 34.30 -19.95 -19.84
CA ALA C 152 35.03 -20.65 -20.89
C ALA C 152 34.18 -21.73 -21.55
N GLU C 153 33.42 -22.48 -20.75
CA GLU C 153 32.58 -23.53 -21.34
C GLU C 153 31.41 -22.96 -22.13
N PHE C 154 30.77 -21.89 -21.62
CA PHE C 154 29.69 -21.24 -22.35
C PHE C 154 30.15 -20.75 -23.72
N THR C 155 31.33 -20.13 -23.78
CA THR C 155 31.79 -19.44 -24.97
C THR C 155 32.66 -20.28 -25.87
N GLY C 156 33.19 -21.41 -25.40
CA GLY C 156 34.18 -22.14 -26.16
C GLY C 156 35.57 -21.55 -26.14
N GLN C 157 35.79 -20.47 -25.37
CA GLN C 157 37.09 -19.80 -25.30
C GLN C 157 37.98 -20.45 -24.25
N PRO C 158 39.30 -20.39 -24.41
CA PRO C 158 40.20 -20.90 -23.38
C PRO C 158 40.07 -20.10 -22.09
N ILE C 159 40.25 -20.78 -20.97
CA ILE C 159 40.08 -20.12 -19.68
C ILE C 159 41.06 -18.95 -19.54
N GLU C 160 42.27 -19.09 -20.09
CA GLU C 160 43.25 -18.00 -19.99
C GLU C 160 42.75 -16.75 -20.71
N ARG C 161 42.09 -16.93 -21.85
CA ARG C 161 41.52 -15.79 -22.58
C ARG C 161 40.37 -15.17 -21.79
N ILE C 162 39.52 -16.00 -21.16
CA ILE C 162 38.45 -15.47 -20.33
C ILE C 162 39.01 -14.59 -19.22
N GLU C 163 40.02 -15.10 -18.51
CA GLU C 163 40.60 -14.34 -17.40
C GLU C 163 41.26 -13.05 -17.89
N ALA C 164 42.04 -13.14 -18.97
CA ALA C 164 42.73 -11.95 -19.48
C ALA C 164 41.75 -10.91 -19.97
N ASP C 165 40.77 -11.31 -20.79
CA ASP C 165 39.75 -10.39 -21.29
C ASP C 165 38.91 -9.79 -20.14
N SER C 166 38.60 -10.60 -19.11
CA SER C 166 37.81 -10.09 -17.99
C SER C 166 38.56 -9.02 -17.24
N ASP C 167 39.86 -9.23 -16.99
CA ASP C 167 40.58 -8.26 -16.16
C ASP C 167 40.71 -6.91 -16.86
N ARG C 168 40.67 -6.87 -18.20
CA ARG C 168 40.75 -5.61 -18.90
C ARG C 168 39.39 -5.07 -19.31
N ASP C 169 38.31 -5.65 -18.77
CA ASP C 169 36.95 -5.18 -19.03
C ASP C 169 36.65 -5.12 -20.53
N ARG C 170 37.06 -6.17 -21.24
CA ARG C 170 36.76 -6.24 -22.68
C ARG C 170 35.25 -6.22 -22.91
N TRP C 171 34.81 -5.40 -23.87
CA TRP C 171 33.40 -5.30 -24.20
C TRP C 171 33.17 -5.59 -25.67
N PHE C 172 31.92 -5.88 -26.02
CA PHE C 172 31.57 -6.44 -27.32
C PHE C 172 30.29 -5.80 -27.83
N THR C 173 30.28 -5.48 -29.13
CA THR C 173 29.02 -5.27 -29.82
C THR C 173 28.31 -6.61 -30.00
N ALA C 174 27.05 -6.55 -30.43
CA ALA C 174 26.28 -7.79 -30.59
C ALA C 174 26.97 -8.75 -31.55
N GLN C 175 27.48 -8.24 -32.67
CA GLN C 175 28.17 -9.10 -33.63
C GLN C 175 29.49 -9.63 -33.06
N GLU C 176 30.23 -8.78 -32.34
CA GLU C 176 31.44 -9.24 -31.67
C GLU C 176 31.13 -10.31 -30.63
N ALA C 177 30.00 -10.16 -29.93
CA ALA C 177 29.63 -11.13 -28.90
C ALA C 177 29.22 -12.46 -29.51
N LEU C 178 28.51 -12.39 -30.64
CA LEU C 178 28.18 -13.60 -31.40
C LEU C 178 29.44 -14.36 -31.79
N GLU C 179 30.42 -13.64 -32.36
CA GLU C 179 31.65 -14.30 -32.81
C GLU C 179 32.44 -14.87 -31.63
N TYR C 180 32.44 -14.18 -30.48
CA TYR C 180 33.20 -14.65 -29.32
C TYR C 180 32.55 -15.86 -28.65
N GLY C 181 31.23 -15.97 -28.69
CA GLY C 181 30.55 -17.17 -28.22
C GLY C 181 29.57 -16.97 -27.08
N PHE C 182 29.27 -15.71 -26.73
CA PHE C 182 28.30 -15.44 -25.66
C PHE C 182 26.88 -15.78 -26.07
N VAL C 183 26.54 -15.56 -27.35
CA VAL C 183 25.20 -15.78 -27.87
C VAL C 183 25.29 -16.56 -29.16
N ASP C 184 24.16 -17.15 -29.54
CA ASP C 184 24.08 -17.98 -30.74
C ASP C 184 23.51 -17.25 -31.94
N HIS C 185 22.74 -16.20 -31.72
CA HIS C 185 22.10 -15.48 -32.82
C HIS C 185 21.93 -14.02 -32.40
N ILE C 186 21.92 -13.15 -33.39
CA ILE C 186 21.38 -11.81 -33.23
C ILE C 186 19.94 -11.85 -33.70
N ILE C 187 19.05 -11.30 -32.88
CA ILE C 187 17.63 -11.25 -33.22
C ILE C 187 17.29 -9.78 -33.46
N THR C 188 16.79 -9.49 -34.67
CA THR C 188 16.39 -8.14 -35.00
C THR C 188 14.89 -7.94 -34.77
N SER C 189 14.08 -8.81 -35.36
CA SER C 189 12.65 -8.76 -35.16
C SER C 189 12.13 -10.16 -34.87
N ALA C 190 11.23 -10.26 -33.89
CA ALA C 190 10.68 -11.55 -33.52
C ALA C 190 9.84 -12.12 -34.66
N SER C 191 9.98 -13.41 -34.88
CA SER C 191 9.30 -14.05 -35.99
C SER C 191 8.03 -14.69 -35.46
N VAL C 192 6.89 -14.20 -35.93
CA VAL C 192 5.64 -14.92 -35.80
C VAL C 192 5.39 -15.76 -37.05
N ASN C 193 6.17 -15.52 -38.11
CA ASN C 193 6.24 -16.38 -39.30
C ASN C 193 6.19 -17.86 -38.94
N GLY C 194 7.08 -18.28 -38.02
CA GLY C 194 7.59 -19.63 -37.99
C GLY C 194 9.03 -19.72 -38.45
N GLU C 195 9.45 -18.81 -39.33
CA GLU C 195 10.84 -18.73 -39.80
C GLU C 195 11.61 -17.86 -38.83
N GLY C 196 12.08 -18.46 -37.75
CA GLY C 196 12.93 -17.75 -36.82
C GLY C 196 12.45 -17.79 -35.38
N PRO C 197 13.28 -17.28 -34.48
CA PRO C 197 12.92 -17.28 -33.05
C PRO C 197 11.75 -16.37 -32.78
N GLY C 198 10.92 -16.77 -31.82
CA GLY C 198 9.72 -16.02 -31.50
C GLY C 198 9.90 -15.11 -30.29
N ALA C 199 11.06 -15.23 -29.62
CA ALA C 199 11.44 -14.41 -28.48
C ALA C 199 10.44 -14.50 -27.32
N GLY C 200 9.64 -15.56 -27.27
CA GLY C 200 8.57 -15.66 -26.32
C GLY C 200 7.32 -14.86 -26.68
N LEU C 201 7.31 -14.21 -27.83
CA LEU C 201 6.22 -13.30 -28.21
C LEU C 201 5.23 -13.93 -29.19
N ASP C 202 5.29 -15.24 -29.42
CA ASP C 202 4.50 -15.88 -30.47
C ASP C 202 3.48 -16.88 -29.94
N LYS C 203 3.31 -17.01 -28.63
CA LYS C 203 2.29 -17.90 -28.08
C LYS C 203 0.90 -17.42 -28.48
N LEU D 11 -0.91 -7.59 -3.06
CA LEU D 11 0.47 -8.02 -2.93
C LEU D 11 1.35 -7.43 -4.03
N ASN D 12 2.56 -6.97 -3.67
CA ASN D 12 3.53 -6.60 -4.68
C ASN D 12 4.02 -7.85 -5.42
N LEU D 13 4.89 -7.64 -6.43
CA LEU D 13 5.29 -8.75 -7.28
C LEU D 13 6.01 -9.84 -6.49
N VAL D 14 7.04 -9.45 -5.74
CA VAL D 14 7.84 -10.39 -4.94
C VAL D 14 6.93 -11.24 -4.06
N ASP D 15 6.03 -10.60 -3.31
CA ASP D 15 5.18 -11.35 -2.39
C ASP D 15 4.19 -12.22 -3.14
N SER D 16 3.73 -11.77 -4.29
CA SER D 16 2.80 -12.57 -5.08
C SER D 16 3.48 -13.86 -5.58
N VAL D 17 4.74 -13.76 -5.99
CA VAL D 17 5.47 -14.94 -6.45
C VAL D 17 5.69 -15.91 -5.27
N TYR D 18 6.07 -15.38 -4.10
CA TYR D 18 6.22 -16.24 -2.93
C TYR D 18 4.91 -16.93 -2.57
N GLU D 19 3.79 -16.20 -2.67
CA GLU D 19 2.50 -16.82 -2.35
C GLU D 19 2.15 -17.91 -3.37
N ARG D 20 2.48 -17.68 -4.65
CA ARG D 20 2.24 -18.70 -5.65
C ARG D 20 3.16 -19.91 -5.46
N LEU D 21 4.38 -19.69 -4.96
CA LEU D 21 5.25 -20.81 -4.64
C LEU D 21 4.70 -21.60 -3.46
N LEU D 22 4.10 -20.91 -2.49
CA LEU D 22 3.44 -21.57 -1.37
C LEU D 22 2.39 -22.57 -1.84
N ALA D 23 1.68 -22.22 -2.92
CA ALA D 23 0.72 -23.14 -3.53
C ALA D 23 1.37 -24.40 -4.08
N GLU D 24 2.67 -24.34 -4.39
CA GLU D 24 3.43 -25.51 -4.79
C GLU D 24 4.17 -26.14 -3.61
N ARG D 25 3.85 -25.70 -2.39
CA ARG D 25 4.49 -26.17 -1.17
C ARG D 25 5.98 -25.88 -1.17
N ILE D 26 6.38 -24.74 -1.75
CA ILE D 26 7.77 -24.29 -1.77
C ILE D 26 7.90 -23.06 -0.87
N ILE D 27 8.82 -23.13 0.09
CA ILE D 27 9.10 -22.08 1.06
C ILE D 27 10.52 -21.58 0.81
N PHE D 28 10.73 -20.28 1.03
CA PHE D 28 12.01 -19.62 0.81
C PHE D 28 12.56 -19.08 2.12
N LEU D 29 13.78 -19.46 2.46
CA LEU D 29 14.54 -18.82 3.53
C LEU D 29 15.70 -18.11 2.85
N GLY D 30 15.53 -16.80 2.61
CA GLY D 30 16.48 -16.03 1.84
C GLY D 30 17.17 -14.91 2.58
N SER D 31 17.13 -14.89 3.90
CA SER D 31 17.79 -13.84 4.65
C SER D 31 18.24 -14.40 6.00
N GLN D 32 18.84 -13.52 6.80
CA GLN D 32 19.31 -13.87 8.13
C GLN D 32 18.15 -14.36 8.99
N VAL D 33 18.42 -15.33 9.85
CA VAL D 33 17.40 -15.88 10.75
C VAL D 33 17.35 -15.00 12.00
N ASP D 34 16.34 -14.16 12.10
CA ASP D 34 16.03 -13.47 13.35
C ASP D 34 14.63 -13.86 13.80
N ASP D 35 14.15 -13.19 14.86
CA ASP D 35 12.85 -13.54 15.42
C ASP D 35 11.72 -13.36 14.40
N ASP D 36 11.76 -12.28 13.63
CA ASP D 36 10.73 -12.05 12.63
C ASP D 36 10.71 -13.17 11.60
N ILE D 37 11.89 -13.54 11.08
CA ILE D 37 11.96 -14.56 10.04
C ILE D 37 11.51 -15.91 10.58
N ALA D 38 11.88 -16.21 11.82
CA ALA D 38 11.42 -17.45 12.43
C ALA D 38 9.90 -17.52 12.50
N ASN D 39 9.26 -16.40 12.89
CA ASN D 39 7.80 -16.37 12.93
C ASN D 39 7.21 -16.61 11.56
N ARG D 40 7.76 -15.92 10.54
CA ARG D 40 7.26 -16.05 9.17
C ARG D 40 7.44 -17.49 8.68
N LEU D 41 8.60 -18.08 8.95
CA LEU D 41 8.88 -19.44 8.51
C LEU D 41 8.01 -20.46 9.25
N CYS D 42 7.95 -20.35 10.58
CA CYS D 42 7.07 -21.22 11.36
C CYS D 42 5.64 -21.17 10.86
N ALA D 43 5.13 -19.96 10.57
CA ALA D 43 3.75 -19.82 10.15
C ALA D 43 3.52 -20.52 8.82
N GLN D 44 4.45 -20.39 7.87
CA GLN D 44 4.28 -21.04 6.57
C GLN D 44 4.34 -22.56 6.72
N ILE D 45 5.19 -23.07 7.61
CA ILE D 45 5.26 -24.52 7.81
C ILE D 45 3.95 -25.03 8.40
N LEU D 46 3.43 -24.34 9.43
CA LEU D 46 2.15 -24.71 10.00
C LEU D 46 1.04 -24.65 8.97
N LEU D 47 1.01 -23.60 8.15
CA LEU D 47 -0.03 -23.47 7.14
C LEU D 47 0.02 -24.61 6.14
N LEU D 48 1.21 -24.93 5.62
CA LEU D 48 1.33 -26.00 4.64
C LEU D 48 0.99 -27.35 5.27
N SER D 49 1.34 -27.54 6.54
CA SER D 49 0.95 -28.76 7.24
C SER D 49 -0.57 -28.88 7.32
N ALA D 50 -1.25 -27.77 7.66
CA ALA D 50 -2.69 -27.83 7.84
C ALA D 50 -3.40 -28.07 6.51
N GLU D 51 -2.88 -27.50 5.43
CA GLU D 51 -3.49 -27.66 4.11
C GLU D 51 -3.43 -29.11 3.64
N ASP D 52 -2.27 -29.75 3.79
CA ASP D 52 -2.13 -31.15 3.42
C ASP D 52 -0.98 -31.75 4.22
N PRO D 53 -1.28 -32.46 5.31
CA PRO D 53 -0.21 -33.05 6.13
C PRO D 53 0.47 -34.25 5.50
N THR D 54 0.09 -34.68 4.29
CA THR D 54 0.69 -35.87 3.69
C THR D 54 1.71 -35.54 2.59
N LYS D 55 1.84 -34.27 2.20
CA LYS D 55 2.76 -33.90 1.13
C LYS D 55 3.98 -33.18 1.67
N ASP D 56 5.13 -33.44 1.06
CA ASP D 56 6.37 -32.78 1.46
C ASP D 56 6.26 -31.27 1.35
N ILE D 57 7.00 -30.59 2.20
CA ILE D 57 7.32 -29.19 2.05
C ILE D 57 8.75 -29.09 1.52
N HIS D 58 9.01 -28.10 0.65
CA HIS D 58 10.31 -27.90 0.04
C HIS D 58 10.86 -26.56 0.52
N LEU D 59 11.90 -26.60 1.35
CA LEU D 59 12.47 -25.40 1.97
C LEU D 59 13.78 -25.07 1.24
N TYR D 60 13.74 -24.01 0.43
CA TYR D 60 14.92 -23.52 -0.26
C TYR D 60 15.65 -22.52 0.64
N ILE D 61 16.97 -22.65 0.73
CA ILE D 61 17.75 -21.91 1.72
C ILE D 61 18.85 -21.14 0.99
N ASN D 62 18.89 -19.83 1.21
CA ASN D 62 20.01 -18.98 0.80
C ASN D 62 20.15 -17.95 1.92
N SER D 63 20.82 -18.35 3.01
CA SER D 63 20.80 -17.58 4.25
C SER D 63 22.20 -17.41 4.83
N PRO D 64 22.57 -16.19 5.23
CA PRO D 64 23.91 -15.94 5.78
C PRO D 64 24.07 -16.25 7.27
N GLY D 65 23.04 -16.65 7.97
CA GLY D 65 23.19 -17.00 9.36
C GLY D 65 21.95 -16.62 10.13
N GLY D 66 22.06 -16.70 11.44
CA GLY D 66 20.93 -16.35 12.28
C GLY D 66 21.19 -16.75 13.72
N SER D 67 20.27 -16.33 14.58
CA SER D 67 20.41 -16.59 16.00
C SER D 67 20.00 -18.03 16.30
N ILE D 68 20.63 -18.61 17.33
CA ILE D 68 20.32 -19.97 17.73
C ILE D 68 18.85 -20.09 18.13
N SER D 69 18.36 -19.15 18.94
CA SER D 69 17.00 -19.27 19.48
C SER D 69 15.97 -19.26 18.35
N ALA D 70 16.16 -18.38 17.37
CA ALA D 70 15.21 -18.31 16.26
C ALA D 70 15.30 -19.56 15.38
N GLY D 71 16.52 -20.04 15.13
CA GLY D 71 16.67 -21.26 14.35
C GLY D 71 16.07 -22.47 15.06
N MET D 72 16.18 -22.53 16.38
CA MET D 72 15.61 -23.66 17.12
C MET D 72 14.08 -23.65 17.07
N ALA D 73 13.47 -22.47 17.07
CA ALA D 73 12.03 -22.40 16.93
C ALA D 73 11.60 -22.94 15.57
N ILE D 74 12.32 -22.57 14.52
CA ILE D 74 12.00 -23.10 13.19
C ILE D 74 12.19 -24.61 13.19
N TYR D 75 13.29 -25.09 13.78
CA TYR D 75 13.56 -26.53 13.77
C TYR D 75 12.44 -27.30 14.46
N ASP D 76 12.02 -26.84 15.64
CA ASP D 76 10.96 -27.55 16.35
C ASP D 76 9.68 -27.56 15.52
N THR D 77 9.44 -26.49 14.73
CA THR D 77 8.25 -26.46 13.89
C THR D 77 8.39 -27.41 12.69
N MET D 78 9.59 -27.51 12.11
CA MET D 78 9.85 -28.52 11.09
C MET D 78 9.49 -29.92 11.60
N VAL D 79 9.91 -30.25 12.84
CA VAL D 79 9.63 -31.55 13.43
C VAL D 79 8.16 -31.70 13.79
N LEU D 80 7.54 -30.62 14.29
CA LEU D 80 6.10 -30.64 14.56
C LEU D 80 5.31 -31.00 13.31
N ALA D 81 5.74 -30.51 12.14
CA ALA D 81 5.00 -30.77 10.91
C ALA D 81 4.92 -32.27 10.71
N PRO D 82 3.72 -32.81 10.46
CA PRO D 82 3.64 -34.24 10.15
C PRO D 82 4.22 -34.58 8.79
N CYS D 83 4.31 -33.66 7.84
CA CYS D 83 4.93 -34.04 6.59
C CYS D 83 6.44 -33.88 6.64
N ASP D 84 7.11 -34.51 5.67
CA ASP D 84 8.54 -34.34 5.46
C ASP D 84 8.85 -32.93 4.98
N ILE D 85 10.07 -32.48 5.28
CA ILE D 85 10.59 -31.19 4.82
C ILE D 85 11.90 -31.46 4.09
N ALA D 86 11.84 -31.39 2.76
CA ALA D 86 13.06 -31.43 1.97
C ALA D 86 13.72 -30.05 2.03
N THR D 87 15.05 -30.04 2.09
CA THR D 87 15.79 -28.79 2.14
C THR D 87 16.74 -28.72 0.95
N TYR D 88 16.99 -27.49 0.48
CA TYR D 88 17.84 -27.27 -0.69
C TYR D 88 18.77 -26.09 -0.41
N ALA D 89 20.07 -26.32 -0.45
CA ALA D 89 21.04 -25.24 -0.32
C ALA D 89 21.12 -24.58 -1.70
N MET D 90 20.52 -23.39 -1.83
CA MET D 90 20.44 -22.73 -3.11
C MET D 90 21.63 -21.82 -3.38
N GLY D 91 22.15 -21.15 -2.35
CA GLY D 91 23.36 -20.39 -2.54
C GLY D 91 24.29 -20.53 -1.36
N MET D 92 23.91 -19.91 -0.26
CA MET D 92 24.66 -19.95 0.99
C MET D 92 23.80 -20.60 2.06
N ALA D 93 24.41 -21.43 2.90
CA ALA D 93 23.72 -21.97 4.08
C ALA D 93 24.74 -21.88 5.22
N ALA D 94 24.68 -20.78 5.95
CA ALA D 94 25.66 -20.45 6.98
C ALA D 94 25.00 -20.41 8.35
N SER D 95 25.72 -20.93 9.35
CA SER D 95 25.33 -20.77 10.76
C SER D 95 24.00 -21.50 10.94
N MET D 96 22.96 -20.84 11.46
CA MET D 96 21.70 -21.55 11.61
C MET D 96 21.07 -21.87 10.25
N GLY D 97 21.53 -21.23 9.17
CA GLY D 97 21.13 -21.66 7.84
C GLY D 97 21.67 -23.03 7.48
N GLU D 98 22.93 -23.31 7.85
CA GLU D 98 23.47 -24.66 7.70
C GLU D 98 22.67 -25.65 8.56
N PHE D 99 22.39 -25.26 9.80
CA PHE D 99 21.66 -26.11 10.74
C PHE D 99 20.30 -26.53 10.18
N LEU D 100 19.53 -25.57 9.67
CA LEU D 100 18.20 -25.89 9.13
C LEU D 100 18.30 -26.74 7.86
N LEU D 101 19.32 -26.48 7.04
CA LEU D 101 19.58 -27.36 5.89
C LEU D 101 19.82 -28.80 6.35
N ALA D 102 20.73 -28.98 7.31
CA ALA D 102 21.06 -30.31 7.82
C ALA D 102 19.91 -30.95 8.57
N ALA D 103 18.97 -30.15 9.07
CA ALA D 103 17.79 -30.62 9.78
C ALA D 103 16.67 -31.09 8.86
N GLY D 104 16.82 -30.97 7.55
CA GLY D 104 15.82 -31.51 6.64
C GLY D 104 15.62 -33.01 6.83
N THR D 105 14.48 -33.50 6.38
CA THR D 105 14.19 -34.93 6.44
C THR D 105 15.33 -35.71 5.80
N LYS D 106 15.95 -36.61 6.57
CA LYS D 106 17.10 -37.34 6.07
CA LYS D 106 17.09 -37.36 6.08
C LYS D 106 16.71 -38.12 4.81
N GLY D 107 17.58 -38.05 3.81
CA GLY D 107 17.28 -38.52 2.48
C GLY D 107 16.80 -37.43 1.55
N LYS D 108 16.31 -36.32 2.10
CA LYS D 108 15.74 -35.25 1.28
C LYS D 108 16.46 -33.92 1.49
N ARG D 109 17.76 -33.97 1.82
CA ARG D 109 18.58 -32.78 1.99
C ARG D 109 19.50 -32.66 0.77
N TYR D 110 19.40 -31.53 0.08
CA TYR D 110 20.06 -31.37 -1.21
C TYR D 110 20.91 -30.10 -1.22
N ALA D 111 21.99 -30.12 -1.99
CA ALA D 111 22.76 -28.92 -2.28
C ALA D 111 22.82 -28.72 -3.79
N LEU D 112 22.62 -27.48 -4.23
CA LEU D 112 22.87 -27.16 -5.63
C LEU D 112 24.38 -27.15 -5.83
N PRO D 113 24.85 -27.30 -7.09
CA PRO D 113 26.29 -27.58 -7.27
C PRO D 113 27.22 -26.49 -6.77
N HIS D 114 26.79 -25.24 -6.73
CA HIS D 114 27.69 -24.17 -6.28
C HIS D 114 27.29 -23.60 -4.94
N ALA D 115 26.42 -24.30 -4.19
CA ALA D 115 26.08 -23.86 -2.85
C ALA D 115 27.29 -23.94 -1.93
N ARG D 116 27.32 -23.09 -0.91
CA ARG D 116 28.39 -23.12 0.09
C ARG D 116 27.77 -23.26 1.47
N ILE D 117 28.30 -24.16 2.27
CA ILE D 117 27.80 -24.41 3.61
C ILE D 117 28.86 -23.94 4.61
N LEU D 118 28.46 -23.12 5.58
CA LEU D 118 29.42 -22.57 6.53
C LEU D 118 28.98 -22.87 7.96
N MET D 119 29.88 -23.46 8.73
CA MET D 119 29.64 -23.69 10.15
C MET D 119 30.12 -22.49 10.95
N HIS D 120 29.39 -22.19 12.03
CA HIS D 120 29.66 -20.98 12.79
C HIS D 120 28.95 -21.08 14.14
N GLN D 121 29.56 -20.48 15.16
CA GLN D 121 28.93 -20.45 16.48
C GLN D 121 28.24 -19.09 16.64
N PRO D 122 26.91 -19.01 16.50
CA PRO D 122 26.26 -17.70 16.35
C PRO D 122 25.82 -17.04 17.63
N LEU D 123 25.17 -15.87 17.47
CA LEU D 123 24.43 -15.24 18.56
C LEU D 123 23.34 -16.16 19.08
N GLY D 124 23.10 -16.14 20.38
CA GLY D 124 22.02 -16.92 20.94
C GLY D 124 20.65 -16.36 20.62
N GLY D 125 20.55 -15.03 20.49
CA GLY D 125 19.25 -14.40 20.39
C GLY D 125 18.45 -14.47 21.69
N VAL D 126 19.13 -14.50 22.83
CA VAL D 126 18.49 -14.64 24.13
C VAL D 126 18.48 -13.35 24.93
N THR D 127 18.87 -12.23 24.32
CA THR D 127 18.98 -10.96 25.03
C THR D 127 17.70 -10.13 24.96
N GLY D 128 16.64 -10.65 24.31
CA GLY D 128 15.38 -9.93 24.26
C GLY D 128 14.61 -9.91 25.57
N SER D 129 14.91 -10.84 26.47
CA SER D 129 14.17 -10.92 27.72
C SER D 129 14.55 -9.78 28.66
N ALA D 130 13.74 -9.62 29.70
CA ALA D 130 14.05 -8.70 30.78
C ALA D 130 14.86 -9.36 31.87
N ALA D 131 15.36 -10.57 31.62
CA ALA D 131 16.09 -11.30 32.65
C ALA D 131 17.55 -10.86 32.70
N ASP D 132 18.17 -11.16 33.84
CA ASP D 132 19.57 -10.89 34.08
C ASP D 132 20.44 -11.57 33.01
N ILE D 133 21.59 -10.95 32.71
CA ILE D 133 22.52 -11.52 31.74
C ILE D 133 23.02 -12.90 32.19
N ALA D 134 23.07 -13.14 33.50
CA ALA D 134 23.40 -14.48 33.99
C ALA D 134 22.36 -15.49 33.54
N ILE D 135 21.08 -15.12 33.62
CA ILE D 135 20.02 -16.00 33.17
C ILE D 135 20.08 -16.20 31.66
N GLN D 136 20.38 -15.13 30.91
CA GLN D 136 20.53 -15.25 29.46
C GLN D 136 21.68 -16.19 29.11
N ALA D 137 22.80 -16.10 29.82
CA ALA D 137 23.95 -16.95 29.52
C ALA D 137 23.66 -18.41 29.83
N GLU D 138 22.89 -18.67 30.89
CA GLU D 138 22.48 -20.04 31.21
C GLU D 138 21.71 -20.64 30.05
N GLN D 139 20.73 -19.91 29.53
CA GLN D 139 19.98 -20.38 28.38
C GLN D 139 20.91 -20.57 27.19
N PHE D 140 21.78 -19.60 26.95
CA PHE D 140 22.65 -19.68 25.78
C PHE D 140 23.54 -20.92 25.84
N ALA D 141 24.10 -21.22 27.01
CA ALA D 141 24.93 -22.42 27.15
C ALA D 141 24.16 -23.68 26.84
N VAL D 142 22.89 -23.76 27.28
CA VAL D 142 22.09 -24.95 27.03
C VAL D 142 21.75 -25.09 25.55
N ILE D 143 21.32 -24.00 24.91
CA ILE D 143 20.88 -24.16 23.53
C ILE D 143 22.08 -24.31 22.60
N LYS D 144 23.21 -23.71 22.96
CA LYS D 144 24.41 -23.90 22.14
C LYS D 144 24.84 -25.35 22.15
N LYS D 145 24.90 -25.94 23.34
CA LYS D 145 25.27 -27.35 23.45
C LYS D 145 24.29 -28.23 22.67
N GLU D 146 22.99 -27.94 22.76
CA GLU D 146 22.01 -28.71 22.03
C GLU D 146 22.16 -28.52 20.51
N MET D 147 22.51 -27.30 20.08
CA MET D 147 22.78 -27.08 18.66
C MET D 147 23.92 -27.97 18.17
N PHE D 148 25.03 -28.04 18.93
CA PHE D 148 26.12 -28.95 18.57
C PHE D 148 25.65 -30.40 18.52
N ARG D 149 24.91 -30.83 19.55
CA ARG D 149 24.45 -32.23 19.60
C ARG D 149 23.57 -32.57 18.40
N LEU D 150 22.70 -31.64 18.01
CA LEU D 150 21.82 -31.92 16.88
C LEU D 150 22.58 -31.89 15.57
N ASN D 151 23.51 -30.94 15.40
CA ASN D 151 24.35 -30.95 14.21
C ASN D 151 25.11 -32.27 14.11
N ALA D 152 25.57 -32.80 15.24
CA ALA D 152 26.25 -34.09 15.23
C ALA D 152 25.30 -35.20 14.80
N GLU D 153 24.07 -35.17 15.32
CA GLU D 153 23.06 -36.15 14.92
C GLU D 153 22.73 -36.05 13.43
N PHE D 154 22.62 -34.81 12.90
CA PHE D 154 22.25 -34.64 11.50
C PHE D 154 23.34 -35.17 10.56
N THR D 155 24.60 -34.94 10.90
CA THR D 155 25.68 -35.20 9.96
C THR D 155 26.30 -36.58 10.16
N GLY D 156 26.13 -37.18 11.33
CA GLY D 156 26.89 -38.36 11.71
C GLY D 156 28.28 -38.09 12.22
N GLN D 157 28.67 -36.78 12.43
CA GLN D 157 30.00 -36.48 12.97
C GLN D 157 30.00 -36.49 14.50
N PRO D 158 31.14 -36.79 15.12
CA PRO D 158 31.22 -36.70 16.58
C PRO D 158 31.07 -35.26 17.06
N ILE D 159 30.51 -35.11 18.26
CA ILE D 159 30.20 -33.77 18.76
C ILE D 159 31.46 -32.93 18.89
N GLU D 160 32.61 -33.55 19.23
CA GLU D 160 33.86 -32.81 19.31
C GLU D 160 34.24 -32.20 17.97
N ARG D 161 34.04 -32.94 16.87
CA ARG D 161 34.39 -32.40 15.56
C ARG D 161 33.46 -31.25 15.19
N ILE D 162 32.15 -31.39 15.49
CA ILE D 162 31.21 -30.30 15.22
C ILE D 162 31.65 -29.03 15.95
N GLU D 163 31.99 -29.14 17.23
CA GLU D 163 32.35 -27.96 18.00
CA GLU D 163 32.35 -27.96 18.01
C GLU D 163 33.66 -27.35 17.53
N ALA D 164 34.66 -28.20 17.22
CA ALA D 164 35.93 -27.67 16.75
C ALA D 164 35.78 -27.02 15.38
N ASP D 165 35.07 -27.67 14.46
CA ASP D 165 34.87 -27.09 13.13
C ASP D 165 34.05 -25.81 13.20
N SER D 166 33.05 -25.74 14.08
CA SER D 166 32.28 -24.50 14.22
C SER D 166 33.14 -23.38 14.78
N ASP D 167 34.03 -23.71 15.73
CA ASP D 167 34.92 -22.72 16.32
C ASP D 167 35.80 -22.06 15.28
N ARG D 168 36.23 -22.80 14.25
CA ARG D 168 37.11 -22.26 13.23
C ARG D 168 36.37 -21.85 11.97
N ASP D 169 35.03 -21.74 12.03
CA ASP D 169 34.23 -21.32 10.88
C ASP D 169 34.55 -22.14 9.64
N ARG D 170 34.69 -23.45 9.83
CA ARG D 170 34.93 -24.33 8.69
C ARG D 170 33.78 -24.22 7.69
N TRP D 171 34.12 -24.13 6.41
CA TRP D 171 33.13 -24.06 5.34
C TRP D 171 33.40 -25.17 4.31
N PHE D 172 32.41 -25.36 3.44
CA PHE D 172 32.33 -26.53 2.57
C PHE D 172 31.74 -26.15 1.23
N THR D 173 32.33 -26.68 0.16
CA THR D 173 31.64 -26.73 -1.13
C THR D 173 30.51 -27.75 -1.06
N ALA D 174 29.68 -27.81 -2.11
CA ALA D 174 28.58 -28.76 -2.10
C ALA D 174 29.10 -30.19 -1.97
N GLN D 175 30.15 -30.52 -2.70
CA GLN D 175 30.70 -31.87 -2.63
C GLN D 175 31.27 -32.17 -1.25
N GLU D 176 31.99 -31.21 -0.66
CA GLU D 176 32.51 -31.40 0.69
C GLU D 176 31.38 -31.49 1.71
N ALA D 177 30.30 -30.73 1.50
CA ALA D 177 29.16 -30.78 2.40
C ALA D 177 28.50 -32.14 2.35
N LEU D 178 28.47 -32.74 1.17
CA LEU D 178 27.91 -34.09 1.00
C LEU D 178 28.73 -35.12 1.76
N GLU D 179 30.05 -35.02 1.66
CA GLU D 179 30.91 -35.98 2.34
C GLU D 179 30.83 -35.81 3.86
N TYR D 180 30.70 -34.57 4.32
CA TYR D 180 30.68 -34.35 5.76
C TYR D 180 29.37 -34.78 6.38
N GLY D 181 28.27 -34.71 5.61
CA GLY D 181 26.98 -35.19 6.08
C GLY D 181 25.86 -34.16 6.22
N PHE D 182 26.06 -32.92 5.76
CA PHE D 182 24.99 -31.92 5.84
C PHE D 182 23.83 -32.23 4.90
N VAL D 183 24.13 -32.74 3.70
CA VAL D 183 23.13 -33.04 2.71
C VAL D 183 23.34 -34.48 2.25
N ASP D 184 22.31 -35.02 1.61
CA ASP D 184 22.29 -36.39 1.12
C ASP D 184 22.62 -36.50 -0.36
N HIS D 185 22.42 -35.44 -1.12
CA HIS D 185 22.65 -35.47 -2.56
C HIS D 185 22.99 -34.06 -3.04
N ILE D 186 23.81 -33.99 -4.08
CA ILE D 186 23.89 -32.79 -4.90
C ILE D 186 22.87 -32.91 -6.02
N ILE D 187 22.05 -31.89 -6.20
CA ILE D 187 21.06 -31.89 -7.27
C ILE D 187 21.51 -30.90 -8.33
N THR D 188 21.58 -31.36 -9.58
CA THR D 188 21.99 -30.50 -10.69
C THR D 188 20.79 -30.01 -11.48
N SER D 189 19.97 -30.93 -12.00
CA SER D 189 18.72 -30.57 -12.66
C SER D 189 17.58 -31.40 -12.09
N ALA D 190 16.41 -30.78 -11.93
CA ALA D 190 15.26 -31.49 -11.41
C ALA D 190 14.76 -32.52 -12.42
N SER D 191 14.32 -33.67 -11.91
CA SER D 191 13.82 -34.74 -12.75
C SER D 191 12.33 -34.57 -12.98
N VAL D 192 11.88 -34.85 -14.21
CA VAL D 192 10.47 -34.70 -14.56
C VAL D 192 9.71 -36.03 -14.58
N ASN D 193 10.35 -37.15 -14.29
CA ASN D 193 9.63 -38.41 -14.36
C ASN D 193 10.24 -39.44 -13.40
N GLY D 194 10.14 -39.16 -12.10
CA GLY D 194 10.48 -40.12 -11.07
C GLY D 194 11.83 -40.81 -11.19
N GLU D 195 12.73 -40.26 -12.00
CA GLU D 195 14.07 -40.79 -12.08
C GLU D 195 14.87 -40.36 -10.87
N GLY D 196 14.96 -39.05 -10.66
CA GLY D 196 15.58 -38.51 -9.49
C GLY D 196 14.66 -37.53 -8.80
N PRO D 197 15.23 -36.69 -7.94
CA PRO D 197 14.41 -35.73 -7.18
C PRO D 197 13.77 -34.70 -8.08
N GLY D 198 12.53 -34.37 -7.77
CA GLY D 198 11.79 -33.36 -8.52
C GLY D 198 11.96 -31.96 -7.99
N ALA D 199 12.50 -31.80 -6.77
CA ALA D 199 12.80 -30.52 -6.17
C ALA D 199 11.54 -29.68 -5.94
N GLY D 200 10.39 -30.35 -5.84
CA GLY D 200 9.13 -29.65 -5.70
C GLY D 200 8.58 -29.07 -6.98
N LEU D 201 9.27 -29.26 -8.11
CA LEU D 201 8.85 -28.75 -9.40
C LEU D 201 8.05 -29.77 -10.18
N ASP D 202 7.75 -30.91 -9.55
CA ASP D 202 6.97 -32.00 -10.10
C ASP D 202 5.49 -31.63 -10.15
N LEU E 11 -1.62 -6.08 2.58
CA LEU E 11 -1.93 -7.48 2.35
C LEU E 11 -0.67 -8.28 2.00
N ASN E 12 0.45 -7.93 2.63
CA ASN E 12 1.72 -8.53 2.27
C ASN E 12 1.69 -10.05 2.55
N LEU E 13 2.79 -10.72 2.17
CA LEU E 13 2.83 -12.18 2.28
C LEU E 13 2.64 -12.62 3.72
N VAL E 14 3.37 -12.00 4.65
CA VAL E 14 3.32 -12.39 6.05
C VAL E 14 1.89 -12.31 6.60
N ASP E 15 1.20 -11.20 6.32
CA ASP E 15 -0.17 -11.04 6.78
C ASP E 15 -1.12 -12.02 6.09
N SER E 16 -0.91 -12.29 4.79
CA SER E 16 -1.72 -13.29 4.10
C SER E 16 -1.63 -14.66 4.78
N VAL E 17 -0.42 -15.05 5.17
CA VAL E 17 -0.23 -16.35 5.80
C VAL E 17 -0.92 -16.39 7.16
N TYR E 18 -0.80 -15.33 7.95
CA TYR E 18 -1.49 -15.26 9.24
C TYR E 18 -3.00 -15.34 9.05
N GLU E 19 -3.55 -14.66 8.04
CA GLU E 19 -4.99 -14.69 7.84
C GLU E 19 -5.45 -16.09 7.45
N ARG E 20 -4.67 -16.76 6.61
CA ARG E 20 -5.01 -18.12 6.24
C ARG E 20 -4.86 -19.07 7.42
N LEU E 21 -3.91 -18.80 8.33
CA LEU E 21 -3.84 -19.61 9.54
C LEU E 21 -5.06 -19.39 10.42
N LEU E 22 -5.58 -18.17 10.45
CA LEU E 22 -6.80 -17.87 11.20
C LEU E 22 -7.94 -18.78 10.78
N ALA E 23 -8.04 -19.08 9.49
CA ALA E 23 -9.03 -20.03 8.99
C ALA E 23 -8.81 -21.45 9.52
N GLU E 24 -7.60 -21.79 9.97
CA GLU E 24 -7.39 -23.03 10.68
C GLU E 24 -7.55 -22.87 12.18
N ARG E 25 -8.00 -21.69 12.63
CA ARG E 25 -8.17 -21.37 14.04
C ARG E 25 -6.82 -21.37 14.78
N ILE E 26 -5.76 -20.99 14.07
CA ILE E 26 -4.42 -20.89 14.63
C ILE E 26 -4.06 -19.40 14.71
N ILE E 27 -3.61 -18.96 15.88
CA ILE E 27 -3.16 -17.58 16.06
C ILE E 27 -1.81 -17.58 16.75
N PHE E 28 -1.07 -16.50 16.52
CA PHE E 28 0.33 -16.36 16.94
C PHE E 28 0.52 -15.23 17.92
N LEU E 29 1.22 -15.49 19.01
CA LEU E 29 1.78 -14.43 19.85
C LEU E 29 3.30 -14.51 19.66
N GLY E 30 3.80 -13.81 18.64
CA GLY E 30 5.20 -13.91 18.24
C GLY E 30 6.10 -12.77 18.65
N SER E 31 5.68 -11.88 19.53
CA SER E 31 6.49 -10.72 19.85
C SER E 31 6.18 -10.25 21.27
N GLN E 32 6.81 -9.16 21.65
CA GLN E 32 6.60 -8.56 22.96
C GLN E 32 5.12 -8.18 23.12
N VAL E 33 4.57 -8.43 24.30
CA VAL E 33 3.17 -8.11 24.55
C VAL E 33 3.06 -6.61 24.86
N ASP E 34 2.35 -5.87 24.02
CA ASP E 34 2.02 -4.49 24.34
C ASP E 34 0.56 -4.22 23.98
N ASP E 35 0.09 -2.97 24.09
CA ASP E 35 -1.32 -2.68 23.85
C ASP E 35 -1.75 -3.06 22.44
N ASP E 36 -0.90 -2.80 21.44
CA ASP E 36 -1.24 -3.15 20.06
C ASP E 36 -1.38 -4.67 19.90
N ILE E 37 -0.43 -5.42 20.41
CA ILE E 37 -0.51 -6.88 20.29
C ILE E 37 -1.75 -7.41 21.01
N ALA E 38 -2.01 -6.88 22.20
CA ALA E 38 -3.18 -7.31 22.98
C ALA E 38 -4.47 -7.06 22.20
N ASN E 39 -4.63 -5.85 21.66
CA ASN E 39 -5.81 -5.58 20.82
C ASN E 39 -5.92 -6.57 19.69
N ARG E 40 -4.82 -6.83 18.99
CA ARG E 40 -4.88 -7.75 17.86
C ARG E 40 -5.29 -9.15 18.32
N LEU E 41 -4.68 -9.63 19.40
CA LEU E 41 -4.94 -10.99 19.85
C LEU E 41 -6.36 -11.13 20.41
N CYS E 42 -6.81 -10.15 21.19
CA CYS E 42 -8.19 -10.18 21.68
C CYS E 42 -9.17 -10.20 20.52
N ALA E 43 -8.91 -9.38 19.50
CA ALA E 43 -9.81 -9.33 18.35
C ALA E 43 -9.88 -10.69 17.67
N GLN E 44 -8.74 -11.36 17.50
CA GLN E 44 -8.73 -12.68 16.88
C GLN E 44 -9.50 -13.70 17.71
N ILE E 45 -9.35 -13.64 19.04
CA ILE E 45 -10.06 -14.60 19.90
C ILE E 45 -11.57 -14.37 19.80
N LEU E 46 -12.01 -13.10 19.91
CA LEU E 46 -13.43 -12.80 19.73
C LEU E 46 -13.92 -13.27 18.36
N LEU E 47 -13.15 -13.02 17.31
CA LEU E 47 -13.58 -13.40 15.97
C LEU E 47 -13.72 -14.92 15.84
N LEU E 48 -12.71 -15.67 16.30
CA LEU E 48 -12.77 -17.12 16.20
C LEU E 48 -13.92 -17.69 17.04
N SER E 49 -14.15 -17.09 18.21
CA SER E 49 -15.27 -17.47 19.06
C SER E 49 -16.61 -17.24 18.36
N ALA E 50 -16.79 -16.05 17.79
CA ALA E 50 -18.04 -15.74 17.11
C ALA E 50 -18.27 -16.64 15.90
N GLU E 51 -17.19 -17.00 15.19
CA GLU E 51 -17.31 -17.85 14.01
C GLU E 51 -17.76 -19.26 14.37
N ASP E 52 -17.22 -19.82 15.45
CA ASP E 52 -17.62 -21.15 15.91
C ASP E 52 -17.23 -21.33 17.37
N PRO E 53 -18.18 -21.19 18.30
CA PRO E 53 -17.85 -21.22 19.72
C PRO E 53 -17.60 -22.61 20.28
N THR E 54 -17.65 -23.64 19.43
CA THR E 54 -17.49 -25.03 19.83
C THR E 54 -16.14 -25.63 19.43
N LYS E 55 -15.37 -24.95 18.59
CA LYS E 55 -14.10 -25.47 18.12
C LYS E 55 -12.94 -24.80 18.84
N ASP E 56 -11.93 -25.59 19.15
CA ASP E 56 -10.73 -25.11 19.83
C ASP E 56 -10.07 -23.98 19.06
N ILE E 57 -9.43 -23.07 19.80
CA ILE E 57 -8.48 -22.10 19.26
C ILE E 57 -7.08 -22.56 19.63
N HIS E 58 -6.12 -22.40 18.71
CA HIS E 58 -4.75 -22.84 18.94
C HIS E 58 -3.84 -21.62 18.97
N LEU E 59 -3.32 -21.31 20.15
CA LEU E 59 -2.49 -20.12 20.36
C LEU E 59 -1.04 -20.57 20.48
N TYR E 60 -0.24 -20.25 19.45
CA TYR E 60 1.19 -20.49 19.45
C TYR E 60 1.92 -19.28 20.02
N ILE E 61 2.91 -19.53 20.89
CA ILE E 61 3.55 -18.49 21.68
C ILE E 61 5.05 -18.58 21.47
N ASN E 62 5.65 -17.48 20.98
CA ASN E 62 7.09 -17.30 20.93
C ASN E 62 7.30 -15.83 21.27
N SER E 63 7.35 -15.54 22.57
CA SER E 63 7.27 -14.15 23.07
C SER E 63 8.24 -13.95 24.23
N PRO E 64 9.02 -12.87 24.19
CA PRO E 64 9.98 -12.60 25.28
C PRO E 64 9.38 -11.87 26.46
N GLY E 65 8.09 -11.60 26.50
CA GLY E 65 7.44 -10.99 27.64
C GLY E 65 6.63 -9.79 27.23
N GLY E 66 6.29 -8.95 28.19
CA GLY E 66 5.57 -7.72 27.90
C GLY E 66 4.84 -7.17 29.11
N SER E 67 3.98 -6.21 28.82
CA SER E 67 3.24 -5.47 29.84
C SER E 67 2.18 -6.35 30.51
N ILE E 68 2.17 -6.34 31.85
CA ILE E 68 1.16 -7.10 32.61
C ILE E 68 -0.24 -6.69 32.17
N SER E 69 -0.48 -5.38 32.04
CA SER E 69 -1.83 -4.92 31.73
C SER E 69 -2.30 -5.48 30.38
N ALA E 70 -1.46 -5.40 29.35
CA ALA E 70 -1.87 -5.94 28.06
C ALA E 70 -2.05 -7.45 28.13
N GLY E 71 -1.14 -8.15 28.79
CA GLY E 71 -1.28 -9.60 28.91
C GLY E 71 -2.55 -9.99 29.66
N MET E 72 -2.89 -9.24 30.73
CA MET E 72 -4.09 -9.58 31.48
C MET E 72 -5.34 -9.43 30.63
N ALA E 73 -5.37 -8.43 29.74
CA ALA E 73 -6.52 -8.25 28.86
C ALA E 73 -6.66 -9.42 27.90
N ILE E 74 -5.54 -9.91 27.38
CA ILE E 74 -5.57 -11.12 26.57
C ILE E 74 -6.13 -12.28 27.40
N TYR E 75 -5.62 -12.43 28.63
CA TYR E 75 -6.07 -13.53 29.50
C TYR E 75 -7.57 -13.49 29.72
N ASP E 76 -8.11 -12.30 30.05
CA ASP E 76 -9.55 -12.20 30.28
C ASP E 76 -10.33 -12.55 29.03
N THR E 77 -9.80 -12.23 27.85
CA THR E 77 -10.48 -12.59 26.61
C THR E 77 -10.42 -14.10 26.38
N MET E 78 -9.29 -14.73 26.74
CA MET E 78 -9.21 -16.18 26.72
C MET E 78 -10.30 -16.81 27.58
N VAL E 79 -10.53 -16.26 28.77
CA VAL E 79 -11.55 -16.81 29.65
C VAL E 79 -12.94 -16.53 29.10
N LEU E 80 -13.14 -15.32 28.54
CA LEU E 80 -14.42 -14.98 27.93
C LEU E 80 -14.81 -15.96 26.84
N ALA E 81 -13.86 -16.34 25.99
CA ALA E 81 -14.16 -17.19 24.86
C ALA E 81 -14.85 -18.47 25.30
N PRO E 82 -15.97 -18.85 24.67
CA PRO E 82 -16.63 -20.11 25.06
C PRO E 82 -15.86 -21.35 24.66
N CYS E 83 -14.98 -21.28 23.68
CA CYS E 83 -14.26 -22.47 23.25
C CYS E 83 -12.97 -22.65 24.03
N ASP E 84 -12.49 -23.89 24.05
CA ASP E 84 -11.17 -24.18 24.61
C ASP E 84 -10.10 -23.43 23.84
N ILE E 85 -9.05 -23.01 24.56
CA ILE E 85 -7.86 -22.44 23.92
C ILE E 85 -6.68 -23.32 24.29
N ALA E 86 -6.18 -24.05 23.30
CA ALA E 86 -4.93 -24.78 23.45
C ALA E 86 -3.77 -23.82 23.25
N THR E 87 -2.72 -24.00 24.05
CA THR E 87 -1.55 -23.15 23.96
C THR E 87 -0.32 -23.99 23.63
N TYR E 88 0.59 -23.39 22.87
CA TYR E 88 1.80 -24.07 22.43
C TYR E 88 3.00 -23.17 22.67
N ALA E 89 3.94 -23.63 23.46
CA ALA E 89 5.19 -22.89 23.63
C ALA E 89 6.08 -23.25 22.44
N MET E 90 6.19 -22.35 21.47
CA MET E 90 6.86 -22.64 20.22
C MET E 90 8.36 -22.38 20.35
N GLY E 91 8.73 -21.24 20.90
CA GLY E 91 10.15 -21.01 21.16
C GLY E 91 10.41 -20.54 22.59
N MET E 92 10.18 -19.26 22.85
CA MET E 92 10.26 -18.68 24.19
C MET E 92 8.85 -18.36 24.68
N ALA E 93 8.59 -18.62 25.95
CA ALA E 93 7.37 -18.14 26.61
C ALA E 93 7.84 -17.52 27.93
N ALA E 94 8.13 -16.23 27.89
CA ALA E 94 8.72 -15.52 29.01
C ALA E 94 7.73 -14.52 29.58
N SER E 95 7.68 -14.43 30.90
CA SER E 95 6.95 -13.39 31.64
C SER E 95 5.48 -13.48 31.25
N MET E 96 4.86 -12.44 30.68
CA MET E 96 3.46 -12.59 30.28
C MET E 96 3.25 -13.65 29.20
N GLY E 97 4.30 -13.97 28.42
CA GLY E 97 4.20 -15.10 27.50
C GLY E 97 4.06 -16.42 28.24
N GLU E 98 4.81 -16.59 29.33
CA GLU E 98 4.62 -17.75 30.21
C GLU E 98 3.21 -17.77 30.80
N PHE E 99 2.76 -16.62 31.32
CA PHE E 99 1.44 -16.53 31.92
C PHE E 99 0.36 -17.01 30.96
N LEU E 100 0.38 -16.55 29.70
CA LEU E 100 -0.67 -16.92 28.76
C LEU E 100 -0.56 -18.39 28.33
N LEU E 101 0.67 -18.89 28.17
CA LEU E 101 0.87 -20.33 27.98
C LEU E 101 0.22 -21.13 29.10
N ALA E 102 0.52 -20.77 30.35
CA ALA E 102 -0.01 -21.51 31.49
C ALA E 102 -1.52 -21.30 31.64
N ALA E 103 -2.07 -20.23 31.08
CA ALA E 103 -3.51 -19.98 31.14
C ALA E 103 -4.32 -20.83 30.15
N GLY E 104 -3.67 -21.65 29.32
CA GLY E 104 -4.43 -22.44 28.35
C GLY E 104 -5.38 -23.41 29.02
N THR E 105 -6.38 -23.86 28.26
CA THR E 105 -7.32 -24.85 28.79
C THR E 105 -6.54 -26.05 29.33
N LYS E 106 -6.76 -26.35 30.61
CA LYS E 106 -6.02 -27.43 31.26
C LYS E 106 -6.20 -28.73 30.50
N GLY E 107 -5.10 -29.46 30.34
CA GLY E 107 -5.06 -30.59 29.46
C GLY E 107 -4.67 -30.27 28.03
N LYS E 108 -4.76 -29.00 27.62
CA LYS E 108 -4.41 -28.62 26.27
C LYS E 108 -3.30 -27.56 26.23
N ARG E 109 -2.42 -27.57 27.24
CA ARG E 109 -1.25 -26.71 27.27
C ARG E 109 -0.03 -27.55 26.89
N TYR E 110 0.72 -27.09 25.87
CA TYR E 110 1.78 -27.86 25.26
C TYR E 110 3.08 -27.07 25.14
N ALA E 111 4.21 -27.78 25.24
CA ALA E 111 5.52 -27.22 24.94
C ALA E 111 6.16 -28.04 23.83
N LEU E 112 6.78 -27.37 22.86
CA LEU E 112 7.62 -28.07 21.91
C LEU E 112 8.95 -28.43 22.60
N PRO E 113 9.68 -29.41 22.07
CA PRO E 113 10.78 -30.01 22.87
C PRO E 113 11.90 -29.05 23.26
N HIS E 114 12.21 -28.05 22.44
CA HIS E 114 13.27 -27.11 22.81
C HIS E 114 12.71 -25.76 23.26
N ALA E 115 11.43 -25.67 23.60
CA ALA E 115 10.88 -24.43 24.11
C ALA E 115 11.48 -24.10 25.48
N ARG E 116 11.55 -22.81 25.79
CA ARG E 116 12.02 -22.34 27.10
C ARG E 116 10.94 -21.48 27.73
N ILE E 117 10.70 -21.71 29.03
CA ILE E 117 9.71 -20.96 29.80
C ILE E 117 10.45 -20.15 30.85
N LEU E 118 10.16 -18.85 30.93
CA LEU E 118 10.84 -17.98 31.88
C LEU E 118 9.83 -17.20 32.71
N MET E 119 9.99 -17.27 34.02
CA MET E 119 9.18 -16.50 34.96
C MET E 119 9.88 -15.17 35.24
N HIS E 120 9.08 -14.12 35.40
CA HIS E 120 9.66 -12.79 35.53
C HIS E 120 8.64 -11.85 36.16
N GLN E 121 9.12 -10.97 37.03
CA GLN E 121 8.32 -9.85 37.56
C GLN E 121 8.50 -8.60 36.71
N PRO E 122 7.58 -8.27 35.82
CA PRO E 122 7.73 -7.04 35.04
C PRO E 122 7.73 -5.82 35.95
N LEU E 123 8.40 -4.77 35.52
CA LEU E 123 8.33 -3.50 36.21
C LEU E 123 7.20 -2.65 35.64
N GLY E 124 6.61 -1.82 36.49
CA GLY E 124 5.44 -1.06 36.09
C GLY E 124 5.69 -0.03 35.00
N ALA E 130 -3.32 9.29 32.71
CA ALA E 130 -3.95 10.60 32.91
C ALA E 130 -3.95 11.01 34.38
N ALA E 131 -4.09 10.02 35.27
CA ALA E 131 -3.99 10.23 36.70
C ALA E 131 -2.54 10.09 37.15
N ASP E 132 -2.26 10.55 38.37
CA ASP E 132 -0.87 10.66 38.81
C ASP E 132 -0.23 9.28 38.98
N ILE E 133 1.06 9.30 39.30
CA ILE E 133 1.82 8.06 39.47
C ILE E 133 1.22 7.17 40.55
N ALA E 134 0.60 7.78 41.58
CA ALA E 134 0.01 6.98 42.65
C ALA E 134 -1.11 6.09 42.13
N ILE E 135 -1.99 6.64 41.28
CA ILE E 135 -3.06 5.85 40.71
C ILE E 135 -2.52 4.73 39.83
N GLN E 136 -1.49 5.03 39.02
CA GLN E 136 -0.95 4.00 38.15
C GLN E 136 -0.29 2.89 38.95
N ALA E 137 0.39 3.27 40.05
CA ALA E 137 1.03 2.26 40.88
C ALA E 137 0.00 1.36 41.56
N GLU E 138 -1.13 1.93 41.95
CA GLU E 138 -2.19 1.15 42.58
C GLU E 138 -2.76 0.13 41.62
N GLN E 139 -3.03 0.57 40.38
CA GLN E 139 -3.52 -0.34 39.35
C GLN E 139 -2.48 -1.40 39.04
N PHE E 140 -1.21 -1.03 38.95
CA PHE E 140 -0.18 -2.03 38.70
C PHE E 140 -0.13 -3.05 39.83
N ALA E 141 -0.34 -2.59 41.07
CA ALA E 141 -0.27 -3.51 42.20
C ALA E 141 -1.32 -4.60 42.10
N VAL E 142 -2.56 -4.25 41.74
CA VAL E 142 -3.60 -5.28 41.73
C VAL E 142 -3.36 -6.27 40.60
N ILE E 143 -2.95 -5.80 39.42
CA ILE E 143 -2.77 -6.78 38.34
C ILE E 143 -1.52 -7.62 38.56
N LYS E 144 -0.49 -7.06 39.20
CA LYS E 144 0.67 -7.87 39.56
C LYS E 144 0.30 -8.95 40.56
N LYS E 145 -0.47 -8.59 41.60
CA LYS E 145 -0.94 -9.60 42.56
C LYS E 145 -1.80 -10.66 41.86
N GLU E 146 -2.67 -10.24 40.94
CA GLU E 146 -3.50 -11.19 40.21
C GLU E 146 -2.65 -12.12 39.35
N MET E 147 -1.61 -11.59 38.71
CA MET E 147 -0.72 -12.43 37.92
C MET E 147 -0.07 -13.51 38.79
N PHE E 148 0.38 -13.14 39.99
CA PHE E 148 0.95 -14.12 40.90
C PHE E 148 -0.07 -15.17 41.31
N ARG E 149 -1.26 -14.73 41.75
CA ARG E 149 -2.29 -15.66 42.20
C ARG E 149 -2.69 -16.62 41.09
N LEU E 150 -2.89 -16.10 39.88
CA LEU E 150 -3.33 -16.97 38.80
C LEU E 150 -2.21 -17.91 38.34
N ASN E 151 -0.97 -17.42 38.33
CA ASN E 151 0.16 -18.29 38.00
C ASN E 151 0.24 -19.44 38.99
N ALA E 152 -0.05 -19.17 40.26
CA ALA E 152 -0.08 -20.24 41.27
C ALA E 152 -1.18 -21.24 40.96
N GLU E 153 -2.34 -20.74 40.51
CA GLU E 153 -3.47 -21.62 40.19
C GLU E 153 -3.21 -22.44 38.93
N PHE E 154 -2.65 -21.82 37.89
CA PHE E 154 -2.33 -22.55 36.66
C PHE E 154 -1.36 -23.69 36.92
N THR E 155 -0.34 -23.44 37.74
CA THR E 155 0.73 -24.41 37.93
C THR E 155 0.50 -25.33 39.11
N GLY E 156 -0.39 -24.97 40.03
CA GLY E 156 -0.51 -25.71 41.27
C GLY E 156 0.60 -25.45 42.25
N GLN E 157 1.41 -24.41 42.03
CA GLN E 157 2.51 -24.10 42.95
C GLN E 157 2.04 -23.09 44.00
N PRO E 158 2.66 -23.10 45.18
CA PRO E 158 2.33 -22.09 46.18
C PRO E 158 2.64 -20.70 45.67
N ILE E 159 1.80 -19.74 46.07
CA ILE E 159 1.93 -18.38 45.57
C ILE E 159 3.29 -17.79 45.95
N GLU E 160 3.83 -18.16 47.11
CA GLU E 160 5.11 -17.60 47.51
C GLU E 160 6.24 -18.20 46.69
N ARG E 161 6.07 -19.43 46.19
CA ARG E 161 7.04 -20.00 45.27
C ARG E 161 7.01 -19.28 43.92
N ILE E 162 5.81 -18.97 43.42
CA ILE E 162 5.68 -18.17 42.21
C ILE E 162 6.41 -16.84 42.38
N GLU E 163 6.19 -16.19 43.53
CA GLU E 163 6.80 -14.88 43.75
C GLU E 163 8.32 -14.97 43.81
N ALA E 164 8.82 -15.94 44.59
CA ALA E 164 10.27 -16.07 44.75
C ALA E 164 10.92 -16.48 43.44
N ASP E 165 10.33 -17.45 42.73
CA ASP E 165 10.91 -17.89 41.46
C ASP E 165 10.84 -16.79 40.42
N SER E 166 9.72 -16.06 40.35
CA SER E 166 9.62 -14.92 39.45
C SER E 166 10.67 -13.88 39.78
N ASP E 167 10.93 -13.67 41.07
CA ASP E 167 11.85 -12.62 41.48
C ASP E 167 13.27 -12.87 40.98
N ARG E 168 13.67 -14.13 40.82
CA ARG E 168 15.01 -14.44 40.34
C ARG E 168 15.05 -14.88 38.89
N ASP E 169 13.99 -14.60 38.12
CA ASP E 169 13.94 -14.95 36.69
C ASP E 169 14.21 -16.45 36.47
N ARG E 170 13.58 -17.30 37.26
CA ARG E 170 13.76 -18.73 37.06
C ARG E 170 13.23 -19.14 35.69
N TRP E 171 13.97 -20.02 35.02
CA TRP E 171 13.62 -20.47 33.69
C TRP E 171 13.66 -21.99 33.62
N PHE E 172 12.98 -22.54 32.62
CA PHE E 172 12.69 -23.95 32.52
C PHE E 172 12.87 -24.43 31.08
N THR E 173 13.45 -25.63 30.93
CA THR E 173 13.30 -26.37 29.69
C THR E 173 11.88 -26.93 29.59
N ALA E 174 11.56 -27.51 28.43
CA ALA E 174 10.21 -28.07 28.23
C ALA E 174 9.87 -29.10 29.31
N GLN E 175 10.80 -30.00 29.62
CA GLN E 175 10.53 -31.04 30.61
C GLN E 175 10.39 -30.45 32.01
N GLU E 176 11.25 -29.49 32.36
CA GLU E 176 11.12 -28.82 33.65
C GLU E 176 9.82 -28.04 33.73
N ALA E 177 9.42 -27.41 32.62
CA ALA E 177 8.16 -26.68 32.60
C ALA E 177 6.97 -27.62 32.80
N LEU E 178 7.03 -28.79 32.18
CA LEU E 178 6.02 -29.81 32.41
C LEU E 178 5.96 -30.22 33.89
N GLU E 179 7.13 -30.46 34.51
CA GLU E 179 7.13 -30.87 35.92
C GLU E 179 6.63 -29.77 36.85
N TYR E 180 6.96 -28.51 36.55
CA TYR E 180 6.52 -27.40 37.40
C TYR E 180 5.02 -27.13 37.24
N GLY E 181 4.46 -27.43 36.08
CA GLY E 181 3.02 -27.33 35.87
C GLY E 181 2.55 -26.23 34.92
N PHE E 182 3.46 -25.62 34.16
CA PHE E 182 3.06 -24.64 33.13
C PHE E 182 2.35 -25.31 31.97
N VAL E 183 2.75 -26.53 31.59
CA VAL E 183 2.14 -27.22 30.47
C VAL E 183 1.76 -28.63 30.92
N ASP E 184 0.90 -29.25 30.12
CA ASP E 184 0.39 -30.59 30.37
C ASP E 184 1.13 -31.68 29.63
N HIS E 185 1.69 -31.37 28.47
CA HIS E 185 2.35 -32.37 27.64
C HIS E 185 3.41 -31.68 26.81
N ILE E 186 4.44 -32.44 26.45
CA ILE E 186 5.36 -32.03 25.40
C ILE E 186 4.87 -32.64 24.10
N ILE E 187 4.69 -31.82 23.06
CA ILE E 187 4.42 -32.32 21.72
C ILE E 187 5.73 -32.31 20.94
N THR E 188 6.07 -33.44 20.31
CA THR E 188 7.18 -33.47 19.37
C THR E 188 6.69 -33.32 17.93
N SER E 189 5.71 -34.11 17.54
CA SER E 189 5.15 -34.01 16.20
C SER E 189 3.64 -34.16 16.29
N ALA E 190 2.94 -33.56 15.33
CA ALA E 190 1.49 -33.51 15.39
C ALA E 190 0.88 -34.86 15.00
N SER E 191 -0.20 -35.22 15.69
CA SER E 191 -0.96 -36.42 15.38
C SER E 191 -2.14 -36.05 14.49
N VAL E 192 -2.25 -36.70 13.34
CA VAL E 192 -3.19 -36.29 12.30
C VAL E 192 -4.44 -37.17 12.27
N ASN E 193 -4.34 -38.46 12.60
CA ASN E 193 -5.50 -39.34 12.53
C ASN E 193 -6.32 -39.39 13.81
N GLY E 194 -5.91 -38.72 14.88
CA GLY E 194 -6.84 -38.31 15.91
C GLY E 194 -6.77 -38.99 17.25
N GLU E 195 -5.59 -39.46 17.68
CA GLU E 195 -5.40 -39.84 19.08
C GLU E 195 -3.99 -39.41 19.51
N GLY E 196 -3.81 -38.12 19.36
CA GLY E 196 -2.75 -37.35 19.96
C GLY E 196 -3.15 -35.92 19.68
N PRO E 197 -2.44 -34.96 20.24
CA PRO E 197 -2.73 -33.56 19.89
C PRO E 197 -2.49 -33.31 18.41
N GLY E 198 -3.48 -32.72 17.74
CA GLY E 198 -3.31 -32.36 16.35
C GLY E 198 -2.67 -31.01 16.13
N ALA E 199 -2.48 -30.24 17.20
CA ALA E 199 -1.83 -28.92 17.20
C ALA E 199 -2.49 -27.95 16.22
N GLY E 200 -3.76 -28.18 15.90
CA GLY E 200 -4.45 -27.35 14.93
C GLY E 200 -4.21 -27.71 13.49
N LEU E 201 -3.47 -28.80 13.22
CA LEU E 201 -3.01 -29.13 11.88
C LEU E 201 -3.76 -30.31 11.26
N ASP E 202 -4.76 -30.87 11.93
CA ASP E 202 -5.39 -32.11 11.50
C ASP E 202 -6.77 -31.91 10.88
N LYS E 203 -7.11 -30.69 10.51
CA LYS E 203 -8.46 -30.40 9.99
C LYS E 203 -8.44 -30.18 8.48
N LEU F 11 -7.02 -4.84 4.68
CA LEU F 11 -6.43 -6.03 4.09
C LEU F 11 -5.15 -6.46 4.82
N ASN F 12 -4.51 -5.55 5.55
CA ASN F 12 -3.47 -6.03 6.45
C ASN F 12 -4.14 -6.83 7.57
N LEU F 13 -3.33 -7.54 8.36
CA LEU F 13 -3.89 -8.52 9.28
C LEU F 13 -4.87 -7.88 10.26
N VAL F 14 -4.41 -6.90 11.03
CA VAL F 14 -5.23 -6.30 12.09
C VAL F 14 -6.51 -5.69 11.51
N ASP F 15 -6.38 -4.96 10.40
CA ASP F 15 -7.56 -4.35 9.79
C ASP F 15 -8.50 -5.41 9.24
N SER F 16 -7.94 -6.51 8.71
CA SER F 16 -8.77 -7.59 8.18
C SER F 16 -9.57 -8.26 9.29
N VAL F 17 -8.95 -8.45 10.45
CA VAL F 17 -9.66 -9.02 11.60
C VAL F 17 -10.76 -8.08 12.09
N TYR F 18 -10.46 -6.78 12.21
CA TYR F 18 -11.51 -5.82 12.59
C TYR F 18 -12.66 -5.83 11.60
N GLU F 19 -12.36 -5.94 10.29
CA GLU F 19 -13.43 -5.95 9.30
C GLU F 19 -14.30 -7.20 9.43
N ARG F 20 -13.66 -8.34 9.71
CA ARG F 20 -14.45 -9.56 9.89
C ARG F 20 -15.25 -9.49 11.19
N LEU F 21 -14.67 -8.90 12.23
CA LEU F 21 -15.43 -8.67 13.47
C LEU F 21 -16.65 -7.79 13.22
N LEU F 22 -16.48 -6.74 12.39
CA LEU F 22 -17.61 -5.90 11.99
C LEU F 22 -18.76 -6.75 11.45
N ALA F 23 -18.44 -7.81 10.69
CA ALA F 23 -19.47 -8.69 10.16
C ALA F 23 -20.17 -9.49 11.25
N GLU F 24 -19.53 -9.66 12.40
CA GLU F 24 -20.18 -10.21 13.57
C GLU F 24 -20.79 -9.13 14.46
N ARG F 25 -20.83 -7.88 13.99
CA ARG F 25 -21.40 -6.76 14.76
C ARG F 25 -20.62 -6.49 16.03
N ILE F 26 -19.30 -6.68 15.97
CA ILE F 26 -18.41 -6.40 17.07
C ILE F 26 -17.51 -5.24 16.67
N ILE F 27 -17.45 -4.22 17.53
CA ILE F 27 -16.68 -3.01 17.31
C ILE F 27 -15.67 -2.87 18.44
N PHE F 28 -14.48 -2.39 18.13
CA PHE F 28 -13.37 -2.25 19.08
C PHE F 28 -13.01 -0.79 19.30
N LEU F 29 -13.00 -0.35 20.55
CA LEU F 29 -12.37 0.91 20.92
C LEU F 29 -11.11 0.56 21.70
N GLY F 30 -9.97 0.54 21.01
CA GLY F 30 -8.74 0.07 21.61
C GLY F 30 -7.66 1.12 21.84
N SER F 31 -8.02 2.40 21.72
CA SER F 31 -7.02 3.46 21.82
C SER F 31 -7.63 4.70 22.46
N GLN F 32 -6.78 5.72 22.60
CA GLN F 32 -7.19 7.05 23.03
C GLN F 32 -8.32 7.57 22.16
N VAL F 33 -9.30 8.22 22.77
CA VAL F 33 -10.43 8.78 22.03
C VAL F 33 -10.04 10.16 21.54
N ASP F 34 -9.82 10.30 20.23
CA ASP F 34 -9.60 11.59 19.60
C ASP F 34 -10.59 11.74 18.45
N ASP F 35 -10.47 12.86 17.70
CA ASP F 35 -11.39 13.10 16.59
C ASP F 35 -11.33 11.99 15.55
N ASP F 36 -10.13 11.51 15.21
CA ASP F 36 -9.98 10.42 14.24
C ASP F 36 -10.68 9.15 14.69
N ILE F 37 -10.49 8.77 15.95
CA ILE F 37 -11.13 7.57 16.46
C ILE F 37 -12.64 7.74 16.50
N ALA F 38 -13.10 8.92 16.91
CA ALA F 38 -14.54 9.21 16.91
C ALA F 38 -15.14 9.03 15.52
N ASN F 39 -14.53 9.65 14.51
CA ASN F 39 -15.01 9.48 13.13
C ASN F 39 -15.03 8.00 12.74
N ARG F 40 -13.99 7.27 13.12
CA ARG F 40 -13.91 5.85 12.75
C ARG F 40 -15.00 5.04 13.45
N LEU F 41 -15.17 5.25 14.76
CA LEU F 41 -16.19 4.50 15.50
C LEU F 41 -17.59 4.91 15.10
N CYS F 42 -17.80 6.22 14.92
CA CYS F 42 -19.09 6.72 14.46
C CYS F 42 -19.48 6.07 13.15
N ALA F 43 -18.54 5.99 12.20
CA ALA F 43 -18.84 5.40 10.89
C ALA F 43 -19.23 3.92 11.02
N GLN F 44 -18.56 3.18 11.91
CA GLN F 44 -18.87 1.78 12.09
C GLN F 44 -20.25 1.57 12.69
N ILE F 45 -20.63 2.41 13.68
CA ILE F 45 -21.95 2.29 14.27
C ILE F 45 -23.03 2.61 13.25
N LEU F 46 -22.81 3.63 12.41
CA LEU F 46 -23.76 3.94 11.35
C LEU F 46 -23.87 2.79 10.37
N LEU F 47 -22.74 2.19 9.99
CA LEU F 47 -22.76 1.10 9.02
C LEU F 47 -23.49 -0.13 9.58
N LEU F 48 -23.18 -0.50 10.83
CA LEU F 48 -23.87 -1.63 11.45
C LEU F 48 -25.36 -1.37 11.57
N SER F 49 -25.73 -0.14 11.90
CA SER F 49 -27.14 0.23 11.99
C SER F 49 -27.82 0.04 10.65
N ALA F 50 -27.19 0.53 9.58
CA ALA F 50 -27.78 0.41 8.26
C ALA F 50 -27.92 -1.05 7.84
N GLU F 51 -26.92 -1.87 8.14
CA GLU F 51 -26.97 -3.26 7.73
C GLU F 51 -28.08 -4.01 8.44
N ASP F 52 -28.28 -3.75 9.73
CA ASP F 52 -29.37 -4.39 10.46
C ASP F 52 -29.71 -3.57 11.71
N PRO F 53 -30.78 -2.78 11.65
CA PRO F 53 -31.11 -1.91 12.78
C PRO F 53 -31.79 -2.61 13.95
N THR F 54 -32.01 -3.93 13.85
CA THR F 54 -32.70 -4.68 14.88
C THR F 54 -31.77 -5.57 15.71
N LYS F 55 -30.51 -5.68 15.35
CA LYS F 55 -29.60 -6.54 16.10
C LYS F 55 -28.62 -5.71 16.92
N ASP F 56 -28.24 -6.27 18.08
CA ASP F 56 -27.32 -5.60 18.99
C ASP F 56 -26.00 -5.35 18.29
N ILE F 57 -25.34 -4.27 18.70
CA ILE F 57 -23.92 -4.03 18.43
C ILE F 57 -23.17 -4.30 19.73
N HIS F 58 -21.98 -4.88 19.61
CA HIS F 58 -21.17 -5.21 20.79
C HIS F 58 -19.90 -4.37 20.73
N LEU F 59 -19.74 -3.47 21.70
CA LEU F 59 -18.64 -2.50 21.72
C LEU F 59 -17.67 -2.88 22.84
N TYR F 60 -16.50 -3.41 22.46
CA TYR F 60 -15.46 -3.78 23.42
C TYR F 60 -14.51 -2.60 23.61
N ILE F 61 -14.16 -2.31 24.86
CA ILE F 61 -13.46 -1.08 25.19
C ILE F 61 -12.18 -1.40 25.96
N ASN F 62 -11.05 -0.94 25.43
CA ASN F 62 -9.76 -1.01 26.13
C ASN F 62 -9.06 0.29 25.80
N SER F 63 -9.40 1.35 26.53
CA SER F 63 -9.03 2.68 26.07
C SER F 63 -8.55 3.53 27.24
N PRO F 64 -7.43 4.23 27.10
CA PRO F 64 -6.85 4.98 28.22
C PRO F 64 -7.46 6.34 28.45
N GLY F 65 -8.41 6.76 27.64
CA GLY F 65 -9.03 8.04 27.85
C GLY F 65 -9.37 8.66 26.52
N GLY F 66 -9.72 9.94 26.57
CA GLY F 66 -10.07 10.64 25.36
C GLY F 66 -10.64 12.00 25.67
N SER F 67 -10.78 12.78 24.61
CA SER F 67 -11.35 14.11 24.70
C SER F 67 -12.86 14.05 24.88
N ILE F 68 -13.39 14.99 25.67
CA ILE F 68 -14.84 15.03 25.91
C ILE F 68 -15.57 15.20 24.59
N SER F 69 -15.12 16.14 23.76
CA SER F 69 -15.76 16.39 22.48
C SER F 69 -15.85 15.13 21.63
N ALA F 70 -14.73 14.40 21.50
CA ALA F 70 -14.75 13.21 20.66
C ALA F 70 -15.64 12.13 21.27
N GLY F 71 -15.56 11.95 22.59
CA GLY F 71 -16.41 10.96 23.24
C GLY F 71 -17.89 11.24 23.04
N MET F 72 -18.29 12.52 23.12
CA MET F 72 -19.71 12.85 23.01
C MET F 72 -20.24 12.55 21.62
N ALA F 73 -19.42 12.71 20.58
CA ALA F 73 -19.85 12.35 19.23
C ALA F 73 -20.14 10.85 19.15
N ILE F 74 -19.25 10.02 19.69
CA ILE F 74 -19.51 8.58 19.72
C ILE F 74 -20.77 8.29 20.50
N TYR F 75 -20.93 8.94 21.66
CA TYR F 75 -22.11 8.70 22.49
C TYR F 75 -23.39 9.03 21.73
N ASP F 76 -23.41 10.17 21.05
CA ASP F 76 -24.61 10.54 20.31
C ASP F 76 -24.91 9.52 19.22
N THR F 77 -23.87 8.96 18.60
CA THR F 77 -24.11 7.96 17.55
C THR F 77 -24.59 6.64 18.13
N MET F 78 -24.13 6.27 19.33
CA MET F 78 -24.67 5.11 20.03
C MET F 78 -26.16 5.26 20.27
N VAL F 79 -26.59 6.47 20.66
CA VAL F 79 -28.01 6.75 20.88
C VAL F 79 -28.76 6.80 19.55
N LEU F 80 -28.16 7.43 18.52
CA LEU F 80 -28.78 7.49 17.21
C LEU F 80 -29.12 6.10 16.68
N ALA F 81 -28.19 5.16 16.84
CA ALA F 81 -28.40 3.81 16.35
C ALA F 81 -29.68 3.23 16.94
N PRO F 82 -30.61 2.73 16.13
CA PRO F 82 -31.79 2.07 16.72
C PRO F 82 -31.43 0.79 17.47
N CYS F 83 -30.28 0.19 17.17
CA CYS F 83 -29.78 -1.02 17.84
C CYS F 83 -29.51 -0.75 19.31
N ASP F 84 -29.70 -1.78 20.14
CA ASP F 84 -29.03 -1.83 21.44
C ASP F 84 -27.52 -1.92 21.25
N ILE F 85 -26.76 -1.32 22.17
CA ILE F 85 -25.31 -1.39 22.15
C ILE F 85 -24.82 -1.97 23.47
N ALA F 86 -24.36 -3.21 23.45
CA ALA F 86 -23.73 -3.79 24.61
C ALA F 86 -22.29 -3.30 24.70
N THR F 87 -21.83 -3.03 25.92
CA THR F 87 -20.48 -2.55 26.15
C THR F 87 -19.75 -3.51 27.09
N TYR F 88 -18.44 -3.62 26.89
CA TYR F 88 -17.59 -4.57 27.58
C TYR F 88 -16.28 -3.88 27.94
N ALA F 89 -16.02 -3.73 29.23
CA ALA F 89 -14.72 -3.24 29.70
C ALA F 89 -13.74 -4.38 29.57
N MET F 90 -12.95 -4.35 28.50
CA MET F 90 -12.05 -5.45 28.18
C MET F 90 -10.72 -5.32 28.92
N GLY F 91 -10.22 -4.11 29.06
CA GLY F 91 -8.99 -3.91 29.81
C GLY F 91 -9.14 -2.66 30.63
N MET F 92 -8.82 -1.52 30.04
CA MET F 92 -9.00 -0.24 30.71
C MET F 92 -10.21 0.47 30.12
N ALA F 93 -10.94 1.19 30.97
CA ALA F 93 -11.96 2.13 30.49
C ALA F 93 -11.79 3.40 31.31
N ALA F 94 -11.03 4.35 30.78
CA ALA F 94 -10.67 5.56 31.51
C ALA F 94 -11.25 6.79 30.81
N SER F 95 -11.68 7.76 31.61
CA SER F 95 -12.17 9.06 31.13
C SER F 95 -13.34 8.78 30.19
N MET F 96 -13.34 9.30 28.95
CA MET F 96 -14.47 9.04 28.07
C MET F 96 -14.63 7.56 27.72
N GLY F 97 -13.58 6.74 27.89
CA GLY F 97 -13.77 5.30 27.78
C GLY F 97 -14.69 4.76 28.87
N GLU F 98 -14.53 5.25 30.10
CA GLU F 98 -15.49 4.92 31.16
C GLU F 98 -16.88 5.40 30.76
N PHE F 99 -16.97 6.64 30.29
CA PHE F 99 -18.26 7.21 29.92
C PHE F 99 -19.00 6.35 28.90
N LEU F 100 -18.30 5.95 27.83
CA LEU F 100 -18.94 5.15 26.78
C LEU F 100 -19.33 3.77 27.28
N LEU F 101 -18.49 3.16 28.13
CA LEU F 101 -18.88 1.91 28.78
C LEU F 101 -20.18 2.07 29.54
N ALA F 102 -20.26 3.09 30.39
CA ALA F 102 -21.45 3.31 31.20
C ALA F 102 -22.67 3.67 30.36
N ALA F 103 -22.45 4.20 29.15
CA ALA F 103 -23.52 4.57 28.24
C ALA F 103 -24.12 3.40 27.49
N GLY F 104 -23.59 2.19 27.68
CA GLY F 104 -24.17 1.04 27.01
C GLY F 104 -25.62 0.83 27.39
N THR F 105 -26.36 0.11 26.54
CA THR F 105 -27.76 -0.18 26.85
C THR F 105 -27.86 -0.85 28.22
N LYS F 106 -28.70 -0.27 29.09
CA LYS F 106 -28.82 -0.74 30.46
C LYS F 106 -29.24 -2.21 30.50
N GLY F 107 -28.55 -2.98 31.32
CA GLY F 107 -28.67 -4.41 31.31
C GLY F 107 -27.65 -5.13 30.44
N LYS F 108 -26.98 -4.39 29.54
CA LYS F 108 -26.02 -4.98 28.63
C LYS F 108 -24.65 -4.31 28.75
N ARG F 109 -24.31 -3.84 29.95
CA ARG F 109 -23.00 -3.27 30.24
C ARG F 109 -22.22 -4.25 31.10
N TYR F 110 -21.02 -4.63 30.64
CA TYR F 110 -20.25 -5.68 31.27
C TYR F 110 -18.82 -5.22 31.55
N ALA F 111 -18.24 -5.76 32.63
CA ALA F 111 -16.80 -5.68 32.87
C ALA F 111 -16.22 -7.09 32.86
N LEU F 112 -15.08 -7.24 32.20
CA LEU F 112 -14.28 -8.43 32.38
C LEU F 112 -13.61 -8.35 33.76
N PRO F 113 -13.28 -9.49 34.36
CA PRO F 113 -12.91 -9.49 35.78
C PRO F 113 -11.69 -8.64 36.11
N HIS F 114 -10.71 -8.50 35.22
CA HIS F 114 -9.56 -7.68 35.55
C HIS F 114 -9.61 -6.27 34.92
N ALA F 115 -10.79 -5.84 34.48
CA ALA F 115 -10.95 -4.49 33.96
C ALA F 115 -10.68 -3.46 35.04
N ARG F 116 -10.30 -2.26 34.61
CA ARG F 116 -10.12 -1.11 35.50
C ARG F 116 -10.79 0.11 34.89
N ILE F 117 -11.63 0.76 35.69
CA ILE F 117 -12.43 1.92 35.26
C ILE F 117 -11.88 3.15 35.98
N LEU F 118 -11.57 4.18 35.22
CA LEU F 118 -10.98 5.40 35.76
C LEU F 118 -11.90 6.57 35.43
N MET F 119 -12.36 7.27 36.46
CA MET F 119 -13.04 8.54 36.32
C MET F 119 -12.00 9.64 36.24
N HIS F 120 -12.29 10.67 35.45
CA HIS F 120 -11.28 11.70 35.21
C HIS F 120 -11.89 12.89 34.49
N GLN F 121 -11.45 14.10 34.79
CA GLN F 121 -11.80 15.24 33.96
CA GLN F 121 -11.81 15.23 33.95
C GLN F 121 -10.92 15.22 32.72
N PRO F 122 -11.42 14.81 31.56
CA PRO F 122 -10.59 14.78 30.36
C PRO F 122 -10.37 16.18 29.83
N LEU F 123 -9.52 16.27 28.81
CA LEU F 123 -9.47 17.52 28.06
C LEU F 123 -10.71 17.66 27.19
N GLY F 124 -11.00 18.91 26.82
CA GLY F 124 -12.22 19.17 26.09
C GLY F 124 -12.22 18.68 24.67
N GLY F 125 -11.07 18.75 24.01
CA GLY F 125 -11.06 18.57 22.57
C GLY F 125 -11.72 19.72 21.83
N VAL F 126 -11.87 20.86 22.50
CA VAL F 126 -12.51 22.04 21.92
C VAL F 126 -11.47 23.02 21.40
N THR F 127 -10.20 22.62 21.36
CA THR F 127 -9.09 23.42 20.85
C THR F 127 -8.99 23.42 19.34
N GLY F 128 -9.78 22.60 18.64
CA GLY F 128 -9.57 22.41 17.21
C GLY F 128 -9.93 23.63 16.38
N SER F 129 -10.86 24.45 16.85
CA SER F 129 -11.31 25.63 16.13
C SER F 129 -10.61 26.89 16.65
N ALA F 130 -10.64 27.93 15.82
CA ALA F 130 -9.83 29.13 16.02
C ALA F 130 -10.58 30.24 16.76
N ALA F 131 -11.44 29.90 17.71
CA ALA F 131 -12.03 30.88 18.60
C ALA F 131 -11.09 31.13 19.78
N ASP F 132 -11.30 32.23 20.48
CA ASP F 132 -10.42 32.50 21.61
C ASP F 132 -10.71 31.50 22.74
N ILE F 133 -9.79 31.50 23.71
CA ILE F 133 -9.89 30.55 24.81
C ILE F 133 -11.18 30.74 25.60
N ALA F 134 -11.74 31.96 25.59
CA ALA F 134 -12.99 32.19 26.32
C ALA F 134 -14.12 31.38 25.71
N ILE F 135 -14.21 31.35 24.38
CA ILE F 135 -15.24 30.56 23.72
C ILE F 135 -14.99 29.08 23.91
N GLN F 136 -13.73 28.66 23.88
CA GLN F 136 -13.40 27.26 24.12
C GLN F 136 -13.73 26.85 25.55
N ALA F 137 -13.44 27.74 26.51
CA ALA F 137 -13.76 27.46 27.90
C ALA F 137 -15.27 27.39 28.12
N GLU F 138 -16.03 28.24 27.42
CA GLU F 138 -17.49 28.16 27.50
C GLU F 138 -17.97 26.79 27.08
N GLN F 139 -17.52 26.33 25.91
CA GLN F 139 -17.89 24.99 25.43
C GLN F 139 -17.46 23.92 26.41
N PHE F 140 -16.24 24.03 26.93
CA PHE F 140 -15.74 23.03 27.86
C PHE F 140 -16.62 22.95 29.11
N ALA F 141 -17.00 24.11 29.68
CA ALA F 141 -17.83 24.11 30.87
C ALA F 141 -19.17 23.42 30.63
N VAL F 142 -19.79 23.68 29.48
CA VAL F 142 -21.09 23.09 29.18
C VAL F 142 -20.96 21.58 28.96
N ILE F 143 -19.98 21.14 28.18
CA ILE F 143 -19.92 19.70 27.90
C ILE F 143 -19.46 18.91 29.11
N LYS F 144 -18.58 19.49 29.94
CA LYS F 144 -18.18 18.83 31.18
C LYS F 144 -19.37 18.61 32.10
N LYS F 145 -20.17 19.66 32.30
CA LYS F 145 -21.37 19.54 33.14
C LYS F 145 -22.32 18.49 32.58
N GLU F 146 -22.49 18.44 31.25
CA GLU F 146 -23.35 17.43 30.64
C GLU F 146 -22.79 16.03 30.87
N MET F 147 -21.47 15.88 30.75
CA MET F 147 -20.81 14.60 31.03
C MET F 147 -21.08 14.15 32.46
N PHE F 148 -20.90 15.04 33.44
CA PHE F 148 -21.24 14.70 34.82
C PHE F 148 -22.69 14.26 34.93
N ARG F 149 -23.61 15.02 34.33
CA ARG F 149 -25.03 14.71 34.43
C ARG F 149 -25.35 13.35 33.85
N LEU F 150 -24.79 13.03 32.69
CA LEU F 150 -25.09 11.75 32.08
C LEU F 150 -24.44 10.59 32.86
N ASN F 151 -23.20 10.75 33.30
CA ASN F 151 -22.59 9.75 34.16
C ASN F 151 -23.44 9.48 35.40
N ALA F 152 -24.04 10.54 35.97
CA ALA F 152 -24.91 10.35 37.11
C ALA F 152 -26.13 9.52 36.73
N GLU F 153 -26.69 9.75 35.54
CA GLU F 153 -27.84 8.97 35.09
C GLU F 153 -27.45 7.54 34.76
N PHE F 154 -26.29 7.33 34.13
CA PHE F 154 -25.86 5.96 33.81
C PHE F 154 -25.67 5.14 35.08
N THR F 155 -25.07 5.73 36.11
CA THR F 155 -24.65 5.00 37.29
C THR F 155 -25.68 5.01 38.42
N GLY F 156 -26.62 5.96 38.41
CA GLY F 156 -27.50 6.14 39.55
C GLY F 156 -26.88 6.90 40.70
N GLN F 157 -25.63 7.39 40.54
CA GLN F 157 -25.01 8.17 41.61
C GLN F 157 -25.43 9.64 41.52
N PRO F 158 -25.53 10.32 42.66
CA PRO F 158 -25.82 11.77 42.62
C PRO F 158 -24.73 12.52 41.87
N ILE F 159 -25.14 13.59 41.17
CA ILE F 159 -24.22 14.34 40.34
C ILE F 159 -23.07 14.91 41.18
N GLU F 160 -23.34 15.24 42.45
CA GLU F 160 -22.26 15.73 43.31
C GLU F 160 -21.25 14.63 43.59
N ARG F 161 -21.71 13.37 43.66
CA ARG F 161 -20.80 12.24 43.80
C ARG F 161 -19.93 12.09 42.56
N ILE F 162 -20.56 12.11 41.38
CA ILE F 162 -19.81 12.00 40.12
C ILE F 162 -18.72 13.07 40.05
N GLU F 163 -19.09 14.31 40.35
CA GLU F 163 -18.13 15.41 40.18
C GLU F 163 -16.97 15.28 41.14
N ALA F 164 -17.25 14.98 42.41
CA ALA F 164 -16.17 14.84 43.39
C ALA F 164 -15.25 13.67 43.05
N ASP F 165 -15.82 12.54 42.63
CA ASP F 165 -15.01 11.38 42.27
C ASP F 165 -14.18 11.66 41.02
N SER F 166 -14.75 12.40 40.05
CA SER F 166 -13.99 12.77 38.86
C SER F 166 -12.83 13.70 39.21
N ASP F 167 -13.06 14.64 40.12
CA ASP F 167 -12.02 15.59 40.51
C ASP F 167 -10.81 14.89 41.09
N ARG F 168 -11.02 13.82 41.85
CA ARG F 168 -9.93 13.13 42.51
C ARG F 168 -9.46 11.91 41.73
N ASP F 169 -9.88 11.76 40.47
CA ASP F 169 -9.45 10.66 39.62
C ASP F 169 -9.67 9.30 40.30
N ARG F 170 -10.85 9.14 40.90
CA ARG F 170 -11.20 7.87 41.50
C ARG F 170 -11.19 6.76 40.45
N TRP F 171 -10.58 5.62 40.79
CA TRP F 171 -10.57 4.48 39.89
C TRP F 171 -11.19 3.27 40.59
N PHE F 172 -11.56 2.28 39.79
CA PHE F 172 -12.42 1.19 40.22
C PHE F 172 -11.91 -0.12 39.64
N THR F 173 -11.81 -1.14 40.48
CA THR F 173 -11.71 -2.49 39.96
C THR F 173 -13.05 -2.90 39.37
N ALA F 174 -13.08 -4.07 38.72
CA ALA F 174 -14.32 -4.57 38.13
C ALA F 174 -15.42 -4.69 39.20
N GLN F 175 -15.09 -5.28 40.35
CA GLN F 175 -16.08 -5.40 41.42
C GLN F 175 -16.54 -4.03 41.90
N GLU F 176 -15.61 -3.09 42.09
CA GLU F 176 -16.01 -1.75 42.54
C GLU F 176 -16.83 -1.04 41.48
N ALA F 177 -16.49 -1.24 40.20
CA ALA F 177 -17.25 -0.61 39.13
C ALA F 177 -18.68 -1.15 39.08
N LEU F 178 -18.83 -2.45 39.29
CA LEU F 178 -20.16 -3.06 39.36
C LEU F 178 -20.96 -2.45 40.51
N GLU F 179 -20.36 -2.31 41.69
CA GLU F 179 -21.11 -1.79 42.83
C GLU F 179 -21.44 -0.30 42.65
N TYR F 180 -20.56 0.46 41.99
CA TYR F 180 -20.82 1.87 41.74
C TYR F 180 -21.90 2.09 40.67
N GLY F 181 -21.98 1.18 39.70
CA GLY F 181 -23.03 1.24 38.69
C GLY F 181 -22.59 1.53 37.26
N PHE F 182 -21.28 1.48 36.98
CA PHE F 182 -20.81 1.66 35.60
C PHE F 182 -21.23 0.51 34.69
N VAL F 183 -21.31 -0.70 35.24
CA VAL F 183 -21.69 -1.89 34.49
C VAL F 183 -22.79 -2.59 35.25
N ASP F 184 -23.47 -3.50 34.56
CA ASP F 184 -24.54 -4.30 35.13
C ASP F 184 -24.08 -5.67 35.62
N HIS F 185 -23.00 -6.22 35.05
CA HIS F 185 -22.50 -7.53 35.42
C HIS F 185 -21.00 -7.58 35.21
N ILE F 186 -20.32 -8.42 35.98
CA ILE F 186 -19.01 -8.91 35.60
C ILE F 186 -19.22 -10.18 34.77
N ILE F 187 -18.67 -10.22 33.58
CA ILE F 187 -18.76 -11.40 32.73
C ILE F 187 -17.43 -12.11 32.80
N THR F 188 -17.48 -13.41 33.10
CA THR F 188 -16.29 -14.25 33.15
C THR F 188 -16.10 -15.03 31.85
N SER F 189 -17.04 -15.93 31.53
CA SER F 189 -17.05 -16.64 30.26
C SER F 189 -18.40 -16.50 29.57
N ALA F 190 -18.36 -16.39 28.24
CA ALA F 190 -19.56 -16.15 27.48
C ALA F 190 -20.48 -17.37 27.49
N SER F 191 -21.79 -17.10 27.52
CA SER F 191 -22.83 -18.11 27.43
C SER F 191 -23.17 -18.35 25.97
N VAL F 192 -23.19 -19.61 25.54
CA VAL F 192 -23.55 -19.93 24.17
C VAL F 192 -24.85 -20.71 24.06
N ASN F 193 -25.23 -21.50 25.07
CA ASN F 193 -26.45 -22.29 25.04
C ASN F 193 -27.64 -21.57 25.62
N GLY F 194 -27.71 -20.25 25.47
CA GLY F 194 -28.59 -19.50 26.34
C GLY F 194 -27.99 -19.47 27.73
N GLU F 195 -28.84 -19.21 28.72
CA GLU F 195 -28.45 -19.21 30.13
C GLU F 195 -27.37 -18.17 30.43
N GLY F 196 -27.55 -16.96 29.89
CA GLY F 196 -26.66 -15.87 30.21
C GLY F 196 -26.13 -15.09 29.02
N PRO F 197 -25.26 -14.11 29.30
CA PRO F 197 -24.77 -13.23 28.23
C PRO F 197 -23.89 -13.99 27.25
N GLY F 198 -24.20 -13.83 25.96
CA GLY F 198 -23.38 -14.39 24.90
C GLY F 198 -22.20 -13.55 24.47
N ALA F 199 -22.17 -12.27 24.89
CA ALA F 199 -21.09 -11.34 24.57
C ALA F 199 -20.88 -11.18 23.07
N GLY F 200 -21.95 -11.39 22.28
CA GLY F 200 -21.83 -11.29 20.85
C GLY F 200 -21.20 -12.51 20.19
N LEU F 201 -20.83 -13.51 20.98
CA LEU F 201 -20.26 -14.74 20.46
C LEU F 201 -21.35 -15.79 20.22
N ASP F 202 -22.57 -15.31 19.93
CA ASP F 202 -23.81 -16.07 19.83
C ASP F 202 -24.11 -16.76 21.14
N LEU G 11 -9.36 0.66 0.99
CA LEU G 11 -9.24 -0.76 1.32
C LEU G 11 -8.45 -0.99 2.61
N ASN G 12 -7.90 0.08 3.22
CA ASN G 12 -7.65 -0.05 4.65
C ASN G 12 -8.99 -0.01 5.37
N LEU G 13 -8.97 -0.28 6.68
CA LEU G 13 -10.24 -0.45 7.38
C LEU G 13 -11.11 0.80 7.31
N VAL G 14 -10.54 1.96 7.66
CA VAL G 14 -11.27 3.22 7.63
C VAL G 14 -11.88 3.47 6.25
N ASP G 15 -11.04 3.40 5.21
CA ASP G 15 -11.54 3.65 3.85
C ASP G 15 -12.58 2.62 3.45
N SER G 16 -12.39 1.38 3.89
CA SER G 16 -13.36 0.34 3.58
C SER G 16 -14.72 0.64 4.19
N VAL G 17 -14.74 1.13 5.43
CA VAL G 17 -16.01 1.45 6.05
C VAL G 17 -16.66 2.64 5.35
N TYR G 18 -15.89 3.68 5.04
CA TYR G 18 -16.43 4.81 4.27
C TYR G 18 -16.98 4.36 2.92
N GLU G 19 -16.30 3.44 2.23
CA GLU G 19 -16.80 2.98 0.95
C GLU G 19 -18.12 2.24 1.12
N ARG G 20 -18.22 1.40 2.16
CA ARG G 20 -19.48 0.70 2.40
C ARG G 20 -20.60 1.66 2.80
N LEU G 21 -20.27 2.75 3.50
CA LEU G 21 -21.28 3.76 3.79
C LEU G 21 -21.72 4.48 2.52
N LEU G 22 -20.79 4.72 1.60
CA LEU G 22 -21.14 5.32 0.32
C LEU G 22 -22.23 4.51 -0.37
N ALA G 23 -22.20 3.18 -0.23
CA ALA G 23 -23.23 2.33 -0.81
C ALA G 23 -24.58 2.54 -0.16
N GLU G 24 -24.60 3.01 1.09
CA GLU G 24 -25.83 3.43 1.76
C GLU G 24 -26.17 4.88 1.48
N ARG G 25 -25.38 5.55 0.62
CA ARG G 25 -25.54 6.96 0.29
C ARG G 25 -25.28 7.86 1.51
N ILE G 26 -24.36 7.44 2.36
CA ILE G 26 -23.92 8.21 3.52
C ILE G 26 -22.50 8.70 3.24
N ILE G 27 -22.31 10.01 3.34
CA ILE G 27 -21.04 10.69 3.12
C ILE G 27 -20.63 11.36 4.42
N PHE G 28 -19.32 11.40 4.69
CA PHE G 28 -18.77 11.94 5.92
C PHE G 28 -17.92 13.16 5.65
N LEU G 29 -18.21 14.28 6.32
CA LEU G 29 -17.28 15.39 6.36
C LEU G 29 -16.67 15.40 7.75
N GLY G 30 -15.49 14.79 7.88
CA GLY G 30 -14.86 14.62 9.17
C GLY G 30 -13.62 15.44 9.43
N SER G 31 -13.31 16.42 8.59
CA SER G 31 -12.05 17.13 8.71
C SER G 31 -12.24 18.60 8.38
N GLN G 32 -11.19 19.37 8.64
CA GLN G 32 -11.11 20.75 8.18
C GLN G 32 -11.26 20.82 6.67
N VAL G 33 -12.06 21.76 6.19
CA VAL G 33 -12.38 21.85 4.77
C VAL G 33 -11.29 22.66 4.07
N ASP G 34 -10.50 21.99 3.24
CA ASP G 34 -9.52 22.65 2.39
C ASP G 34 -9.75 22.17 0.95
N ASP G 35 -8.88 22.56 0.01
CA ASP G 35 -9.09 22.22 -1.40
C ASP G 35 -9.18 20.71 -1.61
N ASP G 36 -8.33 19.94 -0.93
CA ASP G 36 -8.35 18.49 -1.08
C ASP G 36 -9.65 17.88 -0.56
N ILE G 37 -10.12 18.35 0.59
CA ILE G 37 -11.38 17.83 1.13
C ILE G 37 -12.55 18.24 0.25
N ALA G 38 -12.51 19.47 -0.29
CA ALA G 38 -13.57 19.91 -1.20
C ALA G 38 -13.62 19.00 -2.44
N ASN G 39 -12.47 18.74 -3.05
CA ASN G 39 -12.42 17.84 -4.21
C ASN G 39 -12.99 16.48 -3.85
N ARG G 40 -12.56 15.94 -2.71
CA ARG G 40 -13.04 14.64 -2.22
C ARG G 40 -14.56 14.62 -2.05
N LEU G 41 -15.11 15.62 -1.37
CA LEU G 41 -16.54 15.64 -1.10
C LEU G 41 -17.35 15.91 -2.37
N CYS G 42 -16.89 16.86 -3.19
CA CYS G 42 -17.54 17.12 -4.47
C CYS G 42 -17.62 15.83 -5.30
N ALA G 43 -16.52 15.08 -5.38
CA ALA G 43 -16.51 13.84 -6.16
C ALA G 43 -17.55 12.85 -5.63
N GLN G 44 -17.66 12.70 -4.31
CA GLN G 44 -18.63 11.77 -3.74
C GLN G 44 -20.06 12.21 -4.03
N ILE G 45 -20.33 13.52 -3.98
CA ILE G 45 -21.68 14.00 -4.29
C ILE G 45 -22.04 13.75 -5.75
N LEU G 46 -21.11 14.04 -6.66
CA LEU G 46 -21.33 13.76 -8.07
C LEU G 46 -21.54 12.26 -8.30
N LEU G 47 -20.68 11.42 -7.71
CA LEU G 47 -20.83 9.98 -7.86
C LEU G 47 -22.21 9.51 -7.42
N LEU G 48 -22.64 9.89 -6.20
CA LEU G 48 -23.94 9.44 -5.70
C LEU G 48 -25.07 9.97 -6.57
N SER G 49 -24.96 11.21 -7.06
CA SER G 49 -25.97 11.76 -7.96
C SER G 49 -26.06 10.94 -9.25
N ALA G 50 -24.90 10.59 -9.81
CA ALA G 50 -24.89 9.82 -11.05
C ALA G 50 -25.44 8.42 -10.83
N GLU G 51 -25.13 7.82 -9.67
CA GLU G 51 -25.60 6.46 -9.39
C GLU G 51 -27.11 6.41 -9.27
N ASP G 52 -27.72 7.42 -8.64
CA ASP G 52 -29.17 7.47 -8.51
C ASP G 52 -29.60 8.88 -8.17
N PRO G 53 -30.06 9.65 -9.16
CA PRO G 53 -30.44 11.06 -8.94
C PRO G 53 -31.75 11.24 -8.18
N THR G 54 -32.46 10.18 -7.83
CA THR G 54 -33.76 10.28 -7.17
C THR G 54 -33.69 10.02 -5.67
N LYS G 55 -32.58 9.54 -5.15
CA LYS G 55 -32.46 9.14 -3.75
C LYS G 55 -31.62 10.15 -2.98
N ASP G 56 -32.06 10.45 -1.76
CA ASP G 56 -31.36 11.39 -0.88
C ASP G 56 -29.90 10.96 -0.70
N ILE G 57 -29.05 11.96 -0.51
CA ILE G 57 -27.70 11.78 0.04
C ILE G 57 -27.75 12.21 1.50
N HIS G 58 -27.03 11.49 2.37
CA HIS G 58 -26.99 11.81 3.79
C HIS G 58 -25.57 12.24 4.17
N LEU G 59 -25.41 13.52 4.51
CA LEU G 59 -24.10 14.14 4.74
C LEU G 59 -23.91 14.36 6.24
N TYR G 60 -23.04 13.57 6.85
CA TYR G 60 -22.73 13.65 8.27
C TYR G 60 -21.52 14.55 8.46
N ILE G 61 -21.59 15.45 9.44
CA ILE G 61 -20.62 16.52 9.55
C ILE G 61 -20.04 16.52 10.96
N ASN G 62 -18.71 16.42 11.06
CA ASN G 62 -17.96 16.59 12.31
C ASN G 62 -16.68 17.31 11.88
N SER G 63 -16.79 18.63 11.71
CA SER G 63 -15.75 19.37 11.03
C SER G 63 -15.42 20.66 11.79
N PRO G 64 -14.13 20.89 12.11
CA PRO G 64 -13.75 22.06 12.88
C PRO G 64 -13.66 23.35 12.08
N GLY G 65 -13.89 23.33 10.78
CA GLY G 65 -13.89 24.57 10.03
C GLY G 65 -13.44 24.35 8.60
N GLY G 66 -13.11 25.46 7.93
CA GLY G 66 -12.57 25.38 6.59
C GLY G 66 -12.64 26.72 5.89
N SER G 67 -11.96 26.77 4.75
CA SER G 67 -11.89 27.99 3.95
C SER G 67 -13.19 28.27 3.19
N ILE G 68 -13.50 29.55 3.01
CA ILE G 68 -14.71 29.93 2.28
C ILE G 68 -14.70 29.36 0.88
N SER G 69 -13.59 29.53 0.18
CA SER G 69 -13.49 29.09 -1.21
C SER G 69 -13.77 27.58 -1.35
N ALA G 70 -13.14 26.77 -0.50
CA ALA G 70 -13.36 25.33 -0.54
C ALA G 70 -14.80 24.96 -0.16
N GLY G 71 -15.34 25.61 0.88
CA GLY G 71 -16.71 25.29 1.26
C GLY G 71 -17.72 25.68 0.21
N MET G 72 -17.45 26.77 -0.53
CA MET G 72 -18.35 27.22 -1.59
C MET G 72 -18.37 26.25 -2.77
N ALA G 73 -17.23 25.60 -3.05
CA ALA G 73 -17.22 24.59 -4.10
C ALA G 73 -18.10 23.40 -3.71
N ILE G 74 -17.99 22.94 -2.45
CA ILE G 74 -18.89 21.88 -1.98
C ILE G 74 -20.34 22.33 -2.08
N TYR G 75 -20.64 23.55 -1.61
CA TYR G 75 -22.01 24.03 -1.63
C TYR G 75 -22.58 24.04 -3.05
N ASP G 76 -21.85 24.63 -4.02
CA ASP G 76 -22.33 24.62 -5.40
C ASP G 76 -22.57 23.20 -5.92
N THR G 77 -21.79 22.22 -5.47
CA THR G 77 -22.01 20.85 -5.91
C THR G 77 -23.22 20.24 -5.21
N MET G 78 -23.48 20.63 -3.95
CA MET G 78 -24.71 20.24 -3.29
C MET G 78 -25.93 20.77 -4.04
N VAL G 79 -25.87 22.01 -4.51
CA VAL G 79 -26.99 22.56 -5.27
C VAL G 79 -27.08 21.90 -6.65
N LEU G 80 -25.94 21.64 -7.29
CA LEU G 80 -25.94 20.97 -8.59
C LEU G 80 -26.62 19.60 -8.55
N ALA G 81 -26.34 18.83 -7.51
CA ALA G 81 -26.92 17.49 -7.38
C ALA G 81 -28.44 17.56 -7.48
N PRO G 82 -29.07 16.71 -8.31
CA PRO G 82 -30.54 16.73 -8.38
C PRO G 82 -31.20 16.15 -7.14
N CYS G 83 -30.52 15.28 -6.42
CA CYS G 83 -31.16 14.71 -5.25
C CYS G 83 -31.04 15.63 -4.01
N ASP G 84 -31.99 15.47 -3.09
CA ASP G 84 -31.91 16.11 -1.78
C ASP G 84 -30.66 15.68 -1.02
N ILE G 85 -30.14 16.59 -0.21
CA ILE G 85 -29.01 16.30 0.65
C ILE G 85 -29.43 16.60 2.07
N ALA G 86 -29.68 15.54 2.84
CA ALA G 86 -29.88 15.68 4.27
C ALA G 86 -28.53 15.88 4.95
N THR G 87 -28.49 16.77 5.95
CA THR G 87 -27.28 17.04 6.69
C THR G 87 -27.50 16.71 8.16
N TYR G 88 -26.41 16.31 8.83
CA TYR G 88 -26.45 15.84 10.21
C TYR G 88 -25.24 16.41 10.94
N ALA G 89 -25.48 17.23 11.95
CA ALA G 89 -24.39 17.72 12.81
C ALA G 89 -24.09 16.59 13.79
N MET G 90 -23.00 15.87 13.55
CA MET G 90 -22.71 14.67 14.35
C MET G 90 -21.86 14.98 15.57
N GLY G 91 -20.87 15.86 15.43
CA GLY G 91 -20.18 16.37 16.60
C GLY G 91 -20.06 17.88 16.55
N MET G 92 -19.11 18.38 15.78
CA MET G 92 -18.86 19.79 15.62
C MET G 92 -19.23 20.20 14.18
N ALA G 93 -19.89 21.34 14.02
CA ALA G 93 -20.02 21.95 12.68
C ALA G 93 -19.63 23.41 12.85
N ALA G 94 -18.36 23.72 12.55
CA ALA G 94 -17.81 25.04 12.77
C ALA G 94 -17.47 25.68 11.42
N SER G 95 -17.68 27.00 11.36
CA SER G 95 -17.24 27.79 10.21
C SER G 95 -17.91 27.23 8.97
N MET G 96 -17.17 26.88 7.91
CA MET G 96 -17.85 26.39 6.72
C MET G 96 -18.50 25.02 6.96
N GLY G 97 -18.11 24.31 8.02
CA GLY G 97 -18.85 23.13 8.41
C GLY G 97 -20.26 23.46 8.87
N GLU G 98 -20.41 24.54 9.66
CA GLU G 98 -21.73 25.07 9.96
C GLU G 98 -22.47 25.48 8.69
N PHE G 99 -21.77 26.18 7.79
CA PHE G 99 -22.38 26.64 6.54
C PHE G 99 -22.97 25.49 5.74
N LEU G 100 -22.19 24.42 5.56
CA LEU G 100 -22.64 23.28 4.76
C LEU G 100 -23.76 22.52 5.45
N LEU G 101 -23.72 22.43 6.78
CA LEU G 101 -24.86 21.88 7.53
C LEU G 101 -26.14 22.67 7.27
N ALA G 102 -26.07 23.99 7.39
CA ALA G 102 -27.23 24.84 7.20
C ALA G 102 -27.69 24.83 5.76
N ALA G 103 -26.81 24.48 4.82
CA ALA G 103 -27.13 24.41 3.40
C ALA G 103 -27.87 23.14 3.00
N GLY G 104 -28.10 22.22 3.93
CA GLY G 104 -28.85 21.02 3.59
C GLY G 104 -30.23 21.32 3.05
N THR G 105 -30.83 20.33 2.39
CA THR G 105 -32.21 20.47 1.93
C THR G 105 -33.11 20.86 3.10
N LYS G 106 -33.84 21.97 2.94
CA LYS G 106 -34.65 22.46 4.04
C LYS G 106 -35.71 21.43 4.41
N GLY G 107 -35.86 21.21 5.72
CA GLY G 107 -36.65 20.13 6.27
C GLY G 107 -35.85 18.87 6.57
N LYS G 108 -34.63 18.76 6.03
CA LYS G 108 -33.81 17.58 6.19
C LYS G 108 -32.46 17.92 6.82
N ARG G 109 -32.41 19.01 7.60
CA ARG G 109 -31.21 19.39 8.33
C ARG G 109 -31.39 19.02 9.80
N TYR G 110 -30.42 18.27 10.34
CA TYR G 110 -30.56 17.65 11.64
C TYR G 110 -29.30 17.89 12.47
N ALA G 111 -29.50 17.93 13.80
CA ALA G 111 -28.39 17.90 14.74
C ALA G 111 -28.63 16.78 15.74
N LEU G 112 -27.55 16.07 16.11
CA LEU G 112 -27.59 15.16 17.25
C LEU G 112 -27.62 15.99 18.53
N PRO G 113 -28.15 15.44 19.63
CA PRO G 113 -28.44 16.30 20.80
C PRO G 113 -27.22 16.98 21.42
N HIS G 114 -26.02 16.44 21.27
CA HIS G 114 -24.84 17.08 21.84
C HIS G 114 -23.92 17.68 20.79
N ALA G 115 -24.38 17.80 19.55
CA ALA G 115 -23.60 18.49 18.53
C ALA G 115 -23.46 19.96 18.90
N ARG G 116 -22.36 20.57 18.46
CA ARG G 116 -22.14 22.00 18.68
C ARG G 116 -22.01 22.68 17.32
N ILE G 117 -22.54 23.88 17.19
CA ILE G 117 -22.42 24.66 15.96
C ILE G 117 -21.70 25.95 16.32
N LEU G 118 -20.64 26.26 15.57
CA LEU G 118 -19.86 27.47 15.82
C LEU G 118 -19.80 28.29 14.55
N MET G 119 -20.13 29.57 14.67
CA MET G 119 -20.00 30.54 13.59
C MET G 119 -18.60 31.15 13.67
N HIS G 120 -18.05 31.53 12.54
CA HIS G 120 -16.66 32.00 12.49
C HIS G 120 -16.46 32.69 11.15
N GLN G 121 -15.68 33.77 11.16
N GLN G 121 -15.68 33.78 11.16
CA GLN G 121 -15.29 34.37 9.89
CA GLN G 121 -15.30 34.36 9.87
C GLN G 121 -14.02 33.70 9.37
C GLN G 121 -14.03 33.65 9.41
N PRO G 122 -14.13 32.76 8.41
CA PRO G 122 -12.99 31.89 8.06
C PRO G 122 -11.97 32.50 7.10
N LEU G 123 -10.88 31.75 6.90
CA LEU G 123 -9.93 32.05 5.84
C LEU G 123 -10.62 32.00 4.48
N GLY G 124 -10.19 32.88 3.59
CA GLY G 124 -10.79 32.92 2.26
C GLY G 124 -10.41 31.73 1.41
N GLY G 125 -9.19 31.23 1.57
CA GLY G 125 -8.69 30.20 0.68
C GLY G 125 -8.30 30.72 -0.69
N VAL G 126 -8.09 32.02 -0.83
CA VAL G 126 -7.86 32.67 -2.12
C VAL G 126 -6.37 32.87 -2.36
N THR G 127 -5.53 32.37 -1.44
CA THR G 127 -4.09 32.63 -1.49
C THR G 127 -3.35 31.75 -2.48
N GLY G 128 -3.99 30.70 -3.01
CA GLY G 128 -3.33 29.80 -3.96
C GLY G 128 -3.12 30.36 -5.35
N SER G 129 -3.67 31.53 -5.66
CA SER G 129 -3.57 32.11 -6.98
C SER G 129 -2.17 32.68 -7.23
N ALA G 130 -1.87 32.95 -8.50
CA ALA G 130 -0.66 33.63 -8.89
C ALA G 130 -0.83 35.15 -8.96
N ALA G 131 -2.01 35.66 -8.56
CA ALA G 131 -2.29 37.08 -8.61
C ALA G 131 -1.89 37.76 -7.31
N ASP G 132 -1.76 39.09 -7.36
CA ASP G 132 -1.32 39.80 -6.17
C ASP G 132 -2.41 39.82 -5.11
N ILE G 133 -2.01 40.27 -3.91
CA ILE G 133 -2.91 40.26 -2.78
C ILE G 133 -4.13 41.14 -3.02
N ALA G 134 -4.01 42.16 -3.87
CA ALA G 134 -5.16 43.03 -4.14
C ALA G 134 -6.26 42.25 -4.84
N ILE G 135 -5.91 41.42 -5.82
CA ILE G 135 -6.89 40.58 -6.50
C ILE G 135 -7.43 39.50 -5.56
N GLN G 136 -6.55 38.91 -4.74
CA GLN G 136 -7.02 37.92 -3.77
C GLN G 136 -8.00 38.55 -2.77
N ALA G 137 -7.72 39.78 -2.33
CA ALA G 137 -8.63 40.47 -1.42
C ALA G 137 -9.97 40.81 -2.09
N GLU G 138 -9.95 41.17 -3.38
CA GLU G 138 -11.20 41.44 -4.09
C GLU G 138 -12.09 40.20 -4.09
N GLN G 139 -11.50 39.03 -4.39
CA GLN G 139 -12.26 37.79 -4.37
C GLN G 139 -12.75 37.48 -2.96
N PHE G 140 -11.89 37.69 -1.96
CA PHE G 140 -12.28 37.42 -0.59
C PHE G 140 -13.49 38.24 -0.18
N ALA G 141 -13.48 39.55 -0.47
CA ALA G 141 -14.61 40.40 -0.09
C ALA G 141 -15.90 39.93 -0.72
N VAL G 142 -15.85 39.51 -1.98
CA VAL G 142 -17.04 39.03 -2.66
C VAL G 142 -17.55 37.75 -2.03
N ILE G 143 -16.67 36.76 -1.81
CA ILE G 143 -17.19 35.49 -1.33
C ILE G 143 -17.55 35.56 0.15
N LYS G 144 -16.89 36.43 0.92
CA LYS G 144 -17.28 36.55 2.32
C LYS G 144 -18.68 37.15 2.43
N LYS G 145 -18.95 38.21 1.67
CA LYS G 145 -20.29 38.80 1.68
C LYS G 145 -21.33 37.79 1.24
N GLU G 146 -21.02 36.99 0.21
CA GLU G 146 -21.98 35.99 -0.25
C GLU G 146 -22.18 34.88 0.78
N MET G 147 -21.13 34.50 1.50
CA MET G 147 -21.27 33.55 2.60
C MET G 147 -22.26 34.07 3.65
N PHE G 148 -22.11 35.33 4.07
CA PHE G 148 -23.06 35.92 5.02
C PHE G 148 -24.49 35.90 4.46
N ARG G 149 -24.64 36.32 3.19
CA ARG G 149 -25.97 36.35 2.59
C ARG G 149 -26.62 34.98 2.58
N LEU G 150 -25.85 33.95 2.21
CA LEU G 150 -26.41 32.61 2.14
C LEU G 150 -26.73 32.08 3.54
N ASN G 151 -25.83 32.31 4.50
CA ASN G 151 -26.13 31.91 5.87
C ASN G 151 -27.41 32.58 6.38
N ALA G 152 -27.64 33.84 5.99
CA ALA G 152 -28.89 34.49 6.38
C ALA G 152 -30.09 33.79 5.74
N GLU G 153 -29.98 33.42 4.47
CA GLU G 153 -31.08 32.73 3.80
C GLU G 153 -31.33 31.35 4.40
N PHE G 154 -30.27 30.59 4.70
CA PHE G 154 -30.43 29.28 5.33
C PHE G 154 -31.16 29.37 6.66
N THR G 155 -30.78 30.33 7.49
CA THR G 155 -31.26 30.38 8.88
C THR G 155 -32.50 31.24 9.06
N GLY G 156 -32.79 32.15 8.13
CA GLY G 156 -33.82 33.15 8.37
C GLY G 156 -33.37 34.36 9.15
N GLN G 157 -32.11 34.39 9.63
CA GLN G 157 -31.60 35.51 10.38
C GLN G 157 -31.31 36.70 9.46
N PRO G 158 -31.39 37.93 9.98
CA PRO G 158 -30.92 39.10 9.23
C PRO G 158 -29.42 38.96 8.95
N ILE G 159 -29.01 39.42 7.77
CA ILE G 159 -27.60 39.30 7.38
C ILE G 159 -26.70 40.04 8.37
N GLU G 160 -27.18 41.16 8.93
CA GLU G 160 -26.39 41.89 9.90
C GLU G 160 -26.18 41.09 11.19
N ARG G 161 -27.14 40.25 11.59
CA ARG G 161 -26.93 39.37 12.75
C ARG G 161 -25.95 38.25 12.43
N ILE G 162 -26.07 37.66 11.24
CA ILE G 162 -25.12 36.65 10.79
C ILE G 162 -23.69 37.20 10.91
N GLU G 163 -23.48 38.39 10.38
CA GLU G 163 -22.15 39.00 10.37
C GLU G 163 -21.63 39.23 11.77
N ALA G 164 -22.45 39.86 12.63
CA ALA G 164 -22.01 40.18 13.99
C ALA G 164 -21.75 38.92 14.81
N ASP G 165 -22.59 37.89 14.65
CA ASP G 165 -22.41 36.65 15.39
C ASP G 165 -21.18 35.88 14.89
N SER G 166 -20.95 35.88 13.58
CA SER G 166 -19.74 35.27 13.04
C SER G 166 -18.51 36.00 13.50
N ASP G 167 -18.62 37.33 13.61
CA ASP G 167 -17.52 38.16 14.05
C ASP G 167 -17.06 37.80 15.45
N ARG G 168 -18.00 37.46 16.34
CA ARG G 168 -17.66 37.17 17.72
C ARG G 168 -17.60 35.67 18.01
N ASP G 169 -17.54 34.82 16.98
CA ASP G 169 -17.38 33.37 17.17
C ASP G 169 -18.49 32.79 18.03
N ARG G 170 -19.71 33.29 17.87
CA ARG G 170 -20.84 32.74 18.60
C ARG G 170 -20.99 31.24 18.36
N TRP G 171 -21.26 30.49 19.43
CA TRP G 171 -21.45 29.05 19.30
C TRP G 171 -22.78 28.63 19.91
N PHE G 172 -23.23 27.44 19.51
CA PHE G 172 -24.59 26.98 19.83
C PHE G 172 -24.56 25.52 20.27
N THR G 173 -25.32 25.20 21.32
CA THR G 173 -25.72 23.82 21.53
C THR G 173 -26.66 23.40 20.40
N ALA G 174 -26.99 22.10 20.35
CA ALA G 174 -27.88 21.63 19.30
C ALA G 174 -29.25 22.29 19.41
N GLN G 175 -29.82 22.35 20.62
CA GLN G 175 -31.09 23.05 20.80
C GLN G 175 -30.99 24.50 20.36
N GLU G 176 -29.93 25.20 20.75
CA GLU G 176 -29.78 26.59 20.34
C GLU G 176 -29.61 26.73 18.83
N ALA G 177 -28.97 25.75 18.18
CA ALA G 177 -28.79 25.84 16.73
C ALA G 177 -30.11 25.65 16.00
N LEU G 178 -30.95 24.75 16.51
CA LEU G 178 -32.30 24.63 15.97
C LEU G 178 -33.08 25.93 16.11
N GLU G 179 -32.99 26.55 17.28
CA GLU G 179 -33.70 27.79 17.54
C GLU G 179 -33.24 28.91 16.60
N TYR G 180 -31.91 29.02 16.38
CA TYR G 180 -31.36 30.05 15.52
C TYR G 180 -31.67 29.82 14.05
N GLY G 181 -31.82 28.57 13.64
CA GLY G 181 -32.23 28.28 12.27
C GLY G 181 -31.28 27.45 11.42
N PHE G 182 -30.19 26.95 12.02
CA PHE G 182 -29.21 26.15 11.25
C PHE G 182 -29.79 24.80 10.85
N VAL G 183 -30.61 24.18 11.69
CA VAL G 183 -31.18 22.87 11.40
C VAL G 183 -32.68 22.93 11.63
N ASP G 184 -33.37 21.91 11.13
CA ASP G 184 -34.82 21.82 11.25
C ASP G 184 -35.26 20.93 12.40
N HIS G 185 -34.43 19.99 12.84
CA HIS G 185 -34.87 19.02 13.82
C HIS G 185 -33.66 18.54 14.61
N ILE G 186 -33.89 18.16 15.86
CA ILE G 186 -32.90 17.41 16.62
C ILE G 186 -33.28 15.94 16.53
N ILE G 187 -32.31 15.10 16.19
CA ILE G 187 -32.54 13.68 16.05
C ILE G 187 -31.87 13.01 17.25
N THR G 188 -32.65 12.26 18.03
CA THR G 188 -32.09 11.52 19.15
C THR G 188 -31.75 10.09 18.72
N SER G 189 -32.76 9.34 18.29
CA SER G 189 -32.59 7.98 17.79
C SER G 189 -33.22 7.87 16.41
N ALA G 190 -32.55 7.17 15.51
CA ALA G 190 -33.08 7.03 14.17
C ALA G 190 -34.35 6.20 14.20
N SER G 191 -35.29 6.56 13.34
CA SER G 191 -36.55 5.86 13.23
C SER G 191 -36.45 4.81 12.12
N VAL G 192 -36.74 3.56 12.47
CA VAL G 192 -36.79 2.47 11.49
C VAL G 192 -38.21 2.11 11.10
N ASN G 193 -39.17 2.88 11.58
CA ASN G 193 -40.59 2.54 11.58
C ASN G 193 -41.41 3.44 10.66
N GLY G 194 -40.77 4.37 9.95
CA GLY G 194 -41.49 5.32 9.12
C GLY G 194 -41.96 6.55 9.87
N GLU G 195 -42.27 6.34 11.15
CA GLU G 195 -42.66 7.38 12.10
C GLU G 195 -41.45 8.25 12.47
N GLY G 196 -40.90 8.94 11.46
CA GLY G 196 -39.80 9.85 11.71
C GLY G 196 -38.58 9.66 10.82
N PRO G 197 -37.56 10.50 11.04
CA PRO G 197 -36.36 10.47 10.16
C PRO G 197 -35.54 9.21 10.36
N GLY G 198 -35.15 8.60 9.24
CA GLY G 198 -34.35 7.39 9.27
C GLY G 198 -32.86 7.62 9.32
N ALA G 199 -32.41 8.86 9.08
CA ALA G 199 -31.01 9.25 9.14
C ALA G 199 -30.15 8.45 8.16
N GLY G 200 -30.77 7.92 7.10
CA GLY G 200 -30.09 7.09 6.14
C GLY G 200 -29.86 5.67 6.57
N LEU G 201 -30.42 5.28 7.72
CA LEU G 201 -30.17 3.97 8.32
C LEU G 201 -31.29 2.98 8.09
N ASP G 202 -32.36 3.39 7.41
CA ASP G 202 -33.53 2.54 7.21
C ASP G 202 -33.62 1.94 5.81
N LYS G 203 -32.62 2.16 4.95
CA LYS G 203 -32.69 1.61 3.60
C LYS G 203 -32.16 0.18 3.58
#